data_7YF1
# 
_entry.id   7YF1 
# 
_audit_conform.dict_name       mmcif_pdbx.dic 
_audit_conform.dict_version    5.380 
_audit_conform.dict_location   http://mmcif.pdb.org/dictionaries/ascii/mmcif_pdbx.dic 
# 
loop_
_database_2.database_id 
_database_2.database_code 
_database_2.pdbx_database_accession 
_database_2.pdbx_DOI 
PDB   7YF1         pdb_00007yf1 10.2210/pdb7yf1/pdb 
WWPDB D_1300030576 ?            ?                   
# 
_pdbx_database_status.status_code                     REL 
_pdbx_database_status.status_code_sf                  REL 
_pdbx_database_status.status_code_mr                  ? 
_pdbx_database_status.entry_id                        7YF1 
_pdbx_database_status.recvd_initial_deposition_date   2022-07-07 
_pdbx_database_status.SG_entry                        N 
_pdbx_database_status.deposit_site                    PDBJ 
_pdbx_database_status.process_site                    PDBJ 
_pdbx_database_status.status_code_cs                  ? 
_pdbx_database_status.status_code_nmr_data            ? 
_pdbx_database_status.methods_development_category    ? 
_pdbx_database_status.pdb_format_compatible           Y 
# 
loop_
_audit_author.name 
_audit_author.pdbx_ordinal 
_audit_author.identifier_ORCID 
'Liu, Y.h.'  1 0000-0002-5983-0151 
'Wang, L.l.' 2 0000-0002-9320-375X 
# 
_citation.abstract                  ? 
_citation.abstract_id_CAS           ? 
_citation.book_id_ISBN              ? 
_citation.book_publisher            ? 
_citation.book_publisher_city       ? 
_citation.book_title                ? 
_citation.coordinate_linkage        ? 
_citation.country                   CH 
_citation.database_id_Medline       ? 
_citation.details                   ? 
_citation.id                        primary 
_citation.journal_abbrev            Life 
_citation.journal_id_ASTM           ? 
_citation.journal_id_CSD            ? 
_citation.journal_id_ISSN           2075-1729 
_citation.journal_full              ? 
_citation.journal_issue             ? 
_citation.journal_volume            12 
_citation.language                  ? 
_citation.page_first                ? 
_citation.page_last                 ? 
_citation.title                     'Structural Insights into Mouse H-FABP.' 
_citation.year                      2022 
_citation.database_id_CSD           ? 
_citation.pdbx_database_id_DOI      10.3390/life12091445 
_citation.pdbx_database_id_PubMed   36143481 
_citation.pdbx_database_id_patent   ? 
_citation.unpublished_flag          ? 
# 
loop_
_citation_author.citation_id 
_citation_author.name 
_citation_author.ordinal 
_citation_author.identifier_ORCID 
primary 'Wang, L.'  1 ?                   
primary 'Zhang, H.' 2 0000-0002-4104-7062 
primary 'Lv, P.'    3 0000-0003-3478-0263 
primary 'Li, Y.'    4 0000-0003-1963-839X 
primary 'Teng, M.'  5 ?                   
primary 'Liu, Y.'   6 ?                   
primary 'Wu, D.'    7 ?                   
# 
_cell.angle_alpha                  90.000 
_cell.angle_alpha_esd              ? 
_cell.angle_beta                   90.000 
_cell.angle_beta_esd               ? 
_cell.angle_gamma                  90.000 
_cell.angle_gamma_esd              ? 
_cell.entry_id                     7YF1 
_cell.details                      ? 
_cell.formula_units_Z              ? 
_cell.length_a                     37.305 
_cell.length_a_esd                 ? 
_cell.length_b                     54.419 
_cell.length_b_esd                 ? 
_cell.length_c                     65.387 
_cell.length_c_esd                 ? 
_cell.volume                       132742.201 
_cell.volume_esd                   ? 
_cell.Z_PDB                        4 
_cell.reciprocal_angle_alpha       ? 
_cell.reciprocal_angle_beta        ? 
_cell.reciprocal_angle_gamma       ? 
_cell.reciprocal_angle_alpha_esd   ? 
_cell.reciprocal_angle_beta_esd    ? 
_cell.reciprocal_angle_gamma_esd   ? 
_cell.reciprocal_length_a          ? 
_cell.reciprocal_length_b          ? 
_cell.reciprocal_length_c          ? 
_cell.reciprocal_length_a_esd      ? 
_cell.reciprocal_length_b_esd      ? 
_cell.reciprocal_length_c_esd      ? 
_cell.pdbx_unique_axis             ? 
_cell.pdbx_esd_method              ? 
# 
_symmetry.entry_id                         7YF1 
_symmetry.cell_setting                     ? 
_symmetry.Int_Tables_number                19 
_symmetry.space_group_name_Hall            'P 2ac 2ab' 
_symmetry.space_group_name_H-M             'P 21 21 21' 
_symmetry.pdbx_full_space_group_name_H-M   ? 
# 
loop_
_entity.id 
_entity.type 
_entity.src_method 
_entity.pdbx_description 
_entity.formula_weight 
_entity.pdbx_number_of_molecules 
_entity.pdbx_ec 
_entity.pdbx_mutation 
_entity.pdbx_fragment 
_entity.details 
1 polymer     man 'Fatty acid-binding protein, heart' 15810.835 1   ? ? ? ? 
2 non-polymer syn 'PALMITIC ACID'                     256.424   1   ? ? ? ? 
3 water       nat water                               18.015    212 ? ? ? ? 
# 
_entity_name_com.entity_id   1 
_entity_name_com.name        
'Fatty acid-binding protein 3,Heart-type fatty acid-binding protein,H-FABP,Mammary-derived growth inhibitor,MDGI' 
# 
_entity_poly.entity_id                      1 
_entity_poly.type                           'polypeptide(L)' 
_entity_poly.nstd_linkage                   no 
_entity_poly.nstd_monomer                   no 
_entity_poly.pdbx_seq_one_letter_code       
;HHHHHHGSMADAFVGTWKLVDSKNFDDYMKSLGVGFATRQVASMTKPTTIIEKNGDTITIKTQSTFKNTEINFQLGIEFD
EVTADDRKVKSLVTLDGGKLIHVQKWNGQETTLTRELVDGKLILTLTHGSVVSTRTYEKEA
;
_entity_poly.pdbx_seq_one_letter_code_can   
;HHHHHHGSMADAFVGTWKLVDSKNFDDYMKSLGVGFATRQVASMTKPTTIIEKNGDTITIKTQSTFKNTEINFQLGIEFD
EVTADDRKVKSLVTLDGGKLIHVQKWNGQETTLTRELVDGKLILTLTHGSVVSTRTYEKEA
;
_entity_poly.pdbx_strand_id                 A 
_entity_poly.pdbx_target_identifier         ? 
# 
loop_
_entity_poly_seq.entity_id 
_entity_poly_seq.num 
_entity_poly_seq.mon_id 
_entity_poly_seq.hetero 
1 1   HIS n 
1 2   HIS n 
1 3   HIS n 
1 4   HIS n 
1 5   HIS n 
1 6   HIS n 
1 7   GLY n 
1 8   SER n 
1 9   MET n 
1 10  ALA n 
1 11  ASP n 
1 12  ALA n 
1 13  PHE n 
1 14  VAL n 
1 15  GLY n 
1 16  THR n 
1 17  TRP n 
1 18  LYS n 
1 19  LEU n 
1 20  VAL n 
1 21  ASP n 
1 22  SER n 
1 23  LYS n 
1 24  ASN n 
1 25  PHE n 
1 26  ASP n 
1 27  ASP n 
1 28  TYR n 
1 29  MET n 
1 30  LYS n 
1 31  SER n 
1 32  LEU n 
1 33  GLY n 
1 34  VAL n 
1 35  GLY n 
1 36  PHE n 
1 37  ALA n 
1 38  THR n 
1 39  ARG n 
1 40  GLN n 
1 41  VAL n 
1 42  ALA n 
1 43  SER n 
1 44  MET n 
1 45  THR n 
1 46  LYS n 
1 47  PRO n 
1 48  THR n 
1 49  THR n 
1 50  ILE n 
1 51  ILE n 
1 52  GLU n 
1 53  LYS n 
1 54  ASN n 
1 55  GLY n 
1 56  ASP n 
1 57  THR n 
1 58  ILE n 
1 59  THR n 
1 60  ILE n 
1 61  LYS n 
1 62  THR n 
1 63  GLN n 
1 64  SER n 
1 65  THR n 
1 66  PHE n 
1 67  LYS n 
1 68  ASN n 
1 69  THR n 
1 70  GLU n 
1 71  ILE n 
1 72  ASN n 
1 73  PHE n 
1 74  GLN n 
1 75  LEU n 
1 76  GLY n 
1 77  ILE n 
1 78  GLU n 
1 79  PHE n 
1 80  ASP n 
1 81  GLU n 
1 82  VAL n 
1 83  THR n 
1 84  ALA n 
1 85  ASP n 
1 86  ASP n 
1 87  ARG n 
1 88  LYS n 
1 89  VAL n 
1 90  LYS n 
1 91  SER n 
1 92  LEU n 
1 93  VAL n 
1 94  THR n 
1 95  LEU n 
1 96  ASP n 
1 97  GLY n 
1 98  GLY n 
1 99  LYS n 
1 100 LEU n 
1 101 ILE n 
1 102 HIS n 
1 103 VAL n 
1 104 GLN n 
1 105 LYS n 
1 106 TRP n 
1 107 ASN n 
1 108 GLY n 
1 109 GLN n 
1 110 GLU n 
1 111 THR n 
1 112 THR n 
1 113 LEU n 
1 114 THR n 
1 115 ARG n 
1 116 GLU n 
1 117 LEU n 
1 118 VAL n 
1 119 ASP n 
1 120 GLY n 
1 121 LYS n 
1 122 LEU n 
1 123 ILE n 
1 124 LEU n 
1 125 THR n 
1 126 LEU n 
1 127 THR n 
1 128 HIS n 
1 129 GLY n 
1 130 SER n 
1 131 VAL n 
1 132 VAL n 
1 133 SER n 
1 134 THR n 
1 135 ARG n 
1 136 THR n 
1 137 TYR n 
1 138 GLU n 
1 139 LYS n 
1 140 GLU n 
1 141 ALA n 
# 
_entity_src_gen.entity_id                          1 
_entity_src_gen.pdbx_src_id                        1 
_entity_src_gen.pdbx_alt_source_flag               sample 
_entity_src_gen.pdbx_seq_type                      'Biological sequence' 
_entity_src_gen.pdbx_beg_seq_num                   1 
_entity_src_gen.pdbx_end_seq_num                   141 
_entity_src_gen.gene_src_common_name               'house mouse' 
_entity_src_gen.gene_src_genus                     ? 
_entity_src_gen.pdbx_gene_src_gene                 'Fabp3, Fabph1' 
_entity_src_gen.gene_src_species                   ? 
_entity_src_gen.gene_src_strain                    ? 
_entity_src_gen.gene_src_tissue                    ? 
_entity_src_gen.gene_src_tissue_fraction           ? 
_entity_src_gen.gene_src_details                   ? 
_entity_src_gen.pdbx_gene_src_fragment             ? 
_entity_src_gen.pdbx_gene_src_scientific_name      'Mus musculus' 
_entity_src_gen.pdbx_gene_src_ncbi_taxonomy_id     10090 
_entity_src_gen.pdbx_gene_src_variant              ? 
_entity_src_gen.pdbx_gene_src_cell_line            ? 
_entity_src_gen.pdbx_gene_src_atcc                 ? 
_entity_src_gen.pdbx_gene_src_organ                ? 
_entity_src_gen.pdbx_gene_src_organelle            ? 
_entity_src_gen.pdbx_gene_src_cell                 ? 
_entity_src_gen.pdbx_gene_src_cellular_location    ? 
_entity_src_gen.host_org_common_name               ? 
_entity_src_gen.pdbx_host_org_scientific_name      'Escherichia coli-Pichia pastoris shuttle vector pPpARG4' 
_entity_src_gen.pdbx_host_org_ncbi_taxonomy_id     1182032 
_entity_src_gen.host_org_genus                     ? 
_entity_src_gen.pdbx_host_org_gene                 ? 
_entity_src_gen.pdbx_host_org_organ                ? 
_entity_src_gen.host_org_species                   ? 
_entity_src_gen.pdbx_host_org_tissue               ? 
_entity_src_gen.pdbx_host_org_tissue_fraction      ? 
_entity_src_gen.pdbx_host_org_strain               ? 
_entity_src_gen.pdbx_host_org_variant              ? 
_entity_src_gen.pdbx_host_org_cell_line            ? 
_entity_src_gen.pdbx_host_org_atcc                 ? 
_entity_src_gen.pdbx_host_org_culture_collection   ? 
_entity_src_gen.pdbx_host_org_cell                 ? 
_entity_src_gen.pdbx_host_org_organelle            ? 
_entity_src_gen.pdbx_host_org_cellular_location    ? 
_entity_src_gen.pdbx_host_org_vector_type          ? 
_entity_src_gen.pdbx_host_org_vector               ? 
_entity_src_gen.host_org_details                   ? 
_entity_src_gen.expression_system_id               ? 
_entity_src_gen.plasmid_name                       ? 
_entity_src_gen.plasmid_details                    ? 
_entity_src_gen.pdbx_description                   ? 
# 
_struct_ref.id                         1 
_struct_ref.db_name                    UNP 
_struct_ref.db_code                    FABPH_MOUSE 
_struct_ref.pdbx_db_accession          P11404 
_struct_ref.pdbx_db_isoform            ? 
_struct_ref.entity_id                  1 
_struct_ref.pdbx_seq_one_letter_code   
;MADAFVGTWKLVDSKNFDDYMKSLGVGFATRQVASMTKPTTIIEKNGDTITIKTQSTFKNTEINFQLGIEFDEVTADDRK
VKSLVTLDGGKLIHVQKWNGQETTLTRELVDGKLILTLTHGSVVSTRTYEKEA
;
_struct_ref.pdbx_align_begin           1 
# 
_struct_ref_seq.align_id                      1 
_struct_ref_seq.ref_id                        1 
_struct_ref_seq.pdbx_PDB_id_code              7YF1 
_struct_ref_seq.pdbx_strand_id                A 
_struct_ref_seq.seq_align_beg                 9 
_struct_ref_seq.pdbx_seq_align_beg_ins_code   ? 
_struct_ref_seq.seq_align_end                 141 
_struct_ref_seq.pdbx_seq_align_end_ins_code   ? 
_struct_ref_seq.pdbx_db_accession             P11404 
_struct_ref_seq.db_align_beg                  1 
_struct_ref_seq.pdbx_db_align_beg_ins_code    ? 
_struct_ref_seq.db_align_end                  133 
_struct_ref_seq.pdbx_db_align_end_ins_code    ? 
_struct_ref_seq.pdbx_auth_seq_align_beg       1 
_struct_ref_seq.pdbx_auth_seq_align_end       133 
# 
loop_
_struct_ref_seq_dif.align_id 
_struct_ref_seq_dif.pdbx_pdb_id_code 
_struct_ref_seq_dif.mon_id 
_struct_ref_seq_dif.pdbx_pdb_strand_id 
_struct_ref_seq_dif.seq_num 
_struct_ref_seq_dif.pdbx_pdb_ins_code 
_struct_ref_seq_dif.pdbx_seq_db_name 
_struct_ref_seq_dif.pdbx_seq_db_accession_code 
_struct_ref_seq_dif.db_mon_id 
_struct_ref_seq_dif.pdbx_seq_db_seq_num 
_struct_ref_seq_dif.details 
_struct_ref_seq_dif.pdbx_auth_seq_num 
_struct_ref_seq_dif.pdbx_ordinal 
1 7YF1 HIS A 1 ? UNP P11404 ? ? 'expression tag' -7 1 
1 7YF1 HIS A 2 ? UNP P11404 ? ? 'expression tag' -6 2 
1 7YF1 HIS A 3 ? UNP P11404 ? ? 'expression tag' -5 3 
1 7YF1 HIS A 4 ? UNP P11404 ? ? 'expression tag' -4 4 
1 7YF1 HIS A 5 ? UNP P11404 ? ? 'expression tag' -3 5 
1 7YF1 HIS A 6 ? UNP P11404 ? ? 'expression tag' -2 6 
1 7YF1 GLY A 7 ? UNP P11404 ? ? 'expression tag' -1 7 
1 7YF1 SER A 8 ? UNP P11404 ? ? 'expression tag' 0  8 
# 
loop_
_chem_comp.id 
_chem_comp.type 
_chem_comp.mon_nstd_flag 
_chem_comp.name 
_chem_comp.pdbx_synonyms 
_chem_comp.formula 
_chem_comp.formula_weight 
ALA 'L-peptide linking' y ALANINE         ? 'C3 H7 N O2'     89.093  
ARG 'L-peptide linking' y ARGININE        ? 'C6 H15 N4 O2 1' 175.209 
ASN 'L-peptide linking' y ASPARAGINE      ? 'C4 H8 N2 O3'    132.118 
ASP 'L-peptide linking' y 'ASPARTIC ACID' ? 'C4 H7 N O4'     133.103 
GLN 'L-peptide linking' y GLUTAMINE       ? 'C5 H10 N2 O3'   146.144 
GLU 'L-peptide linking' y 'GLUTAMIC ACID' ? 'C5 H9 N O4'     147.129 
GLY 'peptide linking'   y GLYCINE         ? 'C2 H5 N O2'     75.067  
HIS 'L-peptide linking' y HISTIDINE       ? 'C6 H10 N3 O2 1' 156.162 
HOH non-polymer         . WATER           ? 'H2 O'           18.015  
ILE 'L-peptide linking' y ISOLEUCINE      ? 'C6 H13 N O2'    131.173 
LEU 'L-peptide linking' y LEUCINE         ? 'C6 H13 N O2'    131.173 
LYS 'L-peptide linking' y LYSINE          ? 'C6 H15 N2 O2 1' 147.195 
MET 'L-peptide linking' y METHIONINE      ? 'C5 H11 N O2 S'  149.211 
PHE 'L-peptide linking' y PHENYLALANINE   ? 'C9 H11 N O2'    165.189 
PLM non-polymer         . 'PALMITIC ACID' ? 'C16 H32 O2'     256.424 
PRO 'L-peptide linking' y PROLINE         ? 'C5 H9 N O2'     115.130 
SER 'L-peptide linking' y SERINE          ? 'C3 H7 N O3'     105.093 
THR 'L-peptide linking' y THREONINE       ? 'C4 H9 N O3'     119.119 
TRP 'L-peptide linking' y TRYPTOPHAN      ? 'C11 H12 N2 O2'  204.225 
TYR 'L-peptide linking' y TYROSINE        ? 'C9 H11 N O3'    181.189 
VAL 'L-peptide linking' y VALINE          ? 'C5 H11 N O2'    117.146 
# 
_exptl.absorpt_coefficient_mu     ? 
_exptl.absorpt_correction_T_max   ? 
_exptl.absorpt_correction_T_min   ? 
_exptl.absorpt_correction_type    ? 
_exptl.absorpt_process_details    ? 
_exptl.entry_id                   7YF1 
_exptl.crystals_number            1 
_exptl.details                    ? 
_exptl.method                     'X-RAY DIFFRACTION' 
_exptl.method_details             ? 
# 
_exptl_crystal.colour                       ? 
_exptl_crystal.density_diffrn               ? 
_exptl_crystal.density_Matthews             2.10 
_exptl_crystal.density_method               ? 
_exptl_crystal.density_percent_sol          41.40 
_exptl_crystal.description                  ? 
_exptl_crystal.F_000                        ? 
_exptl_crystal.id                           1 
_exptl_crystal.preparation                  ? 
_exptl_crystal.size_max                     ? 
_exptl_crystal.size_mid                     ? 
_exptl_crystal.size_min                     ? 
_exptl_crystal.size_rad                     ? 
_exptl_crystal.colour_lustre                ? 
_exptl_crystal.colour_modifier              ? 
_exptl_crystal.colour_primary               ? 
_exptl_crystal.density_meas                 ? 
_exptl_crystal.density_meas_esd             ? 
_exptl_crystal.density_meas_gt              ? 
_exptl_crystal.density_meas_lt              ? 
_exptl_crystal.density_meas_temp            ? 
_exptl_crystal.density_meas_temp_esd        ? 
_exptl_crystal.density_meas_temp_gt         ? 
_exptl_crystal.density_meas_temp_lt         ? 
_exptl_crystal.pdbx_crystal_image_url       ? 
_exptl_crystal.pdbx_crystal_image_format    ? 
_exptl_crystal.pdbx_mosaicity               ? 
_exptl_crystal.pdbx_mosaicity_esd           ? 
_exptl_crystal.pdbx_mosaic_method           ? 
_exptl_crystal.pdbx_mosaic_block_size       ? 
_exptl_crystal.pdbx_mosaic_block_size_esd   ? 
# 
_exptl_crystal_grow.apparatus       ? 
_exptl_crystal_grow.atmosphere      ? 
_exptl_crystal_grow.crystal_id      1 
_exptl_crystal_grow.details         ? 
_exptl_crystal_grow.method          EVAPORATION 
_exptl_crystal_grow.method_ref      ? 
_exptl_crystal_grow.pH              ? 
_exptl_crystal_grow.pressure        ? 
_exptl_crystal_grow.pressure_esd    ? 
_exptl_crystal_grow.seeding         ? 
_exptl_crystal_grow.seeding_ref     ? 
_exptl_crystal_grow.temp            298 
_exptl_crystal_grow.temp_details    ? 
_exptl_crystal_grow.temp_esd        ? 
_exptl_crystal_grow.time            ? 
_exptl_crystal_grow.pdbx_details    '25% PEG 2000 MME, 0.1 M HEPES pH7.5' 
_exptl_crystal_grow.pdbx_pH_range   ? 
# 
_diffrn.ambient_environment              ? 
_diffrn.ambient_temp                     298 
_diffrn.ambient_temp_details             ? 
_diffrn.ambient_temp_esd                 ? 
_diffrn.crystal_id                       1 
_diffrn.crystal_support                  ? 
_diffrn.crystal_treatment                ? 
_diffrn.details                          ? 
_diffrn.id                               1 
_diffrn.ambient_pressure                 ? 
_diffrn.ambient_pressure_esd             ? 
_diffrn.ambient_pressure_gt              ? 
_diffrn.ambient_pressure_lt              ? 
_diffrn.ambient_temp_gt                  ? 
_diffrn.ambient_temp_lt                  ? 
_diffrn.pdbx_serial_crystal_experiment   N 
# 
_diffrn_detector.details                      ? 
_diffrn_detector.detector                     CCD 
_diffrn_detector.diffrn_id                    1 
_diffrn_detector.type                         'MAR CCD 165 mm' 
_diffrn_detector.area_resol_mean              ? 
_diffrn_detector.dtime                        ? 
_diffrn_detector.pdbx_frames_total            ? 
_diffrn_detector.pdbx_collection_time_total   ? 
_diffrn_detector.pdbx_collection_date         2009-08-31 
_diffrn_detector.pdbx_frequency               ? 
# 
_diffrn_radiation.collimation                      ? 
_diffrn_radiation.diffrn_id                        1 
_diffrn_radiation.filter_edge                      ? 
_diffrn_radiation.inhomogeneity                    ? 
_diffrn_radiation.monochromator                    ? 
_diffrn_radiation.polarisn_norm                    ? 
_diffrn_radiation.polarisn_ratio                   ? 
_diffrn_radiation.probe                            ? 
_diffrn_radiation.type                             ? 
_diffrn_radiation.xray_symbol                      ? 
_diffrn_radiation.wavelength_id                    1 
_diffrn_radiation.pdbx_monochromatic_or_laue_m_l   M 
_diffrn_radiation.pdbx_wavelength_list             ? 
_diffrn_radiation.pdbx_wavelength                  ? 
_diffrn_radiation.pdbx_diffrn_protocol             'SINGLE WAVELENGTH' 
_diffrn_radiation.pdbx_analyzer                    ? 
_diffrn_radiation.pdbx_scattering_type             x-ray 
# 
_diffrn_radiation_wavelength.id           1 
_diffrn_radiation_wavelength.wavelength   1.5 
_diffrn_radiation_wavelength.wt           1.0 
# 
_diffrn_source.current                     ? 
_diffrn_source.details                     ? 
_diffrn_source.diffrn_id                   1 
_diffrn_source.power                       ? 
_diffrn_source.size                        ? 
_diffrn_source.source                      'ROTATING ANODE' 
_diffrn_source.target                      ? 
_diffrn_source.type                        RIGAKU 
_diffrn_source.voltage                     ? 
_diffrn_source.take-off_angle              ? 
_diffrn_source.pdbx_wavelength_list        1.5 
_diffrn_source.pdbx_wavelength             ? 
_diffrn_source.pdbx_synchrotron_beamline   ? 
_diffrn_source.pdbx_synchrotron_site       ? 
# 
_reflns.B_iso_Wilson_estimate                          16.59 
_reflns.entry_id                                       7YF1 
_reflns.data_reduction_details                         ? 
_reflns.data_reduction_method                          ? 
_reflns.d_resolution_high                              1.7 
_reflns.d_resolution_low                               41.83 
_reflns.details                                        ? 
_reflns.limit_h_max                                    ? 
_reflns.limit_h_min                                    ? 
_reflns.limit_k_max                                    ? 
_reflns.limit_k_min                                    ? 
_reflns.limit_l_max                                    ? 
_reflns.limit_l_min                                    ? 
_reflns.number_all                                     ? 
_reflns.number_obs                                     15182 
_reflns.observed_criterion                             ? 
_reflns.observed_criterion_F_max                       ? 
_reflns.observed_criterion_F_min                       ? 
_reflns.observed_criterion_I_max                       ? 
_reflns.observed_criterion_I_min                       ? 
_reflns.observed_criterion_sigma_F                     ? 
_reflns.observed_criterion_sigma_I                     ? 
_reflns.percent_possible_obs                           99.82 
_reflns.R_free_details                                 ? 
_reflns.Rmerge_F_all                                   ? 
_reflns.Rmerge_F_obs                                   ? 
_reflns.Friedel_coverage                               ? 
_reflns.number_gt                                      ? 
_reflns.threshold_expression                           ? 
_reflns.pdbx_redundancy                                1.1 
_reflns.pdbx_Rmerge_I_obs                              ? 
_reflns.pdbx_Rmerge_I_all                              ? 
_reflns.pdbx_Rsym_value                                ? 
_reflns.pdbx_netI_over_av_sigmaI                       ? 
_reflns.pdbx_netI_over_sigmaI                          27.20 
_reflns.pdbx_res_netI_over_av_sigmaI_2                 ? 
_reflns.pdbx_res_netI_over_sigmaI_2                    ? 
_reflns.pdbx_chi_squared                               ? 
_reflns.pdbx_scaling_rejects                           ? 
_reflns.pdbx_d_res_high_opt                            ? 
_reflns.pdbx_d_res_low_opt                             ? 
_reflns.pdbx_d_res_opt_method                          ? 
_reflns.phase_calculation_details                      ? 
_reflns.pdbx_Rrim_I_all                                ? 
_reflns.pdbx_Rpim_I_all                                ? 
_reflns.pdbx_d_opt                                     ? 
_reflns.pdbx_number_measured_all                       ? 
_reflns.pdbx_diffrn_id                                 1 
_reflns.pdbx_ordinal                                   1 
_reflns.pdbx_CC_half                                   1 
_reflns.pdbx_CC_star                                   ? 
_reflns.pdbx_R_split                                   ? 
_reflns.pdbx_aniso_diffraction_limit_axis_1_ortho[1]   ? 
_reflns.pdbx_aniso_diffraction_limit_axis_1_ortho[2]   ? 
_reflns.pdbx_aniso_diffraction_limit_axis_1_ortho[3]   ? 
_reflns.pdbx_aniso_diffraction_limit_axis_2_ortho[1]   ? 
_reflns.pdbx_aniso_diffraction_limit_axis_2_ortho[2]   ? 
_reflns.pdbx_aniso_diffraction_limit_axis_2_ortho[3]   ? 
_reflns.pdbx_aniso_diffraction_limit_axis_3_ortho[1]   ? 
_reflns.pdbx_aniso_diffraction_limit_axis_3_ortho[2]   ? 
_reflns.pdbx_aniso_diffraction_limit_axis_3_ortho[3]   ? 
_reflns.pdbx_aniso_diffraction_limit_1                 ? 
_reflns.pdbx_aniso_diffraction_limit_2                 ? 
_reflns.pdbx_aniso_diffraction_limit_3                 ? 
_reflns.pdbx_aniso_B_tensor_eigenvector_1_ortho[1]     ? 
_reflns.pdbx_aniso_B_tensor_eigenvector_1_ortho[2]     ? 
_reflns.pdbx_aniso_B_tensor_eigenvector_1_ortho[3]     ? 
_reflns.pdbx_aniso_B_tensor_eigenvector_2_ortho[1]     ? 
_reflns.pdbx_aniso_B_tensor_eigenvector_2_ortho[2]     ? 
_reflns.pdbx_aniso_B_tensor_eigenvector_2_ortho[3]     ? 
_reflns.pdbx_aniso_B_tensor_eigenvector_3_ortho[1]     ? 
_reflns.pdbx_aniso_B_tensor_eigenvector_3_ortho[2]     ? 
_reflns.pdbx_aniso_B_tensor_eigenvector_3_ortho[3]     ? 
_reflns.pdbx_aniso_B_tensor_eigenvalue_1               ? 
_reflns.pdbx_aniso_B_tensor_eigenvalue_2               ? 
_reflns.pdbx_aniso_B_tensor_eigenvalue_3               ? 
_reflns.pdbx_orthogonalization_convention              ? 
_reflns.pdbx_percent_possible_ellipsoidal              ? 
_reflns.pdbx_percent_possible_spherical                ? 
_reflns.pdbx_percent_possible_ellipsoidal_anomalous    ? 
_reflns.pdbx_percent_possible_spherical_anomalous      ? 
_reflns.pdbx_redundancy_anomalous                      ? 
_reflns.pdbx_CC_half_anomalous                         ? 
_reflns.pdbx_absDiff_over_sigma_anomalous              ? 
_reflns.pdbx_percent_possible_anomalous                ? 
_reflns.pdbx_observed_signal_threshold                 ? 
_reflns.pdbx_signal_type                               ? 
_reflns.pdbx_signal_details                            ? 
_reflns.pdbx_signal_software_id                        ? 
_reflns.pdbx_CC_split_method                           ? 
# 
_reflns_shell.d_res_high                                    1.7 
_reflns_shell.d_res_low                                     1.761 
_reflns_shell.meanI_over_sigI_all                           ? 
_reflns_shell.meanI_over_sigI_obs                           ? 
_reflns_shell.number_measured_all                           ? 
_reflns_shell.number_measured_obs                           ? 
_reflns_shell.number_possible                               ? 
_reflns_shell.number_unique_all                             ? 
_reflns_shell.number_unique_obs                             1456 
_reflns_shell.percent_possible_all                          ? 
_reflns_shell.percent_possible_obs                          ? 
_reflns_shell.Rmerge_F_all                                  ? 
_reflns_shell.Rmerge_F_obs                                  ? 
_reflns_shell.Rmerge_I_all                                  ? 
_reflns_shell.Rmerge_I_obs                                  ? 
_reflns_shell.meanI_over_sigI_gt                            ? 
_reflns_shell.meanI_over_uI_all                             ? 
_reflns_shell.meanI_over_uI_gt                              ? 
_reflns_shell.number_measured_gt                            ? 
_reflns_shell.number_unique_gt                              ? 
_reflns_shell.percent_possible_gt                           ? 
_reflns_shell.Rmerge_F_gt                                   ? 
_reflns_shell.Rmerge_I_gt                                   ? 
_reflns_shell.pdbx_redundancy                               ? 
_reflns_shell.pdbx_Rsym_value                               ? 
_reflns_shell.pdbx_chi_squared                              ? 
_reflns_shell.pdbx_netI_over_sigmaI_all                     ? 
_reflns_shell.pdbx_netI_over_sigmaI_obs                     ? 
_reflns_shell.pdbx_Rrim_I_all                               ? 
_reflns_shell.pdbx_Rpim_I_all                               ? 
_reflns_shell.pdbx_rejects                                  ? 
_reflns_shell.pdbx_ordinal                                  1 
_reflns_shell.pdbx_diffrn_id                                1 
_reflns_shell.pdbx_CC_half                                  1 
_reflns_shell.pdbx_CC_star                                  ? 
_reflns_shell.pdbx_R_split                                  ? 
_reflns_shell.pdbx_percent_possible_ellipsoidal             ? 
_reflns_shell.pdbx_percent_possible_spherical               ? 
_reflns_shell.pdbx_percent_possible_ellipsoidal_anomalous   ? 
_reflns_shell.pdbx_percent_possible_spherical_anomalous     ? 
_reflns_shell.pdbx_redundancy_anomalous                     ? 
_reflns_shell.pdbx_CC_half_anomalous                        ? 
_reflns_shell.pdbx_absDiff_over_sigma_anomalous             ? 
_reflns_shell.pdbx_percent_possible_anomalous               ? 
# 
_refine.aniso_B[1][1]                            ? 
_refine.aniso_B[1][2]                            ? 
_refine.aniso_B[1][3]                            ? 
_refine.aniso_B[2][2]                            ? 
_refine.aniso_B[2][3]                            ? 
_refine.aniso_B[3][3]                            ? 
_refine.B_iso_max                                ? 
_refine.B_iso_mean                               17.50 
_refine.B_iso_min                                ? 
_refine.correlation_coeff_Fo_to_Fc               ? 
_refine.correlation_coeff_Fo_to_Fc_free          ? 
_refine.details                                  ? 
_refine.diff_density_max                         ? 
_refine.diff_density_max_esd                     ? 
_refine.diff_density_min                         ? 
_refine.diff_density_min_esd                     ? 
_refine.diff_density_rms                         ? 
_refine.diff_density_rms_esd                     ? 
_refine.entry_id                                 7YF1 
_refine.pdbx_refine_id                           'X-RAY DIFFRACTION' 
_refine.ls_abs_structure_details                 ? 
_refine.ls_abs_structure_Flack                   ? 
_refine.ls_abs_structure_Flack_esd               ? 
_refine.ls_abs_structure_Rogers                  ? 
_refine.ls_abs_structure_Rogers_esd              ? 
_refine.ls_d_res_high                            1.70 
_refine.ls_d_res_low                             41.83 
_refine.ls_extinction_coef                       ? 
_refine.ls_extinction_coef_esd                   ? 
_refine.ls_extinction_expression                 ? 
_refine.ls_extinction_method                     ? 
_refine.ls_goodness_of_fit_all                   ? 
_refine.ls_goodness_of_fit_all_esd               ? 
_refine.ls_goodness_of_fit_obs                   ? 
_refine.ls_goodness_of_fit_obs_esd               ? 
_refine.ls_hydrogen_treatment                    ? 
_refine.ls_matrix_type                           ? 
_refine.ls_number_constraints                    ? 
_refine.ls_number_parameters                     ? 
_refine.ls_number_reflns_all                     ? 
_refine.ls_number_reflns_obs                     15182 
_refine.ls_number_reflns_R_free                  760 
_refine.ls_number_reflns_R_work                  14422 
_refine.ls_number_restraints                     ? 
_refine.ls_percent_reflns_obs                    99.82 
_refine.ls_percent_reflns_R_free                 5.01 
_refine.ls_R_factor_all                          ? 
_refine.ls_R_factor_obs                          0.1698 
_refine.ls_R_factor_R_free                       0.1967 
_refine.ls_R_factor_R_free_error                 ? 
_refine.ls_R_factor_R_free_error_details         ? 
_refine.ls_R_factor_R_work                       0.1685 
_refine.ls_R_Fsqd_factor_obs                     ? 
_refine.ls_R_I_factor_obs                        ? 
_refine.ls_redundancy_reflns_all                 ? 
_refine.ls_redundancy_reflns_obs                 ? 
_refine.ls_restrained_S_all                      ? 
_refine.ls_restrained_S_obs                      ? 
_refine.ls_shift_over_esd_max                    ? 
_refine.ls_shift_over_esd_mean                   ? 
_refine.ls_structure_factor_coef                 ? 
_refine.ls_weighting_details                     ? 
_refine.ls_weighting_scheme                      ? 
_refine.ls_wR_factor_all                         ? 
_refine.ls_wR_factor_obs                         ? 
_refine.ls_wR_factor_R_free                      ? 
_refine.ls_wR_factor_R_work                      ? 
_refine.occupancy_max                            ? 
_refine.occupancy_min                            ? 
_refine.solvent_model_details                    'FLAT BULK SOLVENT MODEL' 
_refine.solvent_model_param_bsol                 ? 
_refine.solvent_model_param_ksol                 ? 
_refine.pdbx_R_complete                          ? 
_refine.ls_R_factor_gt                           ? 
_refine.ls_goodness_of_fit_gt                    ? 
_refine.ls_goodness_of_fit_ref                   ? 
_refine.ls_shift_over_su_max                     ? 
_refine.ls_shift_over_su_max_lt                  ? 
_refine.ls_shift_over_su_mean                    ? 
_refine.ls_shift_over_su_mean_lt                 ? 
_refine.pdbx_ls_sigma_I                          ? 
_refine.pdbx_ls_sigma_F                          1.34 
_refine.pdbx_ls_sigma_Fsqd                       ? 
_refine.pdbx_data_cutoff_high_absF               ? 
_refine.pdbx_data_cutoff_high_rms_absF           ? 
_refine.pdbx_data_cutoff_low_absF                ? 
_refine.pdbx_isotropic_thermal_model             ? 
_refine.pdbx_ls_cross_valid_method               'FREE R-VALUE' 
_refine.pdbx_method_to_determine_struct          'MOLECULAR REPLACEMENT' 
_refine.pdbx_starting_model                      1G5W 
_refine.pdbx_stereochemistry_target_values       'GeoStd + Monomer Library + CDL v1.2' 
_refine.pdbx_R_Free_selection_details            ? 
_refine.pdbx_stereochem_target_val_spec_case     ? 
_refine.pdbx_overall_ESU_R                       ? 
_refine.pdbx_overall_ESU_R_Free                  ? 
_refine.pdbx_solvent_vdw_probe_radii             1.1000 
_refine.pdbx_solvent_ion_probe_radii             ? 
_refine.pdbx_solvent_shrinkage_radii             0.9000 
_refine.pdbx_real_space_R                        ? 
_refine.pdbx_density_correlation                 ? 
_refine.pdbx_pd_number_of_powder_patterns        ? 
_refine.pdbx_pd_number_of_points                 ? 
_refine.pdbx_pd_meas_number_of_points            ? 
_refine.pdbx_pd_proc_ls_prof_R_factor            ? 
_refine.pdbx_pd_proc_ls_prof_wR_factor           ? 
_refine.pdbx_pd_Marquardt_correlation_coeff      ? 
_refine.pdbx_pd_Fsqrd_R_factor                   ? 
_refine.pdbx_pd_ls_matrix_band_width             ? 
_refine.pdbx_overall_phase_error                 16.3159 
_refine.pdbx_overall_SU_R_free_Cruickshank_DPI   ? 
_refine.pdbx_overall_SU_R_free_Blow_DPI          ? 
_refine.pdbx_overall_SU_R_Blow_DPI               ? 
_refine.pdbx_TLS_residual_ADP_flag               ? 
_refine.pdbx_diffrn_id                           1 
_refine.overall_SU_B                             ? 
_refine.overall_SU_ML                            0.1930 
_refine.overall_SU_R_Cruickshank_DPI             ? 
_refine.overall_SU_R_free                        ? 
_refine.overall_FOM_free_R_set                   ? 
_refine.overall_FOM_work_R_set                   ? 
_refine.pdbx_average_fsc_overall                 ? 
_refine.pdbx_average_fsc_work                    ? 
_refine.pdbx_average_fsc_free                    ? 
# 
_refine_hist.pdbx_refine_id                   'X-RAY DIFFRACTION' 
_refine_hist.cycle_id                         LAST 
_refine_hist.details                          ? 
_refine_hist.d_res_high                       1.70 
_refine_hist.d_res_low                        41.83 
_refine_hist.number_atoms_solvent             212 
_refine_hist.number_atoms_total               1268 
_refine_hist.number_reflns_all                ? 
_refine_hist.number_reflns_obs                ? 
_refine_hist.number_reflns_R_free             ? 
_refine_hist.number_reflns_R_work             ? 
_refine_hist.R_factor_all                     ? 
_refine_hist.R_factor_obs                     ? 
_refine_hist.R_factor_R_free                  ? 
_refine_hist.R_factor_R_work                  ? 
_refine_hist.pdbx_number_residues_total       ? 
_refine_hist.pdbx_B_iso_mean_ligand           ? 
_refine_hist.pdbx_B_iso_mean_solvent          ? 
_refine_hist.pdbx_number_atoms_protein        1038 
_refine_hist.pdbx_number_atoms_nucleic_acid   0 
_refine_hist.pdbx_number_atoms_ligand         18 
_refine_hist.pdbx_number_atoms_lipid          ? 
_refine_hist.pdbx_number_atoms_carb           ? 
_refine_hist.pdbx_pseudo_atom_details         ? 
# 
loop_
_refine_ls_restr.pdbx_refine_id 
_refine_ls_restr.criterion 
_refine_ls_restr.dev_ideal 
_refine_ls_restr.dev_ideal_target 
_refine_ls_restr.number 
_refine_ls_restr.rejects 
_refine_ls_restr.type 
_refine_ls_restr.weight 
_refine_ls_restr.pdbx_restraint_function 
'X-RAY DIFFRACTION' ? 0.0056 ? 1076 ? f_bond_d           ? ? 
'X-RAY DIFFRACTION' ? 0.8551 ? 1449 ? f_angle_d          ? ? 
'X-RAY DIFFRACTION' ? 0.0587 ? 173  ? f_chiral_restr     ? ? 
'X-RAY DIFFRACTION' ? 0.0061 ? 180  ? f_plane_restr      ? ? 
'X-RAY DIFFRACTION' ? 9.3495 ? 154  ? f_dihedral_angle_d ? ? 
# 
loop_
_refine_ls_shell.pdbx_refine_id 
_refine_ls_shell.d_res_high 
_refine_ls_shell.d_res_low 
_refine_ls_shell.number_reflns_all 
_refine_ls_shell.number_reflns_obs 
_refine_ls_shell.number_reflns_R_free 
_refine_ls_shell.number_reflns_R_work 
_refine_ls_shell.percent_reflns_obs 
_refine_ls_shell.percent_reflns_R_free 
_refine_ls_shell.R_factor_all 
_refine_ls_shell.R_factor_obs 
_refine_ls_shell.R_factor_R_free 
_refine_ls_shell.R_factor_R_free_error 
_refine_ls_shell.R_factor_R_work 
_refine_ls_shell.redundancy_reflns_all 
_refine_ls_shell.redundancy_reflns_obs 
_refine_ls_shell.wR_factor_all 
_refine_ls_shell.wR_factor_obs 
_refine_ls_shell.wR_factor_R_free 
_refine_ls_shell.wR_factor_R_work 
_refine_ls_shell.pdbx_R_complete 
_refine_ls_shell.pdbx_total_number_of_bins_used 
_refine_ls_shell.pdbx_phase_error 
_refine_ls_shell.pdbx_fsc_work 
_refine_ls_shell.pdbx_fsc_free 
'X-RAY DIFFRACTION' 1.70 1.83  . . 167 2786 99.09  . . . 0.2258 . 0.2109 . . . . . . . . . . . 
'X-RAY DIFFRACTION' 1.83 2.02  . . 138 2847 100.00 . . . 0.1924 . 0.1640 . . . . . . . . . . . 
'X-RAY DIFFRACTION' 2.02 2.31  . . 138 2874 100.00 . . . 0.1987 . 0.1725 . . . . . . . . . . . 
'X-RAY DIFFRACTION' 2.31 2.91  . . 168 2874 100.00 . . . 0.1964 . 0.1810 . . . . . . . . . . . 
'X-RAY DIFFRACTION' 2.91 41.83 . . 149 3041 100.00 . . . 0.1905 . 0.1542 . . . . . . . . . . . 
# 
_struct.entry_id                     7YF1 
_struct.title                        'Structure of FABP at 1.7 Angstroms resolution.' 
_struct.pdbx_model_details           ? 
_struct.pdbx_formula_weight          ? 
_struct.pdbx_formula_weight_method   ? 
_struct.pdbx_model_type_details      ? 
_struct.pdbx_CASP_flag               N 
# 
_struct_keywords.entry_id        7YF1 
_struct_keywords.text            'FABP, lIPID binding Protein' 
_struct_keywords.pdbx_keywords   'LIPID BINDING PROTEIN' 
# 
loop_
_struct_asym.id 
_struct_asym.pdbx_blank_PDB_chainid_flag 
_struct_asym.pdbx_modified 
_struct_asym.entity_id 
_struct_asym.details 
A N N 1 ? 
B N N 2 ? 
C N N 3 ? 
# 
loop_
_struct_conf.conf_type_id 
_struct_conf.id 
_struct_conf.pdbx_PDB_helix_id 
_struct_conf.beg_label_comp_id 
_struct_conf.beg_label_asym_id 
_struct_conf.beg_label_seq_id 
_struct_conf.pdbx_beg_PDB_ins_code 
_struct_conf.end_label_comp_id 
_struct_conf.end_label_asym_id 
_struct_conf.end_label_seq_id 
_struct_conf.pdbx_end_PDB_ins_code 
_struct_conf.beg_auth_comp_id 
_struct_conf.beg_auth_asym_id 
_struct_conf.beg_auth_seq_id 
_struct_conf.end_auth_comp_id 
_struct_conf.end_auth_asym_id 
_struct_conf.end_auth_seq_id 
_struct_conf.pdbx_PDB_helix_class 
_struct_conf.details 
_struct_conf.pdbx_PDB_helix_length 
HELX_P HELX_P1 AA1 SER A 8  ? VAL A 14 ? SER A 0  VAL A 6  5 ? 7  
HELX_P HELX_P2 AA2 ASN A 24 ? GLY A 33 ? ASN A 16 GLY A 25 1 ? 10 
HELX_P HELX_P3 AA3 GLY A 35 ? SER A 43 ? GLY A 27 SER A 35 1 ? 9  
# 
_struct_conf_type.id          HELX_P 
_struct_conf_type.criteria    ? 
_struct_conf_type.reference   ? 
# 
_struct_sheet.id               AA1 
_struct_sheet.type             ? 
_struct_sheet.number_strands   10 
_struct_sheet.details          ? 
# 
loop_
_struct_sheet_order.sheet_id 
_struct_sheet_order.range_id_1 
_struct_sheet_order.range_id_2 
_struct_sheet_order.offset 
_struct_sheet_order.sense 
AA1 1 2  ? anti-parallel 
AA1 2 3  ? anti-parallel 
AA1 3 4  ? anti-parallel 
AA1 4 5  ? anti-parallel 
AA1 5 6  ? anti-parallel 
AA1 6 7  ? anti-parallel 
AA1 7 8  ? anti-parallel 
AA1 8 9  ? anti-parallel 
AA1 9 10 ? anti-parallel 
# 
loop_
_struct_sheet_range.sheet_id 
_struct_sheet_range.id 
_struct_sheet_range.beg_label_comp_id 
_struct_sheet_range.beg_label_asym_id 
_struct_sheet_range.beg_label_seq_id 
_struct_sheet_range.pdbx_beg_PDB_ins_code 
_struct_sheet_range.end_label_comp_id 
_struct_sheet_range.end_label_asym_id 
_struct_sheet_range.end_label_seq_id 
_struct_sheet_range.pdbx_end_PDB_ins_code 
_struct_sheet_range.beg_auth_comp_id 
_struct_sheet_range.beg_auth_asym_id 
_struct_sheet_range.beg_auth_seq_id 
_struct_sheet_range.end_auth_comp_id 
_struct_sheet_range.end_auth_asym_id 
_struct_sheet_range.end_auth_seq_id 
AA1 1  THR A 69  ? PHE A 73  ? THR A 61  PHE A 65  
AA1 2  THR A 57  ? GLN A 63  ? THR A 49  GLN A 55  
AA1 3  THR A 48  ? ASN A 54  ? THR A 40  ASN A 46  
AA1 4  GLY A 15  ? LYS A 23  ? GLY A 7   LYS A 15  
AA1 5  VAL A 131 ? LYS A 139 ? VAL A 123 LYS A 131 
AA1 6  LYS A 121 ? HIS A 128 ? LYS A 113 HIS A 120 
AA1 7  GLN A 109 ? VAL A 118 ? GLN A 101 VAL A 110 
AA1 8  LYS A 99  ? TRP A 106 ? LYS A 91  TRP A 98  
AA1 9  LYS A 88  ? ASP A 96  ? LYS A 80  ASP A 88  
AA1 10 PHE A 79  ? VAL A 82  ? PHE A 71  VAL A 74  
# 
loop_
_pdbx_struct_sheet_hbond.sheet_id 
_pdbx_struct_sheet_hbond.range_id_1 
_pdbx_struct_sheet_hbond.range_id_2 
_pdbx_struct_sheet_hbond.range_1_label_atom_id 
_pdbx_struct_sheet_hbond.range_1_label_comp_id 
_pdbx_struct_sheet_hbond.range_1_label_asym_id 
_pdbx_struct_sheet_hbond.range_1_label_seq_id 
_pdbx_struct_sheet_hbond.range_1_PDB_ins_code 
_pdbx_struct_sheet_hbond.range_1_auth_atom_id 
_pdbx_struct_sheet_hbond.range_1_auth_comp_id 
_pdbx_struct_sheet_hbond.range_1_auth_asym_id 
_pdbx_struct_sheet_hbond.range_1_auth_seq_id 
_pdbx_struct_sheet_hbond.range_2_label_atom_id 
_pdbx_struct_sheet_hbond.range_2_label_comp_id 
_pdbx_struct_sheet_hbond.range_2_label_asym_id 
_pdbx_struct_sheet_hbond.range_2_label_seq_id 
_pdbx_struct_sheet_hbond.range_2_PDB_ins_code 
_pdbx_struct_sheet_hbond.range_2_auth_atom_id 
_pdbx_struct_sheet_hbond.range_2_auth_comp_id 
_pdbx_struct_sheet_hbond.range_2_auth_asym_id 
_pdbx_struct_sheet_hbond.range_2_auth_seq_id 
AA1 1 2  O PHE A 73  ? O PHE A 65  N ILE A 58  ? N ILE A 50  
AA1 2 3  O GLN A 63  ? O GLN A 55  N THR A 48  ? N THR A 40  
AA1 3 4  O ILE A 51  ? O ILE A 43  N GLY A 15  ? N GLY A 7   
AA1 4 5  N VAL A 20  ? N VAL A 12  O THR A 136 ? O THR A 128 
AA1 5 6  O SER A 133 ? O SER A 125 N LEU A 126 ? N LEU A 118 
AA1 6 7  O ILE A 123 ? O ILE A 115 N GLU A 116 ? N GLU A 108 
AA1 7 8  O LEU A 113 ? O LEU A 105 N HIS A 102 ? N HIS A 94  
AA1 8 9  O ILE A 101 ? O ILE A 93  N THR A 94  ? N THR A 86  
AA1 9 10 O SER A 91  ? O SER A 83  N PHE A 79  ? N PHE A 71  
# 
_atom_sites.entry_id                    7YF1 
_atom_sites.Cartn_transf_matrix[1][1]   ? 
_atom_sites.Cartn_transf_matrix[1][2]   ? 
_atom_sites.Cartn_transf_matrix[1][3]   ? 
_atom_sites.Cartn_transf_matrix[2][1]   ? 
_atom_sites.Cartn_transf_matrix[2][2]   ? 
_atom_sites.Cartn_transf_matrix[2][3]   ? 
_atom_sites.Cartn_transf_matrix[3][1]   ? 
_atom_sites.Cartn_transf_matrix[3][2]   ? 
_atom_sites.Cartn_transf_matrix[3][3]   ? 
_atom_sites.Cartn_transf_vector[1]      ? 
_atom_sites.Cartn_transf_vector[2]      ? 
_atom_sites.Cartn_transf_vector[3]      ? 
_atom_sites.fract_transf_matrix[1][1]   -0.02118535 
_atom_sites.fract_transf_matrix[1][2]   -0.00012332 
_atom_sites.fract_transf_matrix[1][3]   -0.01642338 
_atom_sites.fract_transf_matrix[2][1]   0.00529539 
_atom_sites.fract_transf_matrix[2][2]   -0.01626746 
_atom_sites.fract_transf_matrix[2][3]   -0.00670864 
_atom_sites.fract_transf_matrix[3][1]   -0.00826939 
_atom_sites.fract_transf_matrix[3][2]   -0.00711295 
_atom_sites.fract_transf_matrix[3][3]   0.01072052 
_atom_sites.fract_transf_vector[1]      0.375285 
_atom_sites.fract_transf_vector[2]      0.191282 
_atom_sites.fract_transf_vector[3]      0.200612 
_atom_sites.solution_primary            ? 
_atom_sites.solution_secondary          ? 
_atom_sites.solution_hydrogens          ? 
_atom_sites.special_details             ? 
# 
loop_
_atom_type.symbol 
_atom_type.scat_dispersion_real 
_atom_type.scat_dispersion_imag 
_atom_type.scat_Cromer_Mann_a1 
_atom_type.scat_Cromer_Mann_a2 
_atom_type.scat_Cromer_Mann_a3 
_atom_type.scat_Cromer_Mann_a4 
_atom_type.scat_Cromer_Mann_b1 
_atom_type.scat_Cromer_Mann_b2 
_atom_type.scat_Cromer_Mann_b3 
_atom_type.scat_Cromer_Mann_b4 
_atom_type.scat_Cromer_Mann_c 
_atom_type.scat_source 
_atom_type.scat_dispersion_source 
C ? ? 3.54356 2.42580 ? ? 25.62398 1.50364  ? ? 0.0 
;2-Gaussian fit: Grosse-Kunstleve RW, Sauter NK, Adams PD: Newsletter of the IUCr Commission on Crystallographic Computing 2004, 3, 22-31.
;
? 
N ? ? 4.01032 2.96436 ? ? 19.97189 1.75589  ? ? 0.0 
;2-Gaussian fit: Grosse-Kunstleve RW, Sauter NK, Adams PD: Newsletter of the IUCr Commission on Crystallographic Computing 2004, 3, 22-31.
;
? 
O ? ? 4.49882 3.47563 ? ? 15.80542 1.70748  ? ? 0.0 
;2-Gaussian fit: Grosse-Kunstleve RW, Sauter NK, Adams PD: Newsletter of the IUCr Commission on Crystallographic Computing 2004, 3, 22-31.
;
? 
S ? ? 9.55732 6.39887 ? ? 1.23737  29.19336 ? ? 0.0 
;2-Gaussian fit: Grosse-Kunstleve RW, Sauter NK, Adams PD: Newsletter of the IUCr Commission on Crystallographic Computing 2004, 3, 22-31.
;
? 
# 
loop_
_atom_site.group_PDB 
_atom_site.id 
_atom_site.type_symbol 
_atom_site.label_atom_id 
_atom_site.label_alt_id 
_atom_site.label_comp_id 
_atom_site.label_asym_id 
_atom_site.label_entity_id 
_atom_site.label_seq_id 
_atom_site.pdbx_PDB_ins_code 
_atom_site.Cartn_x 
_atom_site.Cartn_y 
_atom_site.Cartn_z 
_atom_site.occupancy 
_atom_site.B_iso_or_equiv 
_atom_site.pdbx_formal_charge 
_atom_site.auth_seq_id 
_atom_site.auth_comp_id 
_atom_site.auth_asym_id 
_atom_site.auth_atom_id 
_atom_site.pdbx_PDB_model_num 
ATOM   1    N N   . SER A 1 8   ? 12.34011  -9.54817  13.35362  1.000 34.28276 ? 0   SER A N   1 
ATOM   2    C CA  . SER A 1 8   ? 12.73378  -8.26760  12.78228  1.000 24.81902 ? 0   SER A CA  1 
ATOM   3    C C   . SER A 1 8   ? 11.63595  -7.24038  12.97045  1.000 23.44130 ? 0   SER A C   1 
ATOM   4    O O   . SER A 1 8   ? 10.54480  -7.54328  13.46002  1.000 19.24648 ? 0   SER A O   1 
ATOM   5    C CB  . SER A 1 8   ? 13.03612  -8.38720  11.29152  1.000 29.06958 ? 0   SER A CB  1 
ATOM   6    O OG  . SER A 1 8   ? 11.84076  -8.59569  10.55696  1.000 27.04412 ? 0   SER A OG  1 
ATOM   7    N N   . MET A 1 9   ? 11.92398  -6.01355  12.54441  1.000 22.64324 ? 1   MET A N   1 
ATOM   8    C CA  . MET A 1 9   ? 10.95555  -4.94672  12.72195  1.000 19.74758 ? 1   MET A CA  1 
ATOM   9    C C   . MET A 1 9   ? 9.69704   -5.19604  11.89655  1.000 18.53829 ? 1   MET A C   1 
ATOM   10   O O   . MET A 1 9   ? 8.64446   -4.60892  12.18622  1.000 21.65883 ? 1   MET A O   1 
ATOM   11   C CB  . MET A 1 9   ? 11.59261  -3.61761  12.33340  1.000 21.61216 ? 1   MET A CB  1 
ATOM   12   C CG  . MET A 1 9   ? 12.52187  -3.03079  13.39668  1.000 22.47103 ? 1   MET A CG  1 
ATOM   13   S SD  . MET A 1 9   ? 11.88099  -2.90695  15.07068  1.000 23.73451 ? 1   MET A SD  1 
ATOM   14   C CE  . MET A 1 9   ? 11.68468  -1.12849  15.12473  1.000 26.50212 ? 1   MET A CE  1 
ATOM   15   N N   . ALA A 1 10  ? 9.78071   -6.05886  10.87901  1.000 17.32503 ? 2   ALA A N   1 
ATOM   16   C CA  . ALA A 1 10  ? 8.59777   -6.35521  10.07420  1.000 16.15673 ? 2   ALA A CA  1 
ATOM   17   C C   . ALA A 1 10  ? 7.54925   -7.13700  10.85374  1.000 18.79108 ? 2   ALA A C   1 
ATOM   18   O O   . ALA A 1 10  ? 6.36284   -7.07714  10.50093  1.000 16.24931 ? 2   ALA A O   1 
ATOM   19   C CB  . ALA A 1 10  ? 8.99167   -7.12753  8.81620   1.000 18.01590 ? 2   ALA A CB  1 
ATOM   20   N N   . ASP A 1 11  ? 7.95291   -7.85604  11.91076  1.000 18.56534 ? 3   ASP A N   1 
ATOM   21   C CA  . ASP A 1 11  ? 7.00347   -8.70060  12.63228  1.000 19.72891 ? 3   ASP A CA  1 
ATOM   22   C C   . ASP A 1 11  ? 5.86791   -7.89164  13.23987  1.000 16.48809 ? 3   ASP A C   1 
ATOM   23   O O   . ASP A 1 11  ? 4.73873   -8.38558  13.33402  1.000 17.77190 ? 3   ASP A O   1 
ATOM   24   C CB  . ASP A 1 11  ? 7.71396   -9.49392  13.72965  1.000 20.74325 ? 3   ASP A CB  1 
ATOM   25   C CG  . ASP A 1 11  ? 8.79197   -10.40609 13.19041  1.000 25.71508 ? 3   ASP A CG  1 
ATOM   26   O OD1 . ASP A 1 11  ? 8.70245   -10.82224 12.01758  1.000 27.58751 ? 3   ASP A OD1 1 
ATOM   27   O OD2 . ASP A 1 11  ? 9.72868   -10.72783 13.95409  1.000 37.09666 ? 3   ASP A OD2 1 
ATOM   28   N N   . ALA A 1 12  ? 6.13836   -6.64989  13.65092  1.000 16.01974 ? 4   ALA A N   1 
ATOM   29   C CA  . ALA A 1 12  ? 5.10987   -5.85553  14.30874  1.000 23.03391 ? 4   ALA A CA  1 
ATOM   30   C C   . ALA A 1 12  ? 3.97349   -5.48505  13.36463  1.000 15.85620 ? 4   ALA A C   1 
ATOM   31   O O   . ALA A 1 12  ? 2.88414   -5.12981  13.83139  1.000 21.44521 ? 4   ALA A O   1 
ATOM   32   C CB  . ALA A 1 12  ? 5.73238   -4.59637  14.90818  1.000 24.75857 ? 4   ALA A CB  1 
ATOM   33   N N   . PHE A 1 13  ? 4.19819   -5.57312  12.05456  1.000 14.76515 ? 5   PHE A N   1 
ATOM   34   C CA  . PHE A 1 13  ? 3.15480   -5.25768  11.08876  1.000 11.68580 ? 5   PHE A CA  1 
ATOM   35   C C   . PHE A 1 13  ? 2.13580   -6.37303  10.92358  1.000 13.40834 ? 5   PHE A C   1 
ATOM   36   O O   . PHE A 1 13  ? 1.09749   -6.14184  10.30083  1.000 11.95848 ? 5   PHE A O   1 
ATOM   37   C CB  . PHE A 1 13  ? 3.77701   -4.94755  9.72623   1.000 12.64374 ? 5   PHE A CB  1 
ATOM   38   C CG  . PHE A 1 13  ? 4.53396   -3.65736  9.69146   1.000 15.18424 ? 5   PHE A CG  1 
ATOM   39   C CD1 . PHE A 1 13  ? 3.88618   -2.46392  9.40197   1.000 15.87900 ? 5   PHE A CD1 1 
ATOM   40   C CD2 . PHE A 1 13  ? 5.89269   -3.63028  9.96929   1.000 14.08103 ? 5   PHE A CD2 1 
ATOM   41   C CE1 . PHE A 1 13  ? 4.58204   -1.27184  9.37848   1.000 13.35935 ? 5   PHE A CE1 1 
ATOM   42   C CE2 . PHE A 1 13  ? 6.59373   -2.43685  9.94368   1.000 16.45210 ? 5   PHE A CE2 1 
ATOM   43   C CZ  . PHE A 1 13  ? 5.93591   -1.25651  9.64810   1.000 14.92377 ? 5   PHE A CZ  1 
ATOM   44   N N   . VAL A 1 14  ? 2.40636   -7.57182  11.44348  1.000 12.41815 ? 6   VAL A N   1 
ATOM   45   C CA  . VAL A 1 14  ? 1.53692   -8.71420  11.17985  1.000 12.75656 ? 6   VAL A CA  1 
ATOM   46   C C   . VAL A 1 14  ? 0.19855   -8.52042  11.87217  1.000 15.47617 ? 6   VAL A C   1 
ATOM   47   O O   . VAL A 1 14  ? 0.13604   -8.20154  13.07014  1.000 14.26749 ? 6   VAL A O   1 
ATOM   48   C CB  . VAL A 1 14  ? 2.21444   -10.01730 11.62558  1.000 15.34177 ? 6   VAL A CB  1 
ATOM   49   C CG1 . VAL A 1 14  ? 1.24430   -11.19404 11.51739  1.000 18.45224 ? 6   VAL A CG1 1 
ATOM   50   C CG2 . VAL A 1 14  ? 3.45004   -10.26073 10.77701  1.000 17.22409 ? 6   VAL A CG2 1 
ATOM   51   N N   . GLY A 1 15  ? -0.87731  -8.72055  11.12669  1.000 12.19158 ? 7   GLY A N   1 
ATOM   52   C CA  . GLY A 1 15  ? -2.20464  -8.58006  11.68052  1.000 12.28158 ? 7   GLY A CA  1 
ATOM   53   C C   . GLY A 1 15  ? -3.19001  -8.14669  10.61722  1.000 14.51052 ? 7   GLY A C   1 
ATOM   54   O O   . GLY A 1 15  ? -2.88339  -8.09868  9.42619   1.000 14.05978 ? 7   GLY A O   1 
ATOM   55   N N   . THR A 1 16  ? -4.39598  -7.85846  11.08395  1.000 11.86345 ? 8   THR A N   1 
ATOM   56   C CA  . THR A 1 16  ? -5.49583  -7.41177  10.24436  1.000 13.47653 ? 8   THR A CA  1 
ATOM   57   C C   . THR A 1 16  ? -5.81628  -5.97424  10.62465  1.000 14.21779 ? 8   THR A C   1 
ATOM   58   O O   . THR A 1 16  ? -6.02955  -5.67487  11.80110  1.000 15.95872 ? 8   THR A O   1 
ATOM   59   C CB  . THR A 1 16  ? -6.71649  -8.32090  10.43257  1.000 13.45433 ? 8   THR A CB  1 
ATOM   60   O OG1 . THR A 1 16  ? -6.37686  -9.66107  10.03881  1.000 14.33397 ? 8   THR A OG1 1 
ATOM   61   C CG2 . THR A 1 16  ? -7.87969  -7.84170  9.59605   1.000 16.14550 ? 8   THR A CG2 1 
ATOM   62   N N   . TRP A 1 17  ? -5.82516  -5.08650  9.63139   1.000 10.93341 ? 9   TRP A N   1 
ATOM   63   C CA  . TRP A 1 17  ? -5.90578  -3.64967  9.84096   1.000 12.89355 ? 9   TRP A CA  1 
ATOM   64   C C   . TRP A 1 17  ? -7.04772  -3.08683  9.01255   1.000 12.57370 ? 9   TRP A C   1 
ATOM   65   O O   . TRP A 1 17  ? -7.24661  -3.50751  7.87197   1.000 14.87011 ? 9   TRP A O   1 
ATOM   66   C CB  . TRP A 1 17  ? -4.60315  -2.96887  9.41860   1.000 13.02239 ? 9   TRP A CB  1 
ATOM   67   C CG  . TRP A 1 17  ? -3.36497  -3.54526  10.02960  1.000 12.65730 ? 9   TRP A CG  1 
ATOM   68   C CD1 . TRP A 1 17  ? -2.65695  -4.62627  9.59622   1.000 11.45442 ? 9   TRP A CD1 1 
ATOM   69   C CD2 . TRP A 1 17  ? -2.67788  -3.04865  11.17637  1.000 11.81051 ? 9   TRP A CD2 1 
ATOM   70   N NE1 . TRP A 1 17  ? -1.55506  -4.82846  10.40789  1.000 12.78181 ? 9   TRP A NE1 1 
ATOM   71   C CE2 . TRP A 1 17  ? -1.55983  -3.87598  11.39024  1.000 11.35697 ? 9   TRP A CE2 1 
ATOM   72   C CE3 . TRP A 1 17  ? -2.90215  -1.98270  12.04705  1.000 13.55417 ? 9   TRP A CE3 1 
ATOM   73   C CZ2 . TRP A 1 17  ? -0.67020  -3.66791  12.43642  1.000 14.14858 ? 9   TRP A CZ2 1 
ATOM   74   C CZ3 . TRP A 1 17  ? -2.02099  -1.77970  13.07990  1.000 12.87334 ? 9   TRP A CZ3 1 
ATOM   75   C CH2 . TRP A 1 17  ? -0.91997  -2.61574  13.27069  1.000 14.90673 ? 9   TRP A CH2 1 
ATOM   76   N N   . LYS A 1 18  ? -7.79049  -2.13520  9.58543   1.000 10.65504 ? 10  LYS A N   1 
ATOM   77   C CA  . LYS A 1 18  ? -8.93394  -1.52898  8.92253   1.000 12.09779 ? 10  LYS A CA  1 
ATOM   78   C C   . LYS A 1 18  ? -8.72183  -0.03147  8.75109   1.000 11.47027 ? 10  LYS A C   1 
ATOM   79   O O   . LYS A 1 18  ? -8.28650  0.64861   9.68272   1.000 12.82922 ? 10  LYS A O   1 
ATOM   80   C CB  . LYS A 1 18  ? -10.21036 -1.76935  9.72895   1.000 15.12501 ? 10  LYS A CB  1 
ATOM   81   C CG  . LYS A 1 18  ? -11.43423 -1.07715  9.16407   1.000 21.65712 ? 10  LYS A CG  1 
ATOM   82   C CD  . LYS A 1 18  ? -12.14741 -1.92110  8.11895   1.000 23.65514 ? 10  LYS A CD  1 
ATOM   83   C CE  . LYS A 1 18  ? -13.48932 -1.27485  7.77263   1.000 29.76703 ? 10  LYS A CE  1 
ATOM   84   N NZ  . LYS A 1 18  ? -13.88810 -1.40952  6.34725   1.000 30.44243 ? 10  LYS A NZ  1 
ATOM   85   N N   . LEU A 1 19  ? -9.05270  0.48814   7.56559   1.000 11.56509 ? 11  LEU A N   1 
ATOM   86   C CA  . LEU A 1 19  ? -8.89168  1.91784   7.31425   1.000 10.71636 ? 11  LEU A CA  1 
ATOM   87   C C   . LEU A 1 19  ? -9.86733  2.72705   8.15661   1.000 13.57432 ? 11  LEU A C   1 
ATOM   88   O O   . LEU A 1 19  ? -11.07104 2.45587   8.15866   1.000 14.05105 ? 11  LEU A O   1 
ATOM   89   C CB  . LEU A 1 19  ? -9.11212  2.23406   5.83807   1.000 12.84414 ? 11  LEU A CB  1 
ATOM   90   C CG  . LEU A 1 19  ? -8.88807  3.69422   5.47652   1.000 11.69805 ? 11  LEU A CG  1 
ATOM   91   C CD1 . LEU A 1 19  ? -7.40018  3.95619   5.25698   1.000 14.16332 ? 11  LEU A CD1 1 
ATOM   92   C CD2 . LEU A 1 19  ? -9.69579  4.07384   4.24487   1.000 15.63195 ? 11  LEU A CD2 1 
ATOM   93   N N   . VAL A 1 20  ? -9.34316  3.72740   8.86025   1.000 11.36911 ? 12  VAL A N   1 
ATOM   94   C CA  . VAL A 1 20  ? -10.16925 4.63515   9.65243   1.000 13.45628 ? 12  VAL A CA  1 
ATOM   95   C C   . VAL A 1 20  ? -9.99361  6.09348   9.26087   1.000 14.43065 ? 12  VAL A C   1 
ATOM   96   O O   . VAL A 1 20  ? -10.83173 6.92481   9.64434   1.000 13.80268 ? 12  VAL A O   1 
ATOM   97   C CB  . VAL A 1 20  ? -9.90769  4.46250   11.16434  1.000 14.63546 ? 12  VAL A CB  1 
ATOM   98   C CG1 . VAL A 1 20  ? -10.20304 3.02359   11.57782  1.000 14.40362 ? 12  VAL A CG1 1 
ATOM   99   C CG2 . VAL A 1 20  ? -8.47638  4.83566   11.51027  1.000 15.26707 ? 12  VAL A CG2 1 
ATOM   100  N N   . ASP A 1 21  ? -8.96328  6.44392   8.49644   1.000 12.27737 ? 13  ASP A N   1 
ATOM   101  C CA  . ASP A 1 21  ? -8.82832  7.82280   8.04805   1.000 12.02132 ? 13  ASP A CA  1 
ATOM   102  C C   . ASP A 1 21  ? -8.04255  7.86397   6.75061   1.000 13.42979 ? 13  ASP A C   1 
ATOM   103  O O   . ASP A 1 21  ? -7.17741  7.02349   6.50454   1.000 13.21926 ? 13  ASP A O   1 
ATOM   104  C CB  . ASP A 1 21  ? -8.12396  8.71839   9.07195   1.000 12.56198 ? 13  ASP A CB  1 
ATOM   105  C CG  . ASP A 1 21  ? -8.17014  10.17003  8.66665   1.000 20.53877 ? 13  ASP A CG  1 
ATOM   106  O OD1 . ASP A 1 21  ? -9.29212  10.71361  8.62699   1.000 18.47844 ? 13  ASP A OD1 1 
ATOM   107  O OD2 . ASP A 1 21  ? -7.10687  10.72492  8.29580   1.000 18.74257 ? 13  ASP A OD2 1 
ATOM   108  N N   . SER A 1 22  ? -8.34614  8.85957   5.92129   1.000 14.07075 ? 14  SER A N   1 
ATOM   109  C CA  . SER A 1 22  ? -7.66583  8.97541   4.64066   1.000 12.70858 ? 14  SER A CA  1 
ATOM   110  C C   . SER A 1 22  ? -7.60920  10.43828  4.23259   1.000 13.18414 ? 14  SER A C   1 
ATOM   111  O O   . SER A 1 22  ? -8.61561  11.15092  4.31077   1.000 13.13869 ? 14  SER A O   1 
ATOM   112  C CB  . SER A 1 22  ? -8.37479  8.14858   3.56502   1.000 12.09020 ? 14  SER A CB  1 
ATOM   113  O OG  . SER A 1 22  ? -7.64080  8.17349   2.34589   1.000 12.17379 ? 14  SER A OG  1 
ATOM   114  N N   . LYS A 1 23  ? -6.43287  10.87858  3.80933   1.000 9.33554  ? 15  LYS A N   1 
ATOM   115  C CA  . LYS A 1 23  ? -6.22164  12.23394  3.32423   1.000 10.93412 ? 15  LYS A CA  1 
ATOM   116  C C   . LYS A 1 23  ? -5.61115  12.15012  1.93266   1.000 10.34364 ? 15  LYS A C   1 
ATOM   117  O O   . LYS A 1 23  ? -4.57990  11.49442  1.75302   1.000 10.52474 ? 15  LYS A O   1 
ATOM   118  C CB  . LYS A 1 23  ? -5.29071  13.02925  4.24272   1.000 12.99241 ? 15  LYS A CB  1 
ATOM   119  C CG  . LYS A 1 23  ? -5.66001  13.04301  5.73230   1.000 18.90708 ? 15  LYS A CG  1 
ATOM   120  C CD  . LYS A 1 23  ? -6.89174  13.84790  6.02489   1.000 22.93120 ? 15  LYS A CD  1 
ATOM   121  C CE  . LYS A 1 23  ? -6.86656  14.40364  7.45876   1.000 16.25074 ? 15  LYS A CE  1 
ATOM   122  N NZ  . LYS A 1 23  ? -6.39871  13.43855  8.48287   1.000 19.65243 ? 15  LYS A NZ  1 
ATOM   123  N N   . ASN A 1 24  ? -6.25609  12.80509  0.96079   1.000 12.27897 ? 16  ASN A N   1 
ATOM   124  C CA  . ASN A 1 24  ? -5.72734  13.06691  -0.37985  1.000 10.48027 ? 16  ASN A CA  1 
ATOM   125  C C   . ASN A 1 24  ? -5.59247  11.82030  -1.23456  1.000 12.42246 ? 16  ASN A C   1 
ATOM   126  O O   . ASN A 1 24  ? -4.82077  11.81826  -2.19311  1.000 13.10750 ? 16  ASN A O   1 
ATOM   127  C CB  . ASN A 1 24  ? -4.36576  13.76832  -0.31745  1.000 12.29376 ? 16  ASN A CB  1 
ATOM   128  C CG  . ASN A 1 24  ? -4.40534  15.02143  0.51112   1.000 17.44898 ? 16  ASN A CG  1 
ATOM   129  O OD1 . ASN A 1 24  ? -5.40875  15.71849  0.53458   1.000 14.12801 ? 16  ASN A OD1 1 
ATOM   130  N ND2 . ASN A 1 24  ? -3.30878  15.31142  1.20609   1.000 21.48038 ? 16  ASN A ND2 1 
ATOM   131  N N   . PHE A 1 25  ? -6.30242  10.74340  -0.90804  1.000 9.85411  ? 17  PHE A N   1 
ATOM   132  C CA  . PHE A 1 25  ? -6.17348  9.53685   -1.71540  1.000 10.08342 ? 17  PHE A CA  1 
ATOM   133  C C   . PHE A 1 25  ? -6.67792  9.75777   -3.13804  1.000 10.85028 ? 17  PHE A C   1 
ATOM   134  O O   . PHE A 1 25  ? -6.11375  9.20143   -4.08547  1.000 11.11202 ? 17  PHE A O   1 
ATOM   135  C CB  . PHE A 1 25  ? -6.91127  8.38385   -1.03692  1.000 11.07755 ? 17  PHE A CB  1 
ATOM   136  C CG  . PHE A 1 25  ? -6.73428  7.06464   -1.72339  1.000 11.71133 ? 17  PHE A CG  1 
ATOM   137  C CD1 . PHE A 1 25  ? -5.46468  6.55396   -1.97215  1.000 12.03321 ? 17  PHE A CD1 1 
ATOM   138  C CD2 . PHE A 1 25  ? -7.83835  6.34917   -2.13268  1.000 10.26793 ? 17  PHE A CD2 1 
ATOM   139  C CE1 . PHE A 1 25  ? -5.30771  5.32026   -2.60738  1.000 10.69424 ? 17  PHE A CE1 1 
ATOM   140  C CE2 . PHE A 1 25  ? -7.69443  5.11522   -2.77610  1.000 13.57294 ? 17  PHE A CE2 1 
ATOM   141  C CZ  . PHE A 1 25  ? -6.42461  4.60966   -3.01314  1.000 15.24334 ? 17  PHE A CZ  1 
ATOM   142  N N   . ASP A 1 26  ? -7.70950  10.59255  -3.32276  1.000 10.31686 ? 18  ASP A N   1 
ATOM   143  C CA  . ASP A 1 26  ? -8.15249  10.88294  -4.68249  1.000 10.59835 ? 18  ASP A CA  1 
ATOM   144  C C   . ASP A 1 26  ? -7.08073  11.63704  -5.46229  1.000 14.80971 ? 18  ASP A C   1 
ATOM   145  O O   . ASP A 1 26  ? -6.87061  11.36809  -6.65148  1.000 13.60172 ? 18  ASP A O   1 
ATOM   146  C CB  . ASP A 1 26  ? -9.46479  11.66940  -4.65997  1.000 13.14722 ? 18  ASP A CB  1 
ATOM   147  C CG  . ASP A 1 26  ? -10.06078 11.83020  -6.04482  1.000 20.57742 ? 18  ASP A CG  1 
ATOM   148  O OD1 . ASP A 1 26  ? -10.34758 10.79404  -6.67423  1.000 18.84249 ? 18  ASP A OD1 1 
ATOM   149  O OD2 . ASP A 1 26  ? -10.22470 12.98165  -6.50251  1.000 21.31073 ? 18  ASP A OD2 1 
ATOM   150  N N   . ASP A 1 27  ? -6.39938  12.59060  -4.81596  1.000 12.29310 ? 19  ASP A N   1 
ATOM   151  C CA  . ASP A 1 27  ? -5.28641  13.26997  -5.46683  1.000 11.93577 ? 19  ASP A CA  1 
ATOM   152  C C   . ASP A 1 27  ? -4.20963  12.28035  -5.87003  1.000 13.96359 ? 19  ASP A C   1 
ATOM   153  O O   . ASP A 1 27  ? -3.61964  12.39892  -6.95140  1.000 13.15859 ? 19  ASP A O   1 
ATOM   154  C CB  . ASP A 1 27  ? -4.69075  14.32598  -4.53946  1.000 15.89922 ? 19  ASP A CB  1 
ATOM   155  C CG  . ASP A 1 27  ? -5.69762  15.37103  -4.13099  1.000 20.37331 ? 19  ASP A CG  1 
ATOM   156  O OD1 . ASP A 1 27  ? -6.59303  15.69192  -4.94334  1.000 24.65010 ? 19  ASP A OD1 1 
ATOM   157  O OD2 . ASP A 1 27  ? -5.58624  15.87403  -2.99497  1.000 27.67444 ? 19  ASP A OD2 1 
ATOM   158  N N   . TYR A 1 28  ? -3.93064  11.30957  -4.99661  1.000 10.90406 ? 20  TYR A N   1 
ATOM   159  C CA  . TYR A 1 28  ? -2.91562  10.30318  -5.28771  1.000 9.84909  ? 20  TYR A CA  1 
ATOM   160  C C   . TYR A 1 28  ? -3.32867  9.45458   -6.48471  1.000 11.99855 ? 20  TYR A C   1 
ATOM   161  O O   . TYR A 1 28  ? -2.53191  9.23706   -7.40724  1.000 11.26815 ? 20  TYR A O   1 
ATOM   162  C CB  . TYR A 1 28  ? -2.67754  9.43863   -4.04670  1.000 11.18105 ? 20  TYR A CB  1 
ATOM   163  C CG  . TYR A 1 28  ? -1.69582  8.31091   -4.27729  1.000 9.88321  ? 20  TYR A CG  1 
ATOM   164  C CD1 . TYR A 1 28  ? -0.33856  8.56714   -4.42823  1.000 11.29112 ? 20  TYR A CD1 1 
ATOM   165  C CD2 . TYR A 1 28  ? -2.13325  6.99138   -4.36113  1.000 10.73628 ? 20  TYR A CD2 1 
ATOM   166  C CE1 . TYR A 1 28  ? 0.55762   7.52800   -4.64504  1.000 9.78897  ? 20  TYR A CE1 1 
ATOM   167  C CE2 . TYR A 1 28  ? -1.24737  5.94576   -4.58318  1.000 10.09772 ? 20  TYR A CE2 1 
ATOM   168  C CZ  . TYR A 1 28  ? 0.09828   6.22570   -4.72571  1.000 10.46847 ? 20  TYR A CZ  1 
ATOM   169  O OH  . TYR A 1 28  ? 1.01845   5.21799   -4.93767  1.000 10.84666 ? 20  TYR A OH  1 
ATOM   170  N N   . MET A 1 29  ? -4.57862  8.97246   -6.49241  1.000 13.15681 ? 21  MET A N   1 
ATOM   171  C CA  . MET A 1 29  ? -5.04357  8.18791   -7.63832  1.000 11.11723 ? 21  MET A CA  1 
ATOM   172  C C   . MET A 1 29  ? -5.02424  9.01398   -8.91669  1.000 13.27366 ? 21  MET A C   1 
ATOM   173  O O   . MET A 1 29  ? -4.65335  8.51473   -9.98788  1.000 12.52586 ? 21  MET A O   1 
ATOM   174  C CB  . MET A 1 29  ? -6.45817  7.65357   -7.41614  1.000 11.56628 ? 21  MET A CB  1 
ATOM   175  C CG  . MET A 1 29  ? -6.61039  6.72461   -6.23185  1.000 9.01064  ? 21  MET A CG  1 
ATOM   176  S SD  . MET A 1 29  ? -8.25676  5.96072   -6.21264  1.000 12.07971 ? 21  MET A SD  1 
ATOM   177  C CE  . MET A 1 29  ? -9.17429  7.22763   -5.33438  1.000 12.01231 ? 21  MET A CE  1 
ATOM   178  N N   . LYS A 1 30  ? -5.46136  10.26966  -8.84105  1.000 9.34421  ? 22  LYS A N   1 
ATOM   179  C CA  . LYS A 1 30  ? -5.48482  11.06840  -10.05886 1.000 12.77098 ? 22  LYS A CA  1 
ATOM   180  C C   . LYS A 1 30  ? -4.06369  11.27099  -10.58346 1.000 14.27945 ? 22  LYS A C   1 
ATOM   181  O O   . LYS A 1 30  ? -3.81665  11.17335  -11.79246 1.000 13.25747 ? 22  LYS A O   1 
ATOM   182  C CB  . LYS A 1 30  ? -6.21337  12.39363  -9.79166  1.000 15.86841 ? 22  LYS A CB  1 
ATOM   183  C CG  . LYS A 1 30  ? -6.00023  13.47524  -10.84279 1.000 18.57006 ? 22  LYS A CG  1 
ATOM   184  C CD  . LYS A 1 30  ? -6.77730  14.75050  -10.51018 1.000 23.01927 ? 22  LYS A CD  1 
ATOM   185  C CE  . LYS A 1 30  ? -6.07035  15.64462  -9.51224  1.000 40.27659 ? 22  LYS A CE  1 
ATOM   186  N NZ  . LYS A 1 30  ? -6.61771  17.03561  -9.50790  1.000 47.98506 ? 22  LYS A NZ  1 
ATOM   187  N N   . SER A 1 31  ? -3.10287  11.47132  -9.67625  1.000 11.40635 ? 23  SER A N   1 
ATOM   188  C CA  . SER A 1 31  ? -1.70368  11.61147  -10.07170 1.000 12.82858 ? 23  SER A CA  1 
ATOM   189  C C   . SER A 1 31  ? -1.19566  10.36929  -10.79754 1.000 15.06074 ? 23  SER A C   1 
ATOM   190  O O   . SER A 1 31  ? -0.41225  10.46924  -11.75421 1.000 13.91956 ? 23  SER A O   1 
ATOM   191  C CB  . SER A 1 31  ? -0.84978  11.89143  -8.83611  1.000 13.82644 ? 23  SER A CB  1 
ATOM   192  O OG  . SER A 1 31  ? 0.46544   12.26236  -9.20644  1.000 18.38640 ? 23  SER A OG  1 
ATOM   193  N N   . LEU A 1 32  ? -1.61778  9.18278   -10.35114 1.000 11.77617 ? 24  LEU A N   1 
ATOM   194  C CA  . LEU A 1 32  ? -1.19611  7.94458   -10.99908 1.000 10.90232 ? 24  LEU A CA  1 
ATOM   195  C C   . LEU A 1 32  ? -1.87152  7.70578   -12.33928 1.000 13.07053 ? 24  LEU A C   1 
ATOM   196  O O   . LEU A 1 32  ? -1.44904  6.78797   -13.05351 1.000 15.50613 ? 24  LEU A O   1 
ATOM   197  C CB  . LEU A 1 32  ? -1.49838  6.73507   -10.12048 1.000 13.10520 ? 24  LEU A CB  1 
ATOM   198  C CG  . LEU A 1 32  ? -0.76455  6.58132   -8.79383  1.000 10.40905 ? 24  LEU A CG  1 
ATOM   199  C CD1 . LEU A 1 32  ? -1.38935  5.44413   -8.01400  1.000 12.09549 ? 24  LEU A CD1 1 
ATOM   200  C CD2 . LEU A 1 32  ? 0.71589   6.33777   -9.04593  1.000 14.60563 ? 24  LEU A CD2 1 
ATOM   201  N N   . GLY A 1 33  ? -2.92695  8.44762   -12.66737 1.000 11.56725 ? 25  GLY A N   1 
ATOM   202  C CA  . GLY A 1 33  ? -3.67624  8.18525   -13.88309 1.000 13.04267 ? 25  GLY A CA  1 
ATOM   203  C C   . GLY A 1 33  ? -4.89609  7.29864   -13.71654 1.000 14.19245 ? 25  GLY A C   1 
ATOM   204  O O   . GLY A 1 33  ? -5.42876  6.81053   -14.72044 1.000 13.47312 ? 25  GLY A O   1 
ATOM   205  N N   . VAL A 1 34  ? -5.34916  7.06271   -12.48343 1.000 11.96720 ? 26  VAL A N   1 
ATOM   206  C CA  . VAL A 1 34  ? -6.59246  6.33201   -12.25602 1.000 13.75059 ? 26  VAL A CA  1 
ATOM   207  C C   . VAL A 1 34  ? -7.75770  7.14899   -12.80044 1.000 14.14199 ? 26  VAL A C   1 
ATOM   208  O O   . VAL A 1 34  ? -7.87300  8.34929   -12.51902 1.000 15.88750 ? 26  VAL A O   1 
ATOM   209  C CB  . VAL A 1 34  ? -6.77205  6.04057   -10.75956 1.000 11.37324 ? 26  VAL A CB  1 
ATOM   210  C CG1 . VAL A 1 34  ? -8.01342  5.19039   -10.51666 1.000 12.81269 ? 26  VAL A CG1 1 
ATOM   211  C CG2 . VAL A 1 34  ? -5.54182  5.34557   -10.19758 1.000 12.36981 ? 26  VAL A CG2 1 
ATOM   212  N N   . GLY A 1 35  ? -8.64949  6.49566   -13.55373 1.000 14.63985 ? 27  GLY A N   1 
ATOM   213  C CA  . GLY A 1 35  ? -9.74645  7.19447   -14.19619 1.000 16.40135 ? 27  GLY A CA  1 
ATOM   214  C C   . GLY A 1 35  ? -10.84755 7.61471   -13.23581 1.000 17.35510 ? 27  GLY A C   1 
ATOM   215  O O   . GLY A 1 35  ? -10.92393 7.15646   -12.09756 1.000 15.53265 ? 27  GLY A O   1 
ATOM   216  N N   . PHE A 1 36  ? -11.72836 8.49774   -13.73439 1.000 16.12478 ? 28  PHE A N   1 
ATOM   217  C CA  . PHE A 1 36  ? -12.80974 9.05475   -12.91914 1.000 13.49362 ? 28  PHE A CA  1 
ATOM   218  C C   . PHE A 1 36  ? -13.66231 7.96505   -12.29136 1.000 12.80270 ? 28  PHE A C   1 
ATOM   219  O O   . PHE A 1 36  ? -14.00952 8.03265   -11.10907 1.000 12.94083 ? 28  PHE A O   1 
ATOM   220  C CB  . PHE A 1 36  ? -13.72461 9.95877   -13.75965 1.000 17.38346 ? 28  PHE A CB  1 
ATOM   221  C CG  . PHE A 1 36  ? -13.09891 11.24139  -14.19731 1.000 25.76698 ? 28  PHE A CG  1 
ATOM   222  C CD1 . PHE A 1 36  ? -12.41452 12.03738  -13.29841 1.000 34.07007 ? 28  PHE A CD1 1 
ATOM   223  C CD2 . PHE A 1 36  ? -13.21847 11.66583  -15.51281 1.000 34.74611 ? 28  PHE A CD2 1 
ATOM   224  C CE1 . PHE A 1 36  ? -11.84664 13.23483  -13.70585 1.000 39.83127 ? 28  PHE A CE1 1 
ATOM   225  C CE2 . PHE A 1 36  ? -12.65033 12.85708  -15.92499 1.000 34.40816 ? 28  PHE A CE2 1 
ATOM   226  C CZ  . PHE A 1 36  ? -11.96357 13.63914  -15.02112 1.000 30.82474 ? 28  PHE A CZ  1 
ATOM   227  N N   . ALA A 1 37  ? -14.05509 6.96902   -13.08256 1.000 14.34059 ? 29  ALA A N   1 
ATOM   228  C CA  . ALA A 1 37  ? -15.02244 6.00439   -12.56752 1.000 11.86311 ? 29  ALA A CA  1 
ATOM   229  C C   . ALA A 1 37  ? -14.41168 5.14131   -11.47471 1.000 10.78096 ? 29  ALA A C   1 
ATOM   230  O O   . ALA A 1 37  ? -15.06905 4.84343   -10.46929 1.000 14.25079 ? 29  ALA A O   1 
ATOM   231  C CB  . ALA A 1 37  ? -15.56586 5.13438   -13.70049 1.000 13.98600 ? 29  ALA A CB  1 
ATOM   232  N N   . THR A 1 38  ? -13.15002 4.73830   -11.63648 1.000 12.85076 ? 30  THR A N   1 
ATOM   233  C CA  . THR A 1 38  ? -12.51492 3.97343   -10.57019 1.000 9.78736  ? 30  THR A CA  1 
ATOM   234  C C   . THR A 1 38  ? -12.25793 4.85590   -9.35394  1.000 11.22553 ? 30  THR A C   1 
ATOM   235  O O   . THR A 1 38  ? -12.44042 4.41505   -8.21354  1.000 13.63468 ? 30  THR A O   1 
ATOM   236  C CB  . THR A 1 38  ? -11.22652 3.33541   -11.09273 1.000 12.56966 ? 30  THR A CB  1 
ATOM   237  O OG1 . THR A 1 38  ? -11.58762 2.37244   -12.09093 1.000 15.35575 ? 30  THR A OG1 1 
ATOM   238  C CG2 . THR A 1 38  ? -10.46492 2.62940   -9.98422  1.000 14.57001 ? 30  THR A CG2 1 
ATOM   239  N N   . ARG A 1 39  ? -11.86434 6.11324   -9.57977  1.000 10.00654 ? 31  ARG A N   1 
ATOM   240  C CA  . ARG A 1 39  ? -11.68379 7.03462   -8.45612  1.000 9.81807  ? 31  ARG A CA  1 
ATOM   241  C C   . ARG A 1 39  ? -12.97633 7.19808   -7.66212  1.000 14.40348 ? 31  ARG A C   1 
ATOM   242  O O   . ARG A 1 39  ? -12.95382 7.21526   -6.42355  1.000 15.10573 ? 31  ARG A O   1 
ATOM   243  C CB  . ARG A 1 39  ? -11.18833 8.40216   -8.95757  1.000 9.34146  ? 31  ARG A CB  1 
ATOM   244  C CG  . ARG A 1 39  ? -9.70032  8.45485   -9.32077  1.000 12.41716 ? 31  ARG A CG  1 
ATOM   245  C CD  . ARG A 1 39  ? -9.35657  9.70375   -10.13195 1.000 17.47751 ? 31  ARG A CD  1 
ATOM   246  N NE  . ARG A 1 39  ? -9.78362  10.92939  -9.46365  1.000 17.69062 ? 31  ARG A NE  1 
ATOM   247  C CZ  . ARG A 1 39  ? -10.01168 12.07125  -10.09795 1.000 20.21962 ? 31  ARG A CZ  1 
ATOM   248  N NH1 . ARG A 1 39  ? -9.81318  12.18671  -11.40504 1.000 19.30281 ? 31  ARG A NH1 1 
ATOM   249  N NH2 . ARG A 1 39  ? -10.45424 13.12091  -9.40790  1.000 23.86567 ? 31  ARG A NH2 1 
ATOM   250  N N   . GLN A 1 40  ? -14.11146 7.33328   -8.35992  1.000 12.84733 ? 32  GLN A N   1 
ATOM   251  C CA  . GLN A 1 40  ? -15.40172 7.50305   -7.69007  1.000 10.09431 ? 32  GLN A CA  1 
ATOM   252  C C   . GLN A 1 40  ? -15.65558 6.40007   -6.67253  1.000 13.85784 ? 32  GLN A C   1 
ATOM   253  O O   . GLN A 1 40  ? -16.11594 6.66033   -5.55145  1.000 14.01699 ? 32  GLN A O   1 
ATOM   254  C CB  . GLN A 1 40  ? -16.53319 7.53018   -8.73106  1.000 11.83585 ? 32  GLN A CB  1 
ATOM   255  C CG  . GLN A 1 40  ? -17.91779 7.75958   -8.14011  1.000 16.10506 ? 32  GLN A CG  1 
ATOM   256  C CD  . GLN A 1 40  ? -19.02055 7.74117   -9.19801  1.000 22.79493 ? 32  GLN A CD  1 
ATOM   257  O OE1 . GLN A 1 40  ? -18.75405 7.95031   -10.38686 1.000 20.97072 ? 32  GLN A OE1 1 
ATOM   258  N NE2 . GLN A 1 40  ? -20.26315 7.49396   -8.76993  1.000 21.57428 ? 32  GLN A NE2 1 
ATOM   259  N N   . VAL A 1 41  ? -15.39973 5.15147   -7.06739  1.000 10.56443 ? 33  VAL A N   1 
ATOM   260  C CA  . VAL A 1 41  ? -15.68074 4.02227   -6.18595  1.000 12.88884 ? 33  VAL A CA  1 
ATOM   261  C C   . VAL A 1 41  ? -14.57048 3.85345   -5.16639  1.000 18.45044 ? 33  VAL A C   1 
ATOM   262  O O   . VAL A 1 41  ? -14.83020 3.59522   -3.98780  1.000 15.27323 ? 33  VAL A O   1 
ATOM   263  C CB  . VAL A 1 41  ? -15.86915 2.73250   -6.99873  1.000 15.28923 ? 33  VAL A CB  1 
ATOM   264  C CG1 . VAL A 1 41  ? -16.06598 1.55380   -6.05275  1.000 18.68168 ? 33  VAL A CG1 1 
ATOM   265  C CG2 . VAL A 1 41  ? -17.04770 2.86409   -7.94116  1.000 17.92486 ? 33  VAL A CG2 1 
ATOM   266  N N   . ALA A 1 42  ? -13.32052 3.99314   -5.60561  1.000 12.54304 ? 34  ALA A N   1 
ATOM   267  C CA  . ALA A 1 42  ? -12.19787 3.72884   -4.71552  1.000 12.79514 ? 34  ALA A CA  1 
ATOM   268  C C   . ALA A 1 42  ? -12.14307 4.72911   -3.57018  1.000 15.42305 ? 34  ALA A C   1 
ATOM   269  O O   . ALA A 1 42  ? -11.68379 4.39097   -2.46927  1.000 17.85446 ? 34  ALA A O   1 
ATOM   270  C CB  . ALA A 1 42  ? -10.89501 3.74514   -5.51299  1.000 17.95619 ? 34  ALA A CB  1 
ATOM   271  N N   A SER A 1 43  ? -12.60227 5.95972   -3.79657  0.420 14.40998 ? 35  SER A N   1 
ATOM   272  N N   B SER A 1 43  ? -12.60168 5.96196   -3.80971  0.580 14.36523 ? 35  SER A N   1 
ATOM   273  C CA  A SER A 1 43  ? -12.60805 6.93714   -2.71548  0.420 17.36031 ? 35  SER A CA  1 
ATOM   274  C CA  B SER A 1 43  ? -12.65106 6.96229   -2.74702  0.580 17.36252 ? 35  SER A CA  1 
ATOM   275  C C   A SER A 1 43  ? -13.66369 6.62310   -1.65957  0.420 18.26396 ? 35  SER A C   1 
ATOM   276  C C   B SER A 1 43  ? -13.61660 6.55669   -1.64123  0.580 18.26387 ? 35  SER A C   1 
ATOM   277  O O   A SER A 1 43  ? -13.59653 7.17262   -0.55392  0.420 22.86141 ? 35  SER A O   1 
ATOM   278  O O   B SER A 1 43  ? -13.44937 6.97220   -0.48736  0.580 23.13654 ? 35  SER A O   1 
ATOM   279  C CB  A SER A 1 43  ? -12.81550 8.33998   -3.28358  0.420 16.92821 ? 35  SER A CB  1 
ATOM   280  C CB  B SER A 1 43  ? -13.04957 8.32322   -3.32180  0.580 16.79417 ? 35  SER A CB  1 
ATOM   281  O OG  A SER A 1 43  ? -14.06510 8.43747   -3.93429  0.420 16.88030 ? 35  SER A OG  1 
ATOM   282  O OG  B SER A 1 43  ? -11.99504 8.89663   -4.06974  0.580 19.32824 ? 35  SER A OG  1 
ATOM   283  N N   . MET A 1 44  ? -14.62747 5.75321   -1.97092  1.000 18.19485 ? 36  MET A N   1 
ATOM   284  C CA  . MET A 1 44  ? -15.61639 5.27418   -1.00412  1.000 21.58647 ? 36  MET A CA  1 
ATOM   285  C C   . MET A 1 44  ? -15.19180 4.01644   -0.25104  1.000 27.21855 ? 36  MET A C   1 
ATOM   286  O O   . MET A 1 44  ? -15.87540 3.63286   0.70533   1.000 28.53952 ? 36  MET A O   1 
ATOM   287  C CB  . MET A 1 44  ? -16.96145 4.98074   -1.70267  1.000 18.96490 ? 36  MET A CB  1 
ATOM   288  C CG  . MET A 1 44  ? -17.84562 6.16488   -2.09083  1.000 27.32998 ? 36  MET A CG  1 
ATOM   289  S SD  . MET A 1 44  ? -17.94804 7.35161   -0.74032  1.000 22.14640 ? 36  MET A SD  1 
ATOM   290  C CE  . MET A 1 44  ? -18.83656 6.34415   0.46062   1.000 22.85526 ? 36  MET A CE  1 
ATOM   291  N N   . THR A 1 45  ? -14.11125 3.35111   -0.64791  1.000 18.05565 ? 37  THR A N   1 
ATOM   292  C CA  . THR A 1 45  ? -13.78898 2.08617   -0.00772  1.000 15.21192 ? 37  THR A CA  1 
ATOM   293  C C   . THR A 1 45  ? -13.07888 2.32599   1.31411   1.000 16.06820 ? 37  THR A C   1 
ATOM   294  O O   . THR A 1 45  ? -12.40723 3.34242   1.50768   1.000 19.56228 ? 37  THR A O   1 
ATOM   295  C CB  . THR A 1 45  ? -12.91178 1.21477   -0.91232  1.000 19.59723 ? 37  THR A CB  1 
ATOM   296  O OG1 . THR A 1 45  ? -11.60921 1.80159   -1.01840  1.000 24.44543 ? 37  THR A OG1 1 
ATOM   297  C CG2 . THR A 1 45  ? -13.51911 1.12098   -2.29943  1.000 19.39007 ? 37  THR A CG2 1 
ATOM   298  N N   . LYS A 1 46  ? -13.25498 1.38243   2.24406   1.000 14.77447 ? 38  LYS A N   1 
ATOM   299  C CA  . LYS A 1 46  ? -12.50628 1.36035   3.50201   1.000 15.76313 ? 38  LYS A CA  1 
ATOM   300  C C   . LYS A 1 46  ? -11.84255 -0.00246  3.59508   1.000 14.44575 ? 38  LYS A C   1 
ATOM   301  O O   . LYS A 1 46  ? -12.37209 -0.92256  4.23423   1.000 17.16995 ? 38  LYS A O   1 
ATOM   302  C CB  . LYS A 1 46  ? -13.39644 1.61091   4.72126   1.000 18.84053 ? 38  LYS A CB  1 
ATOM   303  C CG  . LYS A 1 46  ? -14.17620 2.92150   4.72378   1.000 22.33599 ? 38  LYS A CG  1 
ATOM   304  C CD  . LYS A 1 46  ? -14.25766 3.39444   6.16113   1.000 32.22380 ? 38  LYS A CD  1 
ATOM   305  C CE  . LYS A 1 46  ? -15.46371 2.82170   6.83241   1.000 37.50649 ? 38  LYS A CE  1 
ATOM   306  N NZ  . LYS A 1 46  ? -15.25734 2.23254   8.16947   1.000 33.72470 ? 38  LYS A NZ  1 
ATOM   307  N N   . PRO A 1 47  ? -10.68585 -0.17235  2.96517   1.000 13.54497 ? 39  PRO A N   1 
ATOM   308  C CA  . PRO A 1 47  ? -10.12471 -1.51548  2.81473   1.000 12.99980 ? 39  PRO A CA  1 
ATOM   309  C C   . PRO A 1 47  ? -9.68649  -2.09976  4.14442   1.000 14.78163 ? 39  PRO A C   1 
ATOM   310  O O   . PRO A 1 47  ? -9.47093  -1.39778  5.13645   1.000 13.29649 ? 39  PRO A O   1 
ATOM   311  C CB  . PRO A 1 47  ? -8.91377  -1.30270  1.89654   1.000 14.44081 ? 39  PRO A CB  1 
ATOM   312  C CG  . PRO A 1 47  ? -9.17296  0.01889   1.22696   1.000 14.28191 ? 39  PRO A CG  1 
ATOM   313  C CD  . PRO A 1 47  ? -9.87485  0.83943   2.26961   1.000 14.54894 ? 39  PRO A CD  1 
ATOM   314  N N   . THR A 1 48  ? -9.54990  -3.42009  4.13147   1.000 14.31987 ? 40  THR A N   1 
ATOM   315  C CA  . THR A 1 48  ? -8.88586  -4.17408  5.18070   1.000 13.92007 ? 40  THR A CA  1 
ATOM   316  C C   . THR A 1 48  ? -7.57245  -4.66833  4.60410   1.000 13.39294 ? 40  THR A C   1 
ATOM   317  O O   . THR A 1 48  ? -7.55013  -5.20499  3.49663   1.000 12.41816 ? 40  THR A O   1 
ATOM   318  C CB  . THR A 1 48  ? -9.73799  -5.35685  5.63108   1.000 16.19260 ? 40  THR A CB  1 
ATOM   319  O OG1 . THR A 1 48  ? -10.98808 -4.87607  6.14665   1.000 19.10283 ? 40  THR A OG1 1 
ATOM   320  C CG2 . THR A 1 48  ? -9.01787  -6.15293  6.71122   1.000 16.77350 ? 40  THR A CG2 1 
ATOM   321  N N   . THR A 1 49  ? -6.48238  -4.46235  5.33132   1.000 12.49927 ? 41  THR A N   1 
ATOM   322  C CA  . THR A 1 49  ? -5.18946  -4.98715  4.92410   1.000 11.32585 ? 41  THR A CA  1 
ATOM   323  C C   . THR A 1 49  ? -4.76700  -6.07551  5.89334   1.000 13.00466 ? 41  THR A C   1 
ATOM   324  O O   . THR A 1 49  ? -4.74161  -5.85034  7.10569   1.000 11.96565 ? 41  THR A O   1 
ATOM   325  C CB  . THR A 1 49  ? -4.11978  -3.90590  4.90489   1.000 14.54368 ? 41  THR A CB  1 
ATOM   326  O OG1 . THR A 1 49  ? -4.59688  -2.77795  4.15950   1.000 18.62388 ? 41  THR A OG1 1 
ATOM   327  C CG2 . THR A 1 49  ? -2.87205  -4.46258  4.25664   1.000 12.84792 ? 41  THR A CG2 1 
ATOM   328  N N   . ILE A 1 50  ? -4.41710  -7.23747  5.35245   1.000 10.77952 ? 42  ILE A N   1 
ATOM   329  C CA  . ILE A 1 50  ? -3.96301  -8.36705  6.14571   1.000 9.65026  ? 42  ILE A CA  1 
ATOM   330  C C   . ILE A 1 50  ? -2.50168  -8.58050  5.81629   1.000 11.08438 ? 42  ILE A C   1 
ATOM   331  O O   . ILE A 1 50  ? -2.13882  -8.76488  4.64779   1.000 12.32874 ? 42  ILE A O   1 
ATOM   332  C CB  . ILE A 1 50  ? -4.79272  -9.62146  5.86085   1.000 10.50917 ? 42  ILE A CB  1 
ATOM   333  C CG1 . ILE A 1 50  ? -6.26806  -9.31667  6.10989   1.000 14.24564 ? 42  ILE A CG1 1 
ATOM   334  C CG2 . ILE A 1 50  ? -4.31986  -10.76760 6.72382   1.000 13.80004 ? 42  ILE A CG2 1 
ATOM   335  C CD1 . ILE A 1 50  ? -7.18811  -10.20148 5.30213   1.000 22.17608 ? 42  ILE A CD1 1 
ATOM   336  N N   . ILE A 1 51  ? -1.66074  -8.51924  6.83908   1.000 10.12914 ? 43  ILE A N   1 
ATOM   337  C CA  . ILE A 1 51  ? -0.22588  -8.68192  6.68463   1.000 10.58872 ? 43  ILE A CA  1 
ATOM   338  C C   . ILE A 1 51  ? 0.16936   -9.95696  7.40910   1.000 11.28730 ? 43  ILE A C   1 
ATOM   339  O O   . ILE A 1 51  ? -0.16115  -10.13279 8.58923   1.000 12.07304 ? 43  ILE A O   1 
ATOM   340  C CB  . ILE A 1 51  ? 0.54545   -7.46247  7.22197   1.000 13.18252 ? 43  ILE A CB  1 
ATOM   341  C CG1 . ILE A 1 51  ? 0.12321   -6.19686  6.46463   1.000 8.47006  ? 43  ILE A CG1 1 
ATOM   342  C CG2 . ILE A 1 51  ? 2.04670   -7.71026  7.09809   1.000 13.61349 ? 43  ILE A CG2 1 
ATOM   343  C CD1 . ILE A 1 51  ? 0.75310   -4.91482  7.00366   1.000 12.02977 ? 43  ILE A CD1 1 
ATOM   344  N N   . GLU A 1 52  ? 0.84765   -10.85878 6.68589   1.000 12.85966 ? 44  GLU A N   1 
ATOM   345  C CA  . GLU A 1 52  ? 1.33891   -12.11671 7.22482   1.000 14.31933 ? 44  GLU A CA  1 
ATOM   346  C C   . GLU A 1 52  ? 2.84243   -12.21992 6.99288   1.000 12.38433 ? 44  GLU A C   1 
ATOM   347  O O   . GLU A 1 52  ? 3.39543   -11.61419 6.07049   1.000 13.33331 ? 44  GLU A O   1 
ATOM   348  C CB  . GLU A 1 52  ? 0.59979   -13.31874 6.59052   1.000 14.42720 ? 44  GLU A CB  1 
ATOM   349  C CG  . GLU A 1 52  ? -0.89617  -13.37369 6.95531   1.000 18.01062 ? 44  GLU A CG  1 
ATOM   350  C CD  . GLU A 1 52  ? -1.74629  -14.17583 5.98237   1.000 30.14096 ? 44  GLU A CD  1 
ATOM   351  O OE1 . GLU A 1 52  ? -1.25580  -14.53712 4.88865   1.000 29.01873 ? 44  GLU A OE1 1 
ATOM   352  O OE2 . GLU A 1 52  ? -2.92248  -14.43758 6.31831   1.000 31.00050 ? 44  GLU A OE2 1 
ATOM   353  N N   . LYS A 1 53  ? 3.51617   -12.98363 7.84996   1.000 14.78803 ? 45  LYS A N   1 
ATOM   354  C CA  . LYS A 1 53  ? 4.93703   -13.22687 7.65827   1.000 13.02603 ? 45  LYS A CA  1 
ATOM   355  C C   . LYS A 1 53  ? 5.22897   -14.67657 7.99877   1.000 13.93384 ? 45  LYS A C   1 
ATOM   356  O O   . LYS A 1 53  ? 4.83032   -15.15783 9.05902   1.000 19.70516 ? 45  LYS A O   1 
ATOM   357  C CB  . LYS A 1 53  ? 5.79994   -12.29178 8.51291   1.000 15.25264 ? 45  LYS A CB  1 
ATOM   358  C CG  . LYS A 1 53  ? 7.28114   -12.37787 8.20930   1.000 17.61535 ? 45  LYS A CG  1 
ATOM   359  C CD  . LYS A 1 53  ? 8.02860   -11.20521 8.85894   1.000 17.19376 ? 45  LYS A CD  1 
ATOM   360  C CE  . LYS A 1 53  ? 9.52322   -11.30699 8.63404   1.000 19.83321 ? 45  LYS A CE  1 
ATOM   361  N NZ  . LYS A 1 53  ? 10.10054  -12.34222 9.54777   1.000 21.24426 ? 45  LYS A NZ  1 
ATOM   362  N N   . ASN A 1 54  ? 5.88454   -15.37031 7.07924   1.000 13.68135 ? 46  ASN A N   1 
ATOM   363  C CA  . ASN A 1 54  ? 6.29369   -16.76244 7.26691   1.000 12.09355 ? 46  ASN A CA  1 
ATOM   364  C C   . ASN A 1 54  ? 7.78268   -16.82092 6.94363   1.000 13.32214 ? 46  ASN A C   1 
ATOM   365  O O   . ASN A 1 54  ? 8.17522   -16.79855 5.77100   1.000 13.67537 ? 46  ASN A O   1 
ATOM   366  C CB  . ASN A 1 54  ? 5.47610   -17.69130 6.38120   1.000 14.14689 ? 46  ASN A CB  1 
ATOM   367  C CG  . ASN A 1 54  ? 5.93804   -19.12876 6.46471   1.000 12.04885 ? 46  ASN A CG  1 
ATOM   368  O OD1 . ASN A 1 54  ? 6.66486   -19.50958 7.38414   1.000 19.73533 ? 46  ASN A OD1 1 
ATOM   369  N ND2 . ASN A 1 54  ? 5.55534   -19.92426 5.47425   1.000 13.66261 ? 46  ASN A ND2 1 
ATOM   370  N N   . GLY A 1 55  ? 8.60841   -16.89256 7.98270   1.000 14.57915 ? 47  GLY A N   1 
ATOM   371  C CA  . GLY A 1 55  ? 10.03299  -16.76435 7.76077   1.000 17.27100 ? 47  GLY A CA  1 
ATOM   372  C C   . GLY A 1 55  ? 10.30196  -15.42873 7.10261   1.000 17.39333 ? 47  GLY A C   1 
ATOM   373  O O   . GLY A 1 55  ? 9.88332   -14.36792 7.59056   1.000 17.82575 ? 47  GLY A O   1 
ATOM   374  N N   . ASP A 1 56  ? 10.97731  -15.46689 5.95944   1.000 12.77830 ? 48  ASP A N   1 
ATOM   375  C CA  . ASP A 1 56  ? 11.33781  -14.25396 5.25116   1.000 16.61134 ? 48  ASP A CA  1 
ATOM   376  C C   . ASP A 1 56  ? 10.36001  -13.91299 4.14106   1.000 17.94979 ? 48  ASP A C   1 
ATOM   377  O O   . ASP A 1 56  ? 10.62860  -12.99451 3.36035   1.000 17.70730 ? 48  ASP A O   1 
ATOM   378  C CB  . ASP A 1 56  ? 12.75910  -14.38646 4.71020   1.000 17.86311 ? 48  ASP A CB  1 
ATOM   379  C CG  . ASP A 1 56  ? 13.78726  -14.38585 5.82605   1.000 30.54433 ? 48  ASP A CG  1 
ATOM   380  O OD1 . ASP A 1 56  ? 13.95085  -13.33573 6.49045   1.000 35.33875 ? 48  ASP A OD1 1 
ATOM   381  O OD2 . ASP A 1 56  ? 14.39177  -15.45062 6.07598   1.000 31.57078 ? 48  ASP A OD2 1 
ATOM   382  N N   . THR A 1 57  ? 9.21526   -14.59428 4.07357   1.000 14.88045 ? 49  THR A N   1 
ATOM   383  C CA  . THR A 1 57  ? 8.18473   -14.26921 3.09261   1.000 12.58491 ? 49  THR A CA  1 
ATOM   384  C C   . THR A 1 57  ? 7.07988   -13.46724 3.75968   1.000 13.25938 ? 49  THR A C   1 
ATOM   385  O O   . THR A 1 57  ? 6.45284   -13.93736 4.71700   1.000 15.39116 ? 49  THR A O   1 
ATOM   386  C CB  . THR A 1 57  ? 7.61031   -15.52309 2.43921   1.000 15.13870 ? 49  THR A CB  1 
ATOM   387  O OG1 . THR A 1 57  ? 8.66980   -16.23169 1.77969   1.000 15.20265 ? 49  THR A OG1 1 
ATOM   388  C CG2 . THR A 1 57  ? 6.53603   -15.13279 1.42839   1.000 15.84344 ? 49  THR A CG2 1 
ATOM   389  N N   . ILE A 1 58  ? 6.85312   -12.25894 3.25509   1.000 13.68270 ? 50  ILE A N   1 
ATOM   390  C CA  . ILE A 1 58  ? 5.80323   -11.37414 3.74172   1.000 12.36495 ? 50  ILE A CA  1 
ATOM   391  C C   . ILE A 1 58  ? 4.67713   -11.35595 2.71907   1.000 11.31618 ? 50  ILE A C   1 
ATOM   392  O O   . ILE A 1 58  ? 4.92665   -11.27018 1.51266   1.000 12.29812 ? 50  ILE A O   1 
ATOM   393  C CB  . ILE A 1 58  ? 6.35160   -9.95503  4.00017   1.000 13.49441 ? 50  ILE A CB  1 
ATOM   394  C CG1 . ILE A 1 58  ? 7.45005   -10.01353 5.06348   1.000 11.89469 ? 50  ILE A CG1 1 
ATOM   395  C CG2 . ILE A 1 58  ? 5.24161   -9.00285  4.42471   1.000 13.97487 ? 50  ILE A CG2 1 
ATOM   396  C CD1 . ILE A 1 58  ? 8.25419   -8.72974  5.17347   1.000 14.92140 ? 50  ILE A CD1 1 
ATOM   397  N N   . THR A 1 59  ? 3.43672   -11.45181 3.20245   1.000 12.14755 ? 51  THR A N   1 
ATOM   398  C CA  . THR A 1 59  ? 2.25137   -11.37951 2.35625   1.000 11.66738 ? 51  THR A CA  1 
ATOM   399  C C   . THR A 1 59  ? 1.40841   -10.18847 2.77992   1.000 12.86353 ? 51  THR A C   1 
ATOM   400  O O   . THR A 1 59  ? 1.11359   -10.03232 3.96528   1.000 15.56050 ? 51  THR A O   1 
ATOM   401  C CB  . THR A 1 59  ? 1.40356   -12.65111 2.45828   1.000 16.00313 ? 51  THR A CB  1 
ATOM   402  O OG1 . THR A 1 59  ? 2.20654   -13.79989 2.15497   1.000 16.52271 ? 51  THR A OG1 1 
ATOM   403  C CG2 . THR A 1 59  ? 0.23693   -12.58302 1.48519   1.000 16.50156 ? 51  THR A CG2 1 
ATOM   404  N N   . ILE A 1 60  ? 1.00598   -9.36147  1.81664   1.000 12.23234 ? 52  ILE A N   1 
ATOM   405  C CA  . ILE A 1 60  ? 0.11786   -8.23506  2.09179   1.000 8.48651  ? 52  ILE A CA  1 
ATOM   406  C C   . ILE A 1 60  ? -1.08984  -8.39774  1.18707   1.000 10.34097 ? 52  ILE A C   1 
ATOM   407  O O   . ILE A 1 60  ? -0.97090  -8.29659  -0.04256  1.000 10.90894 ? 52  ILE A O   1 
ATOM   408  C CB  . ILE A 1 60  ? 0.79035   -6.87281  1.86882   1.000 10.90060 ? 52  ILE A CB  1 
ATOM   409  C CG1 . ILE A 1 60  ? 2.00337   -6.69829  2.78662   1.000 14.06912 ? 52  ILE A CG1 1 
ATOM   410  C CG2 . ILE A 1 60  ? -0.19606  -5.74346  2.13370   1.000 11.57849 ? 52  ILE A CG2 1 
ATOM   411  C CD1 . ILE A 1 60  ? 2.75812   -5.40319  2.55363   1.000 13.73415 ? 52  ILE A CD1 1 
ATOM   412  N N   . LYS A 1 61  ? -2.24460  -8.66179  1.79366   1.000 10.26872 ? 53  LYS A N   1 
ATOM   413  C CA  . LYS A 1 61  ? -3.53992  -8.65394  1.12715   1.000 8.16368  ? 53  LYS A CA  1 
ATOM   414  C C   . LYS A 1 61  ? -4.23436  -7.33247  1.41842   1.000 10.88931 ? 53  LYS A C   1 
ATOM   415  O O   . LYS A 1 61  ? -4.24351  -6.87929  2.56574   1.000 12.68693 ? 53  LYS A O   1 
ATOM   416  C CB  . LYS A 1 61  ? -4.41397  -9.79885  1.64491   1.000 14.14442 ? 53  LYS A CB  1 
ATOM   417  C CG  . LYS A 1 61  ? -3.86839  -11.20665 1.39065   1.000 11.52051 ? 53  LYS A CG  1 
ATOM   418  C CD  . LYS A 1 61  ? -4.80722  -12.23655 2.04527   1.000 13.28404 ? 53  LYS A CD  1 
ATOM   419  C CE  . LYS A 1 61  ? -4.33310  -13.66841 1.83695   1.000 17.00937 ? 53  LYS A CE  1 
ATOM   420  N NZ  . LYS A 1 61  ? -5.15980  -14.63419 2.61715   1.000 18.35238 ? 53  LYS A NZ  1 
ATOM   421  N N   . THR A 1 62  ? -4.82614  -6.72153  0.39271   1.000 10.61397 ? 54  THR A N   1 
ATOM   422  C CA  . THR A 1 62  ? -5.66122  -5.53848  0.57249   1.000 12.46174 ? 54  THR A CA  1 
ATOM   423  C C   . THR A 1 62  ? -7.02519  -5.88013  -0.00568  1.000 14.78224 ? 54  THR A C   1 
ATOM   424  O O   . THR A 1 62  ? -7.11891  -6.31377  -1.15718  1.000 11.35305 ? 54  THR A O   1 
ATOM   425  C CB  . THR A 1 62  ? -5.05111  -4.30260  -0.09867  1.000 13.45135 ? 54  THR A CB  1 
ATOM   426  O OG1 . THR A 1 62  ? -3.66541  -4.19552  0.25866   1.000 12.31232 ? 54  THR A OG1 1 
ATOM   427  C CG2 . THR A 1 62  ? -5.75763  -3.05135  0.37922   1.000 12.26732 ? 54  THR A CG2 1 
ATOM   428  N N   . GLN A 1 63  ? -8.07088  -5.74535  0.80971   1.000 15.12891 ? 55  GLN A N   1 
ATOM   429  C CA  . GLN A 1 63  ? -9.38445  -6.26490  0.45652   1.000 11.94997 ? 55  GLN A CA  1 
ATOM   430  C C   . GLN A 1 63  ? -10.45429 -5.20085  0.63560   1.000 14.08941 ? 55  GLN A C   1 
ATOM   431  O O   . GLN A 1 63  ? -10.40469 -4.41192  1.57652   1.000 11.24124 ? 55  GLN A O   1 
ATOM   432  C CB  . GLN A 1 63  ? -9.70809  -7.51326  1.30172   1.000 14.85238 ? 55  GLN A CB  1 
ATOM   433  C CG  . GLN A 1 63  ? -8.59474  -8.54938  1.19344   1.000 15.58427 ? 55  GLN A CG  1 
ATOM   434  C CD  . GLN A 1 63  ? -8.95275  -9.89959  1.76764   1.000 19.98750 ? 55  GLN A CD  1 
ATOM   435  O OE1 . GLN A 1 63  ? -9.69026  -9.99656  2.74772   1.000 20.05452 ? 55  GLN A OE1 1 
ATOM   436  N NE2 . GLN A 1 63  ? -8.43575  -10.96113 1.14749   1.000 21.00368 ? 55  GLN A NE2 1 
ATOM   437  N N   . SER A 1 64  ? -11.41261 -5.17195  -0.28601  1.000 14.02217 ? 56  SER A N   1 
ATOM   438  C CA  . SER A 1 64  ? -12.47753 -4.18118  -0.23873  1.000 16.37300 ? 56  SER A CA  1 
ATOM   439  C C   . SER A 1 64  ? -13.63760 -4.70697  -1.06255  1.000 15.30732 ? 56  SER A C   1 
ATOM   440  O O   . SER A 1 64  ? -13.52817 -5.72939  -1.74219  1.000 17.31845 ? 56  SER A O   1 
ATOM   441  C CB  . SER A 1 64  ? -12.02004 -2.82956  -0.78427  1.000 16.31255 ? 56  SER A CB  1 
ATOM   442  O OG  . SER A 1 64  ? -11.86690 -2.91974  -2.18712  1.000 14.43920 ? 56  SER A OG  1 
ATOM   443  N N   . THR A 1 65  ? -14.75013 -3.97936  -1.00984  1.000 17.77618 ? 57  THR A N   1 
ATOM   444  C CA  . THR A 1 65  ? -15.90997 -4.35623  -1.80507  1.000 19.08957 ? 57  THR A CA  1 
ATOM   445  C C   . THR A 1 65  ? -15.68775 -4.12145  -3.28983  1.000 22.55595 ? 57  THR A C   1 
ATOM   446  O O   . THR A 1 65  ? -16.46105 -4.63296  -4.10787  1.000 25.87345 ? 57  THR A O   1 
ATOM   447  C CB  . THR A 1 65  ? -17.13444 -3.58858  -1.31148  1.000 21.41320 ? 57  THR A CB  1 
ATOM   448  O OG1 . THR A 1 65  ? -16.84223 -2.18496  -1.29031  1.000 23.61516 ? 57  THR A OG1 1 
ATOM   449  C CG2 . THR A 1 65  ? -17.48011 -4.03509  0.10540   1.000 25.84301 ? 57  THR A CG2 1 
ATOM   450  N N   . PHE A 1 66  ? -14.64326 -3.37926  -3.65457  1.000 17.43507 ? 58  PHE A N   1 
ATOM   451  C CA  . PHE A 1 66  ? -14.39429 -3.00734  -5.03975  1.000 14.45181 ? 58  PHE A CA  1 
ATOM   452  C C   . PHE A 1 66  ? -13.34182 -3.90788  -5.67105  1.000 18.17133 ? 58  PHE A C   1 
ATOM   453  O O   . PHE A 1 66  ? -13.62385 -4.62923  -6.63192  1.000 20.17134 ? 58  PHE A O   1 
ATOM   454  C CB  . PHE A 1 66  ? -13.96212 -1.53416  -5.08857  1.000 17.87688 ? 58  PHE A CB  1 
ATOM   455  C CG  . PHE A 1 66  ? -13.57383 -1.04637  -6.45627  1.000 16.50894 ? 58  PHE A CG  1 
ATOM   456  C CD1 . PHE A 1 66  ? -14.26934 -1.45119  -7.58169  1.000 17.38523 ? 58  PHE A CD1 1 
ATOM   457  C CD2 . PHE A 1 66  ? -12.52209 -0.16003  -6.61153  1.000 21.82735 ? 58  PHE A CD2 1 
ATOM   458  C CE1 . PHE A 1 66  ? -13.92301 -0.99290  -8.82671  1.000 17.30225 ? 58  PHE A CE1 1 
ATOM   459  C CE2 . PHE A 1 66  ? -12.16723 0.30345   -7.86227  1.000 23.25451 ? 58  PHE A CE2 1 
ATOM   460  C CZ  . PHE A 1 66  ? -12.86889 -0.12045  -8.97452  1.000 19.94511 ? 58  PHE A CZ  1 
ATOM   461  N N   . LYS A 1 67  ? -12.12371 -3.87338  -5.14010  1.000 17.55346 ? 59  LYS A N   1 
ATOM   462  C CA  . LYS A 1 67  ? -11.00522 -4.62484  -5.68254  1.000 17.15497 ? 59  LYS A CA  1 
ATOM   463  C C   . LYS A 1 67  ? -10.26452 -5.30334  -4.54139  1.000 13.20600 ? 59  LYS A C   1 
ATOM   464  O O   . LYS A 1 67  ? -10.28496 -4.82888  -3.40177  1.000 15.08158 ? 59  LYS A O   1 
ATOM   465  C CB  . LYS A 1 67  ? -10.02874 -3.72120  -6.45201  1.000 21.10199 ? 59  LYS A CB  1 
ATOM   466  N N   . ASN A 1 68  ? -9.60076  -6.41725  -4.86516  1.000 13.85218 ? 60  ASN A N   1 
ATOM   467  C CA  . ASN A 1 68  ? -8.82241  -7.16299  -3.88811  1.000 12.90192 ? 60  ASN A CA  1 
ATOM   468  C C   . ASN A 1 68  ? -7.41882  -7.28272  -4.48096  1.000 11.27876 ? 60  ASN A C   1 
ATOM   469  O O   . ASN A 1 68  ? -7.28303  -7.50992  -5.68483  1.000 13.95404 ? 60  ASN A O   1 
ATOM   470  C CB  . ASN A 1 68  ? -9.40948  -8.57992  -3.69675  1.000 19.12386 ? 60  ASN A CB  1 
ATOM   471  C CG  . ASN A 1 68  ? -10.42449 -8.68130  -2.53930  1.000 22.82949 ? 60  ASN A CG  1 
ATOM   472  O OD1 . ASN A 1 68  ? -10.77571 -7.69835  -1.90248  1.000 15.44391 ? 60  ASN A OD1 1 
ATOM   473  N ND2 . ASN A 1 68  ? -10.89460 -9.89399  -2.28079  1.000 39.49398 ? 60  ASN A ND2 1 
ATOM   474  N N   . THR A 1 69  ? -6.36580  -7.13709  -3.67493  1.000 11.59545 ? 61  THR A N   1 
ATOM   475  C CA  . THR A 1 69  ? -5.02241  -7.37118  -4.19480  1.000 11.01568 ? 61  THR A CA  1 
ATOM   476  C C   . THR A 1 69  ? -4.24832  -8.24122  -3.21593  1.000 13.04364 ? 61  THR A C   1 
ATOM   477  O O   . THR A 1 69  ? -4.57896  -8.31138  -2.03007  1.000 11.40686 ? 61  THR A O   1 
ATOM   478  C CB  . THR A 1 69  ? -4.21554  -6.07978  -4.43548  1.000 13.02288 ? 61  THR A CB  1 
ATOM   479  O OG1 . THR A 1 69  ? -4.04307  -5.35954  -3.20773  1.000 12.49037 ? 61  THR A OG1 1 
ATOM   480  C CG2 . THR A 1 69  ? -4.89600  -5.18785  -5.46711  1.000 15.16860 ? 61  THR A CG2 1 
ATOM   481  N N   . GLU A 1 70  ? -3.20445  -8.89627  -3.73305  1.000 12.95150 ? 62  GLU A N   1 
ATOM   482  C CA  . GLU A 1 70  ? -2.29498  -9.65443  -2.88492  1.000 10.43646 ? 62  GLU A CA  1 
ATOM   483  C C   . GLU A 1 70  ? -0.88275  -9.59936  -3.45610  1.000 11.37523 ? 62  GLU A C   1 
ATOM   484  O O   . GLU A 1 70  ? -0.69135  -9.77043  -4.66698  1.000 12.12327 ? 62  GLU A O   1 
ATOM   485  C CB  . GLU A 1 70  ? -2.75705  -11.10334 -2.73934  1.000 11.27190 ? 62  GLU A CB  1 
ATOM   486  C CG  . GLU A 1 70  ? -1.78443  -11.93410 -1.89624  1.000 11.20020 ? 62  GLU A CG  1 
ATOM   487  C CD  . GLU A 1 70  ? -2.23044  -13.36460 -1.69973  1.000 11.76916 ? 62  GLU A CD  1 
ATOM   488  O OE1 . GLU A 1 70  ? -3.44402  -13.58961 -1.57154  1.000 11.19119 ? 62  GLU A OE1 1 
ATOM   489  O OE2 . GLU A 1 70  ? -1.35210  -14.24710 -1.65039  1.000 12.36442 ? 62  GLU A OE2 1 
ATOM   490  N N   . ILE A 1 71  ? 0.10188   -9.34384  -2.58865  1.000 10.71907 ? 63  ILE A N   1 
ATOM   491  C CA  . ILE A 1 71  ? 1.50396   -9.44998  -2.97423  1.000 10.21608 ? 63  ILE A CA  1 
ATOM   492  C C   . ILE A 1 71  ? 2.23925   -10.33133 -1.97084  1.000 10.02307 ? 63  ILE A C   1 
ATOM   493  O O   . ILE A 1 71  ? 1.89917   -10.39290 -0.78278  1.000 10.61629 ? 63  ILE A O   1 
ATOM   494  C CB  . ILE A 1 71  ? 2.19844   -8.06882  -3.10525  1.000 11.82745 ? 63  ILE A CB  1 
ATOM   495  C CG1 . ILE A 1 71  ? 2.13272   -7.28939  -1.78691  1.000 11.44714 ? 63  ILE A CG1 1 
ATOM   496  C CG2 . ILE A 1 71  ? 1.58432   -7.27722  -4.26078  1.000 13.89967 ? 63  ILE A CG2 1 
ATOM   497  C CD1 . ILE A 1 71  ? 2.94346   -5.97790  -1.79916  1.000 11.20068 ? 63  ILE A CD1 1 
ATOM   498  N N   . ASN A 1 72  ? 3.24303   -11.04033 -2.47879  1.000 12.92290 ? 64  ASN A N   1 
ATOM   499  C CA  . ASN A 1 72  ? 4.11425   -11.90709 -1.69639  1.000 13.65612 ? 64  ASN A CA  1 
ATOM   500  C C   . ASN A 1 72  ? 5.54049   -11.54088 -2.05204  1.000 11.59120 ? 64  ASN A C   1 
ATOM   501  O O   . ASN A 1 72  ? 5.88648   -11.51051 -3.23642  1.000 15.00343 ? 64  ASN A O   1 
ATOM   502  C CB  . ASN A 1 72  ? 3.86372   -13.38692 -2.01528  1.000 13.80854 ? 64  ASN A CB  1 
ATOM   503  C CG  . ASN A 1 72  ? 2.50627   -13.85562 -1.57138  1.000 16.41917 ? 64  ASN A CG  1 
ATOM   504  O OD1 . ASN A 1 72  ? 2.32112   -14.25530 -0.42697  1.000 20.82353 ? 64  ASN A OD1 1 
ATOM   505  N ND2 . ASN A 1 72  ? 1.54294   -13.79934 -2.47010  1.000 14.16424 ? 64  ASN A ND2 1 
ATOM   506  N N   . PHE A 1 73  ? 6.36174   -11.25354 -1.04352  1.000 9.39024  ? 65  PHE A N   1 
ATOM   507  C CA  . PHE A 1 73  ? 7.69817   -10.76140 -1.34286  1.000 11.90044 ? 65  PHE A CA  1 
ATOM   508  C C   . PHE A 1 73  ? 8.63831   -11.07323 -0.19068  1.000 12.84476 ? 65  PHE A C   1 
ATOM   509  O O   . PHE A 1 73  ? 8.21192   -11.40564 0.92285   1.000 12.68240 ? 65  PHE A O   1 
ATOM   510  C CB  . PHE A 1 73  ? 7.67420   -9.25503  -1.62146  1.000 14.69034 ? 65  PHE A CB  1 
ATOM   511  C CG  . PHE A 1 73  ? 7.16357   -8.44443  -0.47087  1.000 11.03793 ? 65  PHE A CG  1 
ATOM   512  C CD1 . PHE A 1 73  ? 8.03806   -7.98961  0.50349   1.000 11.72898 ? 65  PHE A CD1 1 
ATOM   513  C CD2 . PHE A 1 73  ? 5.81252   -8.11372  -0.36582  1.000 12.69943 ? 65  PHE A CD2 1 
ATOM   514  C CE1 . PHE A 1 73  ? 7.58004   -7.24315  1.57206   1.000 11.65107 ? 65  PHE A CE1 1 
ATOM   515  C CE2 . PHE A 1 73  ? 5.35379   -7.35972  0.70281   1.000 12.36619 ? 65  PHE A CE2 1 
ATOM   516  C CZ  . PHE A 1 73  ? 6.24505   -6.92112  1.66966   1.000 14.15754 ? 65  PHE A CZ  1 
ATOM   517  N N   . GLN A 1 74  ? 9.92978   -10.99789 -0.49359  1.000 12.35433 ? 66  GLN A N   1 
ATOM   518  C CA  . GLN A 1 74  ? 10.97587  -10.97925 0.51419   1.000 12.22081 ? 66  GLN A CA  1 
ATOM   519  C C   . GLN A 1 74  ? 11.66336  -9.62720  0.47968   1.000 12.38311 ? 66  GLN A C   1 
ATOM   520  O O   . GLN A 1 74  ? 11.81727  -9.02680  -0.58984  1.000 13.23050 ? 66  GLN A O   1 
ATOM   521  C CB  . GLN A 1 74  ? 12.01289  -12.08199 0.29679   1.000 20.88373 ? 66  GLN A CB  1 
ATOM   522  C CG  . GLN A 1 74  ? 11.47210  -13.38109 -0.22607  1.000 25.28026 ? 66  GLN A CG  1 
ATOM   523  C CD  . GLN A 1 74  ? 12.58982  -14.28855 -0.67937  1.000 37.43049 ? 66  GLN A CD  1 
ATOM   524  O OE1 . GLN A 1 74  ? 12.96409  -14.30071 -1.85395  1.000 37.63659 ? 66  GLN A OE1 1 
ATOM   525  N NE2 . GLN A 1 74  ? 13.16210  -15.02602 0.26501   1.000 32.95918 ? 66  GLN A NE2 1 
ATOM   526  N N   . LEU A 1 75  ? 12.05661  -9.14021  1.65304   1.000 11.21109 ? 67  LEU A N   1 
ATOM   527  C CA  . LEU A 1 75  ? 12.71783  -7.84634  1.69566   1.000 12.56320 ? 67  LEU A CA  1 
ATOM   528  C C   . LEU A 1 75  ? 13.94861  -7.85209  0.80165   1.000 15.67781 ? 67  LEU A C   1 
ATOM   529  O O   . LEU A 1 75  ? 14.74119  -8.80012  0.81608   1.000 18.06488 ? 67  LEU A O   1 
ATOM   530  C CB  . LEU A 1 75  ? 13.09893  -7.48962  3.12816   1.000 11.31160 ? 67  LEU A CB  1 
ATOM   531  C CG  . LEU A 1 75  ? 11.87949  -7.35149  4.04134   1.000 9.97461  ? 67  LEU A CG  1 
ATOM   532  C CD1 . LEU A 1 75  ? 12.33292  -7.24460  5.49013   1.000 19.97399 ? 67  LEU A CD1 1 
ATOM   533  C CD2 . LEU A 1 75  ? 11.03401  -6.14211  3.64658   1.000 11.08549 ? 67  LEU A CD2 1 
ATOM   534  N N   . GLY A 1 76  ? 14.09198  -6.79331  0.01236   1.000 11.69125 ? 68  GLY A N   1 
ATOM   535  C CA  . GLY A 1 76  ? 15.27379  -6.59257  -0.80166  1.000 16.36505 ? 68  GLY A CA  1 
ATOM   536  C C   . GLY A 1 76  ? 15.32784  -7.36950  -2.09550  1.000 16.49640 ? 68  GLY A C   1 
ATOM   537  O O   . GLY A 1 76  ? 16.36210  -7.33039  -2.77542  1.000 15.11884 ? 68  GLY A O   1 
ATOM   538  N N   . ILE A 1 77  ? 14.25996  -8.07623  -2.46510  1.000 12.67685 ? 69  ILE A N   1 
ATOM   539  C CA  . ILE A 1 77  ? 14.24031  -8.87800  -3.68421  1.000 13.47240 ? 69  ILE A CA  1 
ATOM   540  C C   . ILE A 1 77  ? 13.14244  -8.32278  -4.58229  1.000 11.97215 ? 69  ILE A C   1 
ATOM   541  O O   . ILE A 1 77  ? 11.96800  -8.29705  -4.18939  1.000 13.46991 ? 69  ILE A O   1 
ATOM   542  C CB  . ILE A 1 77  ? 13.99689  -10.36479 -3.38841  1.000 15.17914 ? 69  ILE A CB  1 
ATOM   543  C CG1 . ILE A 1 77  ? 15.07516  -10.90036 -2.44566  1.000 23.52270 ? 69  ILE A CG1 1 
ATOM   544  C CG2 . ILE A 1 77  ? 13.99011  -11.16104 -4.69093  1.000 18.31656 ? 69  ILE A CG2 1 
ATOM   545  C CD1 . ILE A 1 77  ? 16.38634  -11.20887 -3.11299  1.000 27.57154 ? 69  ILE A CD1 1 
ATOM   546  N N   . GLU A 1 78  ? 13.51956  -7.88012  -5.77861  1.000 11.99077 ? 70  GLU A N   1 
ATOM   547  C CA  . GLU A 1 78  ? 12.54304  -7.28192  -6.68095  1.000 9.37527  ? 70  GLU A CA  1 
ATOM   548  C C   . GLU A 1 78  ? 11.49900  -8.31612  -7.09473  1.000 14.83912 ? 70  GLU A C   1 
ATOM   549  O O   . GLU A 1 78  ? 11.80758  -9.49864  -7.26613  1.000 14.89426 ? 70  GLU A O   1 
ATOM   550  C CB  . GLU A 1 78  ? 13.23568  -6.73504  -7.92621  1.000 10.80636 ? 70  GLU A CB  1 
ATOM   551  C CG  . GLU A 1 78  ? 12.31692  -5.87036  -8.79511  1.000 14.18421 ? 70  GLU A CG  1 
ATOM   552  C CD  . GLU A 1 78  ? 13.02296  -5.31259  -10.01473 1.000 19.38336 ? 70  GLU A CD  1 
ATOM   553  O OE1 . GLU A 1 78  ? 13.81053  -4.35570  -9.86773  1.000 13.11909 ? 70  GLU A OE1 1 
ATOM   554  O OE2 . GLU A 1 78  ? 12.80284  -5.84621  -11.11967 1.000 19.35438 ? 70  GLU A OE2 1 
ATOM   555  N N   . PHE A 1 79  ? 10.25402  -7.86070  -7.27455  1.000 12.78865 ? 71  PHE A N   1 
ATOM   556  C CA  . PHE A 1 79  ? 9.18745   -8.74357  -7.73584  1.000 9.15079  ? 71  PHE A CA  1 
ATOM   557  C C   . PHE A 1 79  ? 8.26235   -7.99329  -8.68431  1.000 12.72145 ? 71  PHE A C   1 
ATOM   558  O O   . PHE A 1 79  ? 8.16108   -6.76686  -8.64542  1.000 14.39100 ? 71  PHE A O   1 
ATOM   559  C CB  . PHE A 1 79  ? 8.38144   -9.33088  -6.56357  1.000 11.52687 ? 71  PHE A CB  1 
ATOM   560  C CG  . PHE A 1 79  ? 7.72948   -8.29619  -5.67952  1.000 12.29606 ? 71  PHE A CG  1 
ATOM   561  C CD1 . PHE A 1 79  ? 8.47370   -7.60025  -4.73686  1.000 11.54668 ? 71  PHE A CD1 1 
ATOM   562  C CD2 . PHE A 1 79  ? 6.36894   -8.04166  -5.77895  1.000 14.90747 ? 71  PHE A CD2 1 
ATOM   563  C CE1 . PHE A 1 79  ? 7.87213   -6.65875  -3.91629  1.000 13.94789 ? 71  PHE A CE1 1 
ATOM   564  C CE2 . PHE A 1 79  ? 5.76418   -7.11036  -4.96769  1.000 12.28282 ? 71  PHE A CE2 1 
ATOM   565  C CZ  . PHE A 1 79  ? 6.51473   -6.41794  -4.02795  1.000 14.26086 ? 71  PHE A CZ  1 
ATOM   566  N N   . ASP A 1 80  ? 7.59794   -8.75783  -9.55807  1.000 11.28000 ? 72  ASP A N   1 
ATOM   567  C CA  . ASP A 1 80  ? 6.56480   -8.20909  -10.42583 1.000 11.18616 ? 72  ASP A CA  1 
ATOM   568  C C   . ASP A 1 80  ? 5.25199   -8.06615  -9.66580  1.000 11.23117 ? 72  ASP A C   1 
ATOM   569  O O   . ASP A 1 80  ? 4.85183   -8.95867  -8.91041  1.000 12.19368 ? 72  ASP A O   1 
ATOM   570  C CB  . ASP A 1 80  ? 6.34100   -9.11323  -11.63855 1.000 12.51731 ? 72  ASP A CB  1 
ATOM   571  C CG  . ASP A 1 80  ? 7.52246   -9.13605  -12.58788 1.000 18.09999 ? 72  ASP A CG  1 
ATOM   572  O OD1 . ASP A 1 80  ? 7.91315   -8.06194  -13.05872 1.000 20.00984 ? 72  ASP A OD1 1 
ATOM   573  O OD2 . ASP A 1 80  ? 8.05393   -10.23122 -12.88049 1.000 22.46295 ? 72  ASP A OD2 1 
ATOM   574  N N   . GLU A 1 81  ? 4.55550   -6.96025  -9.90969  1.000 10.70066 ? 73  GLU A N   1 
ATOM   575  C CA  . GLU A 1 81  ? 3.27971   -6.70556  -9.25506  1.000 11.02936 ? 73  GLU A CA  1 
ATOM   576  C C   . GLU A 1 81  ? 2.31235   -6.10652  -10.26800 1.000 11.93305 ? 73  GLU A C   1 
ATOM   577  O O   . GLU A 1 81  ? 2.71903   -5.33693  -11.14277 1.000 12.69949 ? 73  GLU A O   1 
ATOM   578  C CB  . GLU A 1 81  ? 3.48625   -5.77300  -8.04969  1.000 12.17052 ? 73  GLU A CB  1 
ATOM   579  C CG  . GLU A 1 81  ? 2.20988   -5.23041  -7.41156  1.000 14.26699 ? 73  GLU A CG  1 
ATOM   580  C CD  . GLU A 1 81  ? 2.48011   -4.25461  -6.29138  1.000 13.96463 ? 73  GLU A CD  1 
ATOM   581  O OE1 . GLU A 1 81  ? 3.66436   -3.89420  -6.06762  1.000 13.69174 ? 73  GLU A OE1 1 
ATOM   582  O OE2 . GLU A 1 81  ? 1.50536   -3.84542  -5.62326  1.000 12.97037 ? 73  GLU A OE2 1 
ATOM   583  N N   . VAL A 1 82  ? 1.04374   -6.49841  -10.17864 1.000 13.26978 ? 74  VAL A N   1 
ATOM   584  C CA  . VAL A 1 82  ? -0.02756  -5.84851  -10.92252 1.000 10.37377 ? 74  VAL A CA  1 
ATOM   585  C C   . VAL A 1 82  ? -0.89676  -5.13467  -9.89939  1.000 11.89338 ? 74  VAL A C   1 
ATOM   586  O O   . VAL A 1 82  ? -1.57713  -5.77800  -9.09519  1.000 14.01320 ? 74  VAL A O   1 
ATOM   587  C CB  . VAL A 1 82  ? -0.84552  -6.84031  -11.75954 1.000 15.28319 ? 74  VAL A CB  1 
ATOM   588  C CG1 . VAL A 1 82  ? -1.90277  -6.08146  -12.57077 1.000 17.76057 ? 74  VAL A CG1 1 
ATOM   589  C CG2 . VAL A 1 82  ? 0.05969   -7.62171  -12.69020 1.000 18.07338 ? 74  VAL A CG2 1 
ATOM   590  N N   . THR A 1 83  ? -0.86276  -3.80230  -9.91426  1.000 11.17360 ? 75  THR A N   1 
ATOM   591  C CA  . THR A 1 83  ? -1.52961  -3.01575  -8.88759  1.000 10.31968 ? 75  THR A CA  1 
ATOM   592  C C   . THR A 1 83  ? -3.03999  -3.01847  -9.08896  1.000 11.99119 ? 75  THR A C   1 
ATOM   593  O O   . THR A 1 83  ? -3.55189  -3.46536  -10.11377 1.000 12.10727 ? 75  THR A O   1 
ATOM   594  C CB  . THR A 1 83  ? -1.00919  -1.58471  -8.89476  1.000 12.10238 ? 75  THR A CB  1 
ATOM   595  O OG1 . THR A 1 83  ? -1.39961  -0.94858  -10.11504 1.000 13.13883 ? 75  THR A OG1 1 
ATOM   596  C CG2 . THR A 1 83  ? 0.51591   -1.56955  -8.79637  1.000 11.55907 ? 75  THR A CG2 1 
ATOM   597  N N   . ALA A 1 84  ? -3.75456  -2.48359  -8.08934  1.000 12.68869 ? 76  ALA A N   1 
ATOM   598  C CA  . ALA A 1 84  ? -5.21417  -2.48159  -8.15235  1.000 14.52760 ? 76  ALA A CA  1 
ATOM   599  C C   . ALA A 1 84  ? -5.71875  -1.71653  -9.36471  1.000 15.52200 ? 76  ALA A C   1 
ATOM   600  O O   . ALA A 1 84  ? -6.76530  -2.06758  -9.92938  1.000 16.79247 ? 76  ALA A O   1 
ATOM   601  C CB  . ALA A 1 84  ? -5.79508  -1.89017  -6.87404  1.000 12.41494 ? 76  ALA A CB  1 
ATOM   602  N N   . ASP A 1 85  ? -4.99499  -0.67440  -9.77946  1.000 12.14113 ? 77  ASP A N   1 
ATOM   603  C CA  . ASP A 1 85  ? -5.31821  0.08127   -10.98090 1.000 12.52149 ? 77  ASP A CA  1 
ATOM   604  C C   . ASP A 1 85  ? -4.59445  -0.44280  -12.21820 1.000 14.45854 ? 77  ASP A C   1 
ATOM   605  O O   . ASP A 1 85  ? -4.46810  0.28461   -13.20859 1.000 14.83452 ? 77  ASP A O   1 
ATOM   606  C CB  . ASP A 1 85  ? -5.02382  1.57004   -10.76870 1.000 12.46816 ? 77  ASP A CB  1 
ATOM   607  C CG  . ASP A 1 85  ? -3.57221  1.83859   -10.40037 1.000 12.30240 ? 77  ASP A CG  1 
ATOM   608  O OD1 . ASP A 1 85  ? -2.99534  1.06903   -9.59203  1.000 14.42938 ? 77  ASP A OD1 1 
ATOM   609  O OD2 . ASP A 1 85  ? -3.02286  2.83961   -10.92394 1.000 12.34551 ? 77  ASP A OD2 1 
ATOM   610  N N   . ASP A 1 86  ? -4.14129  -1.70070  -12.18391 1.000 12.97026 ? 78  ASP A N   1 
ATOM   611  C CA  . ASP A 1 86  ? -3.67577  -2.43529  -13.35517 1.000 14.41805 ? 78  ASP A CA  1 
ATOM   612  C C   . ASP A 1 86  ? -2.40407  -1.85178  -13.94507 1.000 18.30792 ? 78  ASP A C   1 
ATOM   613  O O   . ASP A 1 86  ? -2.18223  -1.94719  -15.15139 1.000 18.28789 ? 78  ASP A O   1 
ATOM   614  C CB  . ASP A 1 86  ? -4.74909  -2.52196  -14.44791 1.000 16.65884 ? 78  ASP A CB  1 
ATOM   615  C CG  . ASP A 1 86  ? -5.94538  -3.32230  -14.01869 1.000 26.11914 ? 78  ASP A CG  1 
ATOM   616  O OD1 . ASP A 1 86  ? -5.75089  -4.39846  -13.41416 1.000 24.94203 ? 78  ASP A OD1 1 
ATOM   617  O OD2 . ASP A 1 86  ? -7.08193  -2.88594  -14.30390 1.000 29.57393 ? 78  ASP A OD2 1 
ATOM   618  N N   . ARG A 1 87  ? -1.57544  -1.22391  -13.12218 1.000 11.94103 ? 79  ARG A N   1 
ATOM   619  C CA  . ARG A 1 87  ? -0.20795  -0.94800  -13.52659 1.000 13.64038 ? 79  ARG A CA  1 
ATOM   620  C C   . ARG A 1 87  ? 0.60813   -2.22021  -13.35985 1.000 12.50322 ? 79  ARG A C   1 
ATOM   621  O O   . ARG A 1 87  ? 0.48253   -2.90848  -12.34496 1.000 12.24415 ? 79  ARG A O   1 
ATOM   622  C CB  . ARG A 1 87  ? 0.40588   0.17044   -12.68798 1.000 11.80813 ? 79  ARG A CB  1 
ATOM   623  C CG  . ARG A 1 87  ? -0.10723  1.56236   -13.01193 1.000 9.39462  ? 79  ARG A CG  1 
ATOM   624  C CD  . ARG A 1 87  ? 0.42616   2.58432   -12.02957 1.000 10.64284 ? 79  ARG A CD  1 
ATOM   625  N NE  . ARG A 1 87  ? -0.23463  2.42176   -10.73961 1.000 10.53315 ? 79  ARG A NE  1 
ATOM   626  C CZ  . ARG A 1 87  ? 0.36959   2.23082   -9.57789  1.000 11.12301 ? 79  ARG A CZ  1 
ATOM   627  N NH1 . ARG A 1 87  ? 1.69174   2.26418   -9.46323  1.000 11.73849 ? 79  ARG A NH1 1 
ATOM   628  N NH2 . ARG A 1 87  ? -0.37540  1.98717   -8.50060  1.000 10.40076 ? 79  ARG A NH2 1 
ATOM   629  N N   . LYS A 1 88  ? 1.41626   -2.54123  -14.36504 1.000 13.72825 ? 80  LYS A N   1 
ATOM   630  C CA  . LYS A 1 88  ? 2.35252   -3.66659  -14.29552 1.000 11.08755 ? 80  LYS A CA  1 
ATOM   631  C C   . LYS A 1 88  ? 3.67868   -3.08231  -13.83768 1.000 10.34653 ? 80  LYS A C   1 
ATOM   632  O O   . LYS A 1 88  ? 4.37757   -2.42478  -14.61324 1.000 14.22976 ? 80  LYS A O   1 
ATOM   633  C CB  . LYS A 1 88  ? 2.47807   -4.33941  -15.65942 1.000 12.20821 ? 80  LYS A CB  1 
ATOM   634  C CG  . LYS A 1 88  ? 1.16457   -4.86660  -16.21454 1.000 19.75595 ? 80  LYS A CG  1 
ATOM   635  C CD  . LYS A 1 88  ? 1.41349   -5.65300  -17.49848 1.000 24.56077 ? 80  LYS A CD  1 
ATOM   636  C CE  . LYS A 1 88  ? 0.17336   -6.43924  -17.92557 1.000 33.81651 ? 80  LYS A CE  1 
ATOM   637  N NZ  . LYS A 1 88  ? -1.02050  -6.13014  -17.09300 1.000 42.95087 ? 80  LYS A NZ  1 
ATOM   638  N N   . VAL A 1 89  ? 4.00926   -3.26993  -12.55808 1.000 12.03118 ? 81  VAL A N   1 
ATOM   639  C CA  . VAL A 1 89  ? 5.13241   -2.55920  -11.95990 1.000 9.02907  ? 81  VAL A CA  1 
ATOM   640  C C   . VAL A 1 89  ? 6.21020   -3.54446  -11.53431 1.000 10.13696 ? 81  VAL A C   1 
ATOM   641  O O   . VAL A 1 89  ? 5.97048   -4.74381  -11.33864 1.000 10.51127 ? 81  VAL A O   1 
ATOM   642  C CB  . VAL A 1 89  ? 4.70564   -1.69430  -10.75609 1.000 9.57692  ? 81  VAL A CB  1 
ATOM   643  C CG1 . VAL A 1 89  ? 3.56969   -0.74740  -11.15725 1.000 10.05537 ? 81  VAL A CG1 1 
ATOM   644  C CG2 . VAL A 1 89  ? 4.29733   -2.57803  -9.57941  1.000 11.80733 ? 81  VAL A CG2 1 
ATOM   645  N N   . LYS A 1 90  ? 7.41969   -3.00719  -11.39837 1.000 10.49707 ? 82  LYS A N   1 
ATOM   646  C CA  . LYS A 1 90  ? 8.53754   -3.68985  -10.75568 1.000 11.72039 ? 82  LYS A CA  1 
ATOM   647  C C   . LYS A 1 90  ? 8.63710   -3.12411  -9.34708  1.000 10.05532 ? 82  LYS A C   1 
ATOM   648  O O   . LYS A 1 90  ? 8.76007   -1.90742  -9.17999  1.000 10.77434 ? 82  LYS A O   1 
ATOM   649  C CB  . LYS A 1 90  ? 9.84232   -3.44752  -11.51153 1.000 11.32998 ? 82  LYS A CB  1 
ATOM   650  C CG  . LYS A 1 90  ? 9.87781   -3.98961  -12.94189 1.000 12.26583 ? 82  LYS A CG  1 
ATOM   651  C CD  . LYS A 1 90  ? 9.79922   -5.50026  -12.95019 1.000 15.67636 ? 82  LYS A CD  1 
ATOM   652  C CE  . LYS A 1 90  ? 9.96566   -6.04980  -14.36074 1.000 18.39128 ? 82  LYS A CE  1 
ATOM   653  N NZ  . LYS A 1 90  ? 10.14657  -7.52837  -14.27756 1.000 17.46507 ? 82  LYS A NZ  1 
ATOM   654  N N   . SER A 1 91  ? 8.59177   -3.99388  -8.34458  1.000 10.47616 ? 83  SER A N   1 
ATOM   655  C CA  . SER A 1 91  ? 8.43983   -3.56201  -6.96320  1.000 9.85397  ? 83  SER A CA  1 
ATOM   656  C C   . SER A 1 91  ? 9.59644   -4.03792  -6.09325  1.000 10.02477 ? 83  SER A C   1 
ATOM   657  O O   . SER A 1 91  ? 10.16686  -5.10838  -6.30617  1.000 12.23085 ? 83  SER A O   1 
ATOM   658  C CB  . SER A 1 91  ? 7.13180   -4.09135  -6.37301  1.000 12.94119 ? 83  SER A CB  1 
ATOM   659  O OG  . SER A 1 91  ? 6.01947   -3.39214  -6.91047  1.000 11.10630 ? 83  SER A OG  1 
ATOM   660  N N   . LEU A 1 92  ? 9.92179   -3.23960  -5.08841  1.000 9.51020  ? 84  LEU A N   1 
ATOM   661  C CA  . LEU A 1 92  ? 10.93904  -3.59659  -4.11602  1.000 10.89782 ? 84  LEU A CA  1 
ATOM   662  C C   . LEU A 1 92  ? 10.48088  -3.10946  -2.75403  1.000 9.91038  ? 84  LEU A C   1 
ATOM   663  O O   . LEU A 1 92  ? 10.11575  -1.94021  -2.61351  1.000 11.42853 ? 84  LEU A O   1 
ATOM   664  C CB  . LEU A 1 92  ? 12.27665  -2.95308  -4.47749  1.000 9.72502  ? 84  LEU A CB  1 
ATOM   665  C CG  . LEU A 1 92  ? 13.44942  -3.29263  -3.55262  1.000 11.65824 ? 84  LEU A CG  1 
ATOM   666  C CD1 . LEU A 1 92  ? 13.85005  -4.72780  -3.74979  1.000 14.42126 ? 84  LEU A CD1 1 
ATOM   667  C CD2 . LEU A 1 92  ? 14.63170  -2.34665  -3.82893  1.000 16.51893 ? 84  LEU A CD2 1 
ATOM   668  N N   . VAL A 1 93  ? 10.50373  -3.98809  -1.75612  1.000 11.70083 ? 85  VAL A N   1 
ATOM   669  C CA  . VAL A 1 93  ? 10.17972  -3.60867  -0.38396  1.000 8.07756  ? 85  VAL A CA  1 
ATOM   670  C C   . VAL A 1 93  ? 11.40930  -3.82520  0.48797   1.000 9.95683  ? 85  VAL A C   1 
ATOM   671  O O   . VAL A 1 93  ? 12.04193  -4.88498  0.43259   1.000 11.42450 ? 85  VAL A O   1 
ATOM   672  C CB  . VAL A 1 93  ? 8.98070   -4.40215  0.16726   1.000 12.34092 ? 85  VAL A CB  1 
ATOM   673  C CG1 . VAL A 1 93  ? 8.61623   -3.89199  1.54614   1.000 10.50583 ? 85  VAL A CG1 1 
ATOM   674  C CG2 . VAL A 1 93  ? 7.76719   -4.28607  -0.78140  1.000 10.79230 ? 85  VAL A CG2 1 
ATOM   675  N N   . THR A 1 94  ? 11.73341  -2.83232  1.30579   1.000 9.95220  ? 86  THR A N   1 
ATOM   676  C CA  . THR A 1 94  ? 12.84220  -2.93364  2.24518   1.000 9.85526  ? 86  THR A CA  1 
ATOM   677  C C   . THR A 1 94  ? 12.39422  -2.40268  3.59851   1.000 10.05476 ? 86  THR A C   1 
ATOM   678  O O   . THR A 1 94  ? 11.36949  -1.72724  3.71722   1.000 10.85080 ? 86  THR A O   1 
ATOM   679  C CB  . THR A 1 94  ? 14.06091  -2.13867  1.76128   1.000 12.73503 ? 86  THR A CB  1 
ATOM   680  O OG1 . THR A 1 94  ? 13.65435  -0.78664  1.49862   1.000 12.23356 ? 86  THR A OG1 1 
ATOM   681  C CG2 . THR A 1 94  ? 14.65452  -2.76376  0.48252   1.000 14.30180 ? 86  THR A CG2 1 
ATOM   682  N N   . LEU A 1 95  ? 13.19072  -2.69993  4.61696   1.000 10.15107 ? 87  LEU A N   1 
ATOM   683  C CA  . LEU A 1 95  ? 13.02899  -2.11547  5.94105   1.000 11.12853 ? 87  LEU A CA  1 
ATOM   684  C C   . LEU A 1 95  ? 14.02655  -0.98726  6.11874   1.000 12.67320 ? 87  LEU A C   1 
ATOM   685  O O   . LEU A 1 95  ? 15.22039  -1.16441  5.85539   1.000 15.29923 ? 87  LEU A O   1 
ATOM   686  C CB  . LEU A 1 95  ? 13.26071  -3.15226  7.04005   1.000 12.84814 ? 87  LEU A CB  1 
ATOM   687  C CG  . LEU A 1 95  ? 12.10492  -3.93969  7.63419   1.000 18.02066 ? 87  LEU A CG  1 
ATOM   688  C CD1 . LEU A 1 95  ? 12.68657  -4.93639  8.63690   1.000 20.75596 ? 87  LEU A CD1 1 
ATOM   689  C CD2 . LEU A 1 95  ? 11.08713  -3.00332  8.29303   1.000 17.26173 ? 87  LEU A CD2 1 
ATOM   690  N N   . ASP A 1 96  ? 13.54783  0.15806   6.58875   1.000 9.84763  ? 88  ASP A N   1 
ATOM   691  C CA  . ASP A 1 96  ? 14.41429  1.26706   6.98040   1.000 8.85896  ? 88  ASP A CA  1 
ATOM   692  C C   . ASP A 1 96  ? 13.99663  1.64164   8.39607   1.000 13.39030 ? 88  ASP A C   1 
ATOM   693  O O   . ASP A 1 96  ? 12.91768  2.20707   8.58897   1.000 11.93604 ? 88  ASP A O   1 
ATOM   694  C CB  . ASP A 1 96  ? 14.26059  2.44755   6.02072   1.000 11.83569 ? 88  ASP A CB  1 
ATOM   695  C CG  . ASP A 1 96  ? 15.29993  3.53339   6.24551   1.000 14.07205 ? 88  ASP A CG  1 
ATOM   696  O OD1 . ASP A 1 96  ? 16.22987  3.28952   7.03073   1.000 15.70852 ? 88  ASP A OD1 1 
ATOM   697  O OD2 . ASP A 1 96  ? 15.18496  4.61540   5.62838   1.000 20.32586 ? 88  ASP A OD2 1 
ATOM   698  N N   . GLY A 1 97  ? 14.80757  1.28073   9.38920   1.000 14.20775 ? 89  GLY A N   1 
ATOM   699  C CA  . GLY A 1 97  ? 14.35197  1.47945   10.75924  1.000 12.88870 ? 89  GLY A CA  1 
ATOM   700  C C   . GLY A 1 97  ? 13.10123  0.65479   11.00070  1.000 15.82191 ? 89  GLY A C   1 
ATOM   701  O O   . GLY A 1 97  ? 13.07851  -0.56348  10.78848  1.000 17.95908 ? 89  GLY A O   1 
ATOM   702  N N   . GLY A 1 98  ? 12.03491  1.31234   11.43793  1.000 14.49701 ? 90  GLY A N   1 
ATOM   703  C CA  . GLY A 1 98  ? 10.75711  0.65634   11.62187  1.000 18.54889 ? 90  GLY A CA  1 
ATOM   704  C C   . GLY A 1 98  ? 9.80907   0.80152   10.45281  1.000 23.26361 ? 90  GLY A C   1 
ATOM   705  O O   . GLY A 1 98  ? 8.63083   0.44812   10.58329  1.000 22.41076 ? 90  GLY A O   1 
ATOM   706  N N   . LYS A 1 99  ? 10.28206  1.29916   9.31385   1.000 14.23014 ? 91  LYS A N   1 
ATOM   707  C CA  . LYS A 1 99  ? 9.42910   1.62562   8.17582   1.000 12.89552 ? 91  LYS A CA  1 
ATOM   708  C C   . LYS A 1 99  ? 9.57636   0.55454   7.09926   1.000 13.99381 ? 91  LYS A C   1 
ATOM   709  O O   . LYS A 1 99  ? 10.69862  0.19361   6.73444   1.000 12.92239 ? 91  LYS A O   1 
ATOM   710  C CB  . LYS A 1 99  ? 9.81464   2.98863   7.60274   1.000 13.38238 ? 91  LYS A CB  1 
ATOM   711  C CG  . LYS A 1 99  ? 9.59369   4.18891   8.54532   1.000 18.11591 ? 91  LYS A CG  1 
ATOM   712  C CD  . LYS A 1 99  ? 9.57657   5.48007   7.74124   1.000 27.15471 ? 91  LYS A CD  1 
ATOM   713  C CE  . LYS A 1 99  ? 10.24542  6.64460   8.47397   1.000 33.28786 ? 91  LYS A CE  1 
ATOM   714  N NZ  . LYS A 1 99  ? 9.50299   7.08782   9.68936   1.000 33.10796 ? 91  LYS A NZ  1 
ATOM   715  N N   . LEU A 1 100 ? 8.45150   0.04996   6.59337   1.000 9.66108  ? 92  LEU A N   1 
ATOM   716  C CA  . LEU A 1 100 ? 8.46243   -0.78771  5.40178   1.000 8.44375  ? 92  LEU A CA  1 
ATOM   717  C C   . LEU A 1 100 ? 8.27898   0.11957   4.19528   1.000 11.53969 ? 92  LEU A C   1 
ATOM   718  O O   . LEU A 1 100 ? 7.25129   0.79173   4.07733   1.000 12.10984 ? 92  LEU A O   1 
ATOM   719  C CB  . LEU A 1 100 ? 7.34839   -1.83253  5.43546   1.000 11.61538 ? 92  LEU A CB  1 
ATOM   720  C CG  . LEU A 1 100 ? 7.57977   -3.15016  6.16238   1.000 18.10734 ? 92  LEU A CG  1 
ATOM   721  C CD1 . LEU A 1 100 ? 6.24366   -3.89195  6.26512   1.000 17.87132 ? 92  LEU A CD1 1 
ATOM   722  C CD2 . LEU A 1 100 ? 8.63383   -4.00558  5.46461   1.000 16.71437 ? 92  LEU A CD2 1 
ATOM   723  N N   . ILE A 1 101 ? 9.25554   0.12969   3.29381   1.000 11.34584 ? 93  ILE A N   1 
ATOM   724  C CA  . ILE A 1 101 ? 9.24745   1.01227   2.12990   1.000 6.99012  ? 93  ILE A CA  1 
ATOM   725  C C   . ILE A 1 101 ? 9.06779   0.18144   0.87529   1.000 7.71734  ? 93  ILE A C   1 
ATOM   726  O O   . ILE A 1 101 ? 9.91763   -0.64948  0.55458   1.000 13.04985 ? 93  ILE A O   1 
ATOM   727  C CB  . ILE A 1 101 ? 10.52231  1.86291   2.04096   1.000 9.15688  ? 93  ILE A CB  1 
ATOM   728  C CG1 . ILE A 1 101 ? 10.87547  2.47573   3.39937   1.000 14.56697 ? 93  ILE A CG1 1 
ATOM   729  C CG2 . ILE A 1 101 ? 10.42658  2.87950   0.92045   1.000 10.03330 ? 93  ILE A CG2 1 
ATOM   730  C CD1 . ILE A 1 101 ? 12.08246  3.32647   3.33169   1.000 19.61817 ? 93  ILE A CD1 1 
ATOM   731  N N   . HIS A 1 102 ? 7.96579   0.42668   0.16382   1.000 9.96077  ? 94  HIS A N   1 
ATOM   732  C CA  . HIS A 1 102 ? 7.56864   -0.30397  -1.03898  1.000 9.08671  ? 94  HIS A CA  1 
ATOM   733  C C   . HIS A 1 102 ? 7.66108   0.67196   -2.20860  1.000 9.83281  ? 94  HIS A C   1 
ATOM   734  O O   . HIS A 1 102 ? 6.89539   1.64146   -2.27332  1.000 10.08111 ? 94  HIS A O   1 
ATOM   735  C CB  . HIS A 1 102 ? 6.14309   -0.83258  -0.83572  1.000 10.57298 ? 94  HIS A CB  1 
ATOM   736  C CG  . HIS A 1 102 ? 5.55669   -1.56482  -2.00709  1.000 11.01951 ? 94  HIS A CG  1 
ATOM   737  N ND1 . HIS A 1 102 ? 4.25556   -2.03083  -1.99364  1.000 13.82129 ? 94  HIS A ND1 1 
ATOM   738  C CD2 . HIS A 1 102 ? 6.06770   -1.91208  -3.21213  1.000 13.25206 ? 94  HIS A CD2 1 
ATOM   739  C CE1 . HIS A 1 102 ? 3.99604   -2.63997  -3.13756  1.000 16.03164 ? 94  HIS A CE1 1 
ATOM   740  N NE2 . HIS A 1 102 ? 5.07581   -2.58067  -3.89420  1.000 14.28960 ? 94  HIS A NE2 1 
ATOM   741  N N   . VAL A 1 103 ? 8.60751   0.43900   -3.12221  1.000 12.08455 ? 95  VAL A N   1 
ATOM   742  C CA  . VAL A 1 103 ? 8.79450   1.28933   -4.29260  1.000 7.35337  ? 95  VAL A CA  1 
ATOM   743  C C   . VAL A 1 103 ? 8.29211   0.53366   -5.51152  1.000 9.88735  ? 95  VAL A C   1 
ATOM   744  O O   . VAL A 1 103 ? 8.65387   -0.62894  -5.71269  1.000 10.05205 ? 95  VAL A O   1 
ATOM   745  C CB  . VAL A 1 103 ? 10.26747  1.69003   -4.47898  1.000 9.74464  ? 95  VAL A CB  1 
ATOM   746  C CG1 . VAL A 1 103 ? 10.43902  2.55595   -5.73211  1.000 12.38722 ? 95  VAL A CG1 1 
ATOM   747  C CG2 . VAL A 1 103 ? 10.78270  2.40840   -3.23233  1.000 12.57695 ? 95  VAL A CG2 1 
ATOM   748  N N   . GLN A 1 104 ? 7.45197   1.19164   -6.31377  1.000 10.19561 ? 96  GLN A N   1 
ATOM   749  C CA  . GLN A 1 104 ? 6.93374   0.64059   -7.55820  1.000 9.83909  ? 96  GLN A CA  1 
ATOM   750  C C   . GLN A 1 104 ? 7.44210   1.46152   -8.73033  1.000 9.42191  ? 96  GLN A C   1 
ATOM   751  O O   . GLN A 1 104 ? 7.42472   2.69227   -8.68336  1.000 10.18901 ? 96  GLN A O   1 
ATOM   752  C CB  . GLN A 1 104 ? 5.40046   0.66525   -7.57674  1.000 9.19205  ? 96  GLN A CB  1 
ATOM   753  C CG  . GLN A 1 104 ? 4.75328   -0.14876  -6.48359  1.000 10.41435 ? 96  GLN A CG  1 
ATOM   754  C CD  . GLN A 1 104 ? 3.25750   0.02965   -6.46933  1.000 9.59724  ? 96  GLN A CD  1 
ATOM   755  O OE1 . GLN A 1 104 ? 2.75078   1.08970   -6.85734  1.000 10.56000 ? 96  GLN A OE1 1 
ATOM   756  N NE2 . GLN A 1 104 ? 2.53400   -0.99405  -6.02566  1.000 12.66601 ? 96  GLN A NE2 1 
ATOM   757  N N   . LYS A 1 105 ? 7.83192   0.78041   -9.80827  1.000 9.29757  ? 97  LYS A N   1 
ATOM   758  C CA  . LYS A 1 105 ? 8.31138   1.45120   -11.00747 1.000 8.26570  ? 97  LYS A CA  1 
ATOM   759  C C   . LYS A 1 105 ? 7.60506   0.91172   -12.23909 1.000 10.41597 ? 97  LYS A C   1 
ATOM   760  O O   . LYS A 1 105 ? 7.42836   -0.30172  -12.37681 1.000 9.66393  ? 97  LYS A O   1 
ATOM   761  C CB  . LYS A 1 105 ? 9.82394   1.26988   -11.19287 1.000 9.34759  ? 97  LYS A CB  1 
ATOM   762  C CG  . LYS A 1 105 ? 10.62838  1.94100   -10.10244 1.000 11.90792 ? 97  LYS A CG  1 
ATOM   763  C CD  . LYS A 1 105 ? 12.12416  1.73713   -10.29741 1.000 11.20085 ? 97  LYS A CD  1 
ATOM   764  C CE  . LYS A 1 105 ? 12.88927  2.21975   -9.07588  1.000 15.77505 ? 97  LYS A CE  1 
ATOM   765  N NZ  . LYS A 1 105 ? 14.36640  2.01943   -9.21768  1.000 18.31866 ? 97  LYS A NZ  1 
ATOM   766  N N   . TRP A 1 106 ? 7.21655   1.82044   -13.13657 1.000 9.39648  ? 98  TRP A N   1 
ATOM   767  C CA  . TRP A 1 106 ? 6.57153   1.43800   -14.38792 1.000 9.21427  ? 98  TRP A CA  1 
ATOM   768  C C   . TRP A 1 106 ? 6.67457   2.60538   -15.36406 1.000 11.01204 ? 98  TRP A C   1 
ATOM   769  O O   . TRP A 1 106 ? 6.47758   3.75668   -14.97758 1.000 11.14745 ? 98  TRP A O   1 
ATOM   770  C CB  . TRP A 1 106 ? 5.10014   1.04948   -14.16241 1.000 10.96316 ? 98  TRP A CB  1 
ATOM   771  C CG  . TRP A 1 106 ? 4.22366   2.22920   -13.91128 1.000 10.55175 ? 98  TRP A CG  1 
ATOM   772  C CD1 . TRP A 1 106 ? 3.31025   2.77021   -14.77264 1.000 10.58916 ? 98  TRP A CD1 1 
ATOM   773  C CD2 . TRP A 1 106 ? 4.19519   3.04875   -12.73326 1.000 10.12277 ? 98  TRP A CD2 1 
ATOM   774  N NE1 . TRP A 1 106 ? 2.70542   3.86566   -14.19912 1.000 12.48512 ? 98  TRP A NE1 1 
ATOM   775  C CE2 . TRP A 1 106 ? 3.23628   4.06171   -12.95100 1.000 11.64508 ? 98  TRP A CE2 1 
ATOM   776  C CE3 . TRP A 1 106 ? 4.87727   3.01460   -11.50821 1.000 12.66528 ? 98  TRP A CE3 1 
ATOM   777  C CZ2 . TRP A 1 106 ? 2.95178   5.04639   -11.99657 1.000 13.68339 ? 98  TRP A CZ2 1 
ATOM   778  C CZ3 . TRP A 1 106 ? 4.59714   3.99555   -10.56622 1.000 10.54576 ? 98  TRP A CZ3 1 
ATOM   779  C CH2 . TRP A 1 106 ? 3.64238   4.99956   -10.81863 1.000 12.02224 ? 98  TRP A CH2 1 
ATOM   780  N N   . ASN A 1 107 ? 6.97808   2.29998   -16.62624 1.000 11.44136 ? 99  ASN A N   1 
ATOM   781  C CA  . ASN A 1 107 ? 6.94190   3.29725   -17.69265 1.000 10.02838 ? 99  ASN A CA  1 
ATOM   782  C C   . ASN A 1 107 ? 7.73758   4.54856   -17.34259 1.000 11.57762 ? 99  ASN A C   1 
ATOM   783  O O   . ASN A 1 107 ? 7.35883   5.67077   -17.68560 1.000 13.42961 ? 99  ASN A O   1 
ATOM   784  C CB  . ASN A 1 107 ? 5.50212   3.66382   -18.04676 1.000 12.51425 ? 99  ASN A CB  1 
ATOM   785  C CG  . ASN A 1 107 ? 4.74730   2.50342   -18.65084 1.000 11.88699 ? 99  ASN A CG  1 
ATOM   786  O OD1 . ASN A 1 107 ? 5.35245   1.56968   -19.17878 1.000 13.70840 ? 99  ASN A OD1 1 
ATOM   787  N ND2 . ASN A 1 107 ? 3.41398   2.58179   -18.62940 1.000 12.49025 ? 99  ASN A ND2 1 
ATOM   788  N N   . GLY A 1 108 ? 8.84733   4.35982   -16.63754 1.000 12.21901 ? 100 GLY A N   1 
ATOM   789  C CA  . GLY A 1 108 ? 9.70308   5.48276   -16.31695 1.000 12.94453 ? 100 GLY A CA  1 
ATOM   790  C C   . GLY A 1 108 ? 9.25501   6.29453   -15.12499 1.000 15.34728 ? 100 GLY A C   1 
ATOM   791  O O   . GLY A 1 108 ? 9.85310   7.34105   -14.84716 1.000 13.54001 ? 100 GLY A O   1 
ATOM   792  N N   . GLN A 1 109 ? 8.21191   5.84825   -14.43503 1.000 10.30708 ? 101 GLN A N   1 
ATOM   793  C CA  . GLN A 1 109 ? 7.60131   6.50239   -13.28810 1.000 10.44170 ? 101 GLN A CA  1 
ATOM   794  C C   . GLN A 1 109 ? 7.90285   5.70204   -12.03271 1.000 10.52508 ? 101 GLN A C   1 
ATOM   795  O O   . GLN A 1 109 ? 8.33251   4.54511   -12.08791 1.000 11.36236 ? 101 GLN A O   1 
ATOM   796  C CB  . GLN A 1 109 ? 6.08612   6.59817   -13.48470 1.000 12.06706 ? 101 GLN A CB  1 
ATOM   797  C CG  . GLN A 1 109 ? 5.69351   7.43500   -14.68174 1.000 13.02428 ? 101 GLN A CG  1 
ATOM   798  C CD  . GLN A 1 109 ? 4.31501   7.08613   -15.18571 1.000 16.90513 ? 101 GLN A CD  1 
ATOM   799  O OE1 . GLN A 1 109 ? 3.31485   7.52375   -14.64189 1.000 18.85527 ? 101 GLN A OE1 1 
ATOM   800  N NE2 . GLN A 1 109 ? 4.26142   6.28667   -16.24954 1.000 21.01393 ? 101 GLN A NE2 1 
ATOM   801  N N   . GLU A 1 110 ? 7.61937   6.31922   -10.88778 1.000 11.47532 ? 102 GLU A N   1 
ATOM   802  C CA  . GLU A 1 110 ? 7.90933   5.68974   -9.61076  1.000 10.62297 ? 102 GLU A CA  1 
ATOM   803  C C   . GLU A 1 110 ? 6.96055   6.23073   -8.55064  1.000 10.93457 ? 102 GLU A C   1 
ATOM   804  O O   . GLU A 1 110 ? 6.64268   7.42145   -8.54591  1.000 11.54036 ? 102 GLU A O   1 
ATOM   805  C CB  . GLU A 1 110 ? 9.35974   5.96302   -9.22917  1.000 16.39194 ? 102 GLU A CB  1 
ATOM   806  C CG  . GLU A 1 110 ? 9.83093   5.35013   -7.96186  1.000 18.78219 ? 102 GLU A CG  1 
ATOM   807  C CD  . GLU A 1 110 ? 11.16415  5.94659   -7.58077  1.000 24.81085 ? 102 GLU A CD  1 
ATOM   808  O OE1 . GLU A 1 110 ? 12.12588  5.74596   -8.35417  1.000 19.23390 ? 102 GLU A OE1 1 
ATOM   809  O OE2 . GLU A 1 110 ? 11.23110  6.65572   -6.55349  1.000 20.26995 ? 102 GLU A OE2 1 
ATOM   810  N N   . THR A 1 111 ? 6.49750   5.34400   -7.66571  1.000 10.35325 ? 103 THR A N   1 
ATOM   811  C CA  . THR A 1 111 ? 5.71409   5.75317   -6.50921  1.000 9.77906  ? 103 THR A CA  1 
ATOM   812  C C   . THR A 1 111 ? 6.18982   4.95898   -5.30409  1.000 10.49948 ? 103 THR A C   1 
ATOM   813  O O   . THR A 1 111 ? 6.68246   3.83456   -5.44534  1.000 9.23258  ? 103 THR A O   1 
ATOM   814  C CB  . THR A 1 111 ? 4.19944   5.56829   -6.74575  1.000 8.33890  ? 103 THR A CB  1 
ATOM   815  O OG1 . THR A 1 111 ? 3.47160   6.12470   -5.64474  1.000 10.93289 ? 103 THR A OG1 1 
ATOM   816  C CG2 . THR A 1 111 ? 3.82039   4.10488   -6.87469  1.000 8.16159  ? 103 THR A CG2 1 
ATOM   817  N N   . THR A 1 112 ? 6.09394   5.56223   -4.11718  1.000 9.02747  ? 104 THR A N   1 
ATOM   818  C CA  . THR A 1 112 ? 6.55138   4.89750   -2.90175  1.000 10.39933 ? 104 THR A CA  1 
ATOM   819  C C   . THR A 1 112 ? 5.40342   4.79590   -1.91242  1.000 11.11196 ? 104 THR A C   1 
ATOM   820  O O   . THR A 1 112 ? 4.68392   5.77541   -1.68618  1.000 12.95971 ? 104 THR A O   1 
ATOM   821  C CB  . THR A 1 112 ? 7.75444   5.63217   -2.29087  1.000 14.69447 ? 104 THR A CB  1 
ATOM   822  O OG1 . THR A 1 112 ? 8.83654   5.60714   -3.23458  1.000 11.21670 ? 104 THR A OG1 1 
ATOM   823  C CG2 . THR A 1 112 ? 8.22962   4.95108   -1.01324  1.000 13.92724 ? 104 THR A CG2 1 
ATOM   824  N N   . LEU A 1 113 ? 5.22230   3.60060   -1.34459  1.000 8.05415  ? 105 LEU A N   1 
ATOM   825  C CA  . LEU A 1 113 ? 4.21421   3.34680   -0.32135  1.000 9.72154  ? 105 LEU A CA  1 
ATOM   826  C C   . LEU A 1 113 ? 4.97064   2.99849   0.95143   1.000 12.86566 ? 105 LEU A C   1 
ATOM   827  O O   . LEU A 1 113 ? 5.62601   1.95756   1.00903   1.000 12.40108 ? 105 LEU A O   1 
ATOM   828  C CB  . LEU A 1 113 ? 3.28779   2.20357   -0.73669  1.000 11.21583 ? 105 LEU A CB  1 
ATOM   829  C CG  . LEU A 1 113 ? 2.54888   2.27311   -2.08165  1.000 11.36998 ? 105 LEU A CG  1 
ATOM   830  C CD1 . LEU A 1 113 ? 3.44041   1.88623   -3.27604  1.000 13.66062 ? 105 LEU A CD1 1 
ATOM   831  C CD2 . LEU A 1 113 ? 1.35392   1.32296   -2.05480  1.000 14.79465 ? 105 LEU A CD2 1 
ATOM   832  N N   . THR A 1 114 ? 4.88961   3.86140   1.95746   1.000 10.48678 ? 106 THR A N   1 
ATOM   833  C CA  . THR A 1 114 ? 5.61976   3.65522   3.20203   1.000 11.05345 ? 106 THR A CA  1 
ATOM   834  C C   . THR A 1 114 ? 4.64799   3.26023   4.29318   1.000 9.30471  ? 106 THR A C   1 
ATOM   835  O O   . THR A 1 114 ? 3.61379   3.90457   4.45770   1.000 11.72378 ? 106 THR A O   1 
ATOM   836  C CB  . THR A 1 114 ? 6.37410   4.91371   3.61252   1.000 13.17912 ? 106 THR A CB  1 
ATOM   837  O OG1 . THR A 1 114 ? 7.29592   5.27520   2.57213   1.000 17.07402 ? 106 THR A OG1 1 
ATOM   838  C CG2 . THR A 1 114 ? 7.14336   4.67117   4.92004   1.000 13.01863 ? 106 THR A CG2 1 
ATOM   839  N N   . ARG A 1 115 ? 4.98963   2.21596   5.04845   1.000 10.37110 ? 107 ARG A N   1 
ATOM   840  C CA  . ARG A 1 115 ? 4.15636   1.76513   6.15134   1.000 11.50229 ? 107 ARG A CA  1 
ATOM   841  C C   . ARG A 1 115 ? 4.94768   1.87785   7.44131   1.000 12.38805 ? 107 ARG A C   1 
ATOM   842  O O   . ARG A 1 115 ? 6.08763   1.42225   7.51422   1.000 12.24150 ? 107 ARG A O   1 
ATOM   843  C CB  . ARG A 1 115 ? 3.69807   0.32570   5.93293   1.000 12.20797 ? 107 ARG A CB  1 
ATOM   844  C CG  . ARG A 1 115 ? 2.63630   0.20997   4.83681   1.000 11.25982 ? 107 ARG A CG  1 
ATOM   845  C CD  . ARG A 1 115 ? 2.20701   -1.22218  4.69635   1.000 16.65246 ? 107 ARG A CD  1 
ATOM   846  N NE  . ARG A 1 115 ? 1.11437   -1.35592  3.73957   1.000 18.80696 ? 107 ARG A NE  1 
ATOM   847  C CZ  . ARG A 1 115 ? 1.28839   -1.50847  2.43478   1.000 18.41017 ? 107 ARG A CZ  1 
ATOM   848  N NH1 . ARG A 1 115 ? 2.49583   -1.53579  1.89268   1.000 16.75091 ? 107 ARG A NH1 1 
ATOM   849  N NH2 . ARG A 1 115 ? 0.21817   -1.64863  1.65171   1.000 20.68239 ? 107 ARG A NH2 1 
ATOM   850  N N   . GLU A 1 116 ? 4.34819   2.48986   8.44969   1.000 12.32860 ? 108 GLU A N   1 
ATOM   851  C CA  . GLU A 1 116 ? 5.02693   2.63064   9.72587   1.000 12.48489 ? 108 GLU A CA  1 
ATOM   852  C C   . GLU A 1 116 ? 4.00978   2.52197   10.83846  1.000 14.63552 ? 108 GLU A C   1 
ATOM   853  O O   . GLU A 1 116 ? 2.83737   2.86266   10.65872  1.000 16.36194 ? 108 GLU A O   1 
ATOM   854  C CB  . GLU A 1 116 ? 5.76843   3.94284   9.85940   1.000 16.52902 ? 108 GLU A CB  1 
ATOM   855  C CG  . GLU A 1 116 ? 4.86329   5.14612   9.90569   1.000 18.49751 ? 108 GLU A CG  1 
ATOM   856  C CD  . GLU A 1 116 ? 5.62516   6.40558   9.58737   1.000 30.65477 ? 108 GLU A CD  1 
ATOM   857  O OE1 . GLU A 1 116 ? 5.17554   7.19276   8.73282   1.000 24.11773 ? 108 GLU A OE1 1 
ATOM   858  O OE2 . GLU A 1 116 ? 6.64769   6.63021   10.27836  1.000 19.69288 ? 108 GLU A OE2 1 
ATOM   859  N N   . LEU A 1 117 ? 4.46212   2.02862   11.98205  1.000 15.59365 ? 109 LEU A N   1 
ATOM   860  C CA  . LEU A 1 117 ? 3.60578   1.94594   13.15512  1.000 13.52493 ? 109 LEU A CA  1 
ATOM   861  C C   . LEU A 1 117 ? 3.83715   3.17665   14.01220  1.000 15.10209 ? 109 LEU A C   1 
ATOM   862  O O   . LEU A 1 117 ? 4.98262   3.49431   14.36421  1.000 17.49593 ? 109 LEU A O   1 
ATOM   863  C CB  . LEU A 1 117 ? 3.86630   0.67041   13.95548  1.000 16.43032 ? 109 LEU A CB  1 
ATOM   864  C CG  . LEU A 1 117 ? 3.61114   -0.59045  13.12281  1.000 17.13405 ? 109 LEU A CG  1 
ATOM   865  C CD1 . LEU A 1 117 ? 4.07980   -1.80178  13.87989  1.000 24.89660 ? 109 LEU A CD1 1 
ATOM   866  C CD2 . LEU A 1 117 ? 2.14634   -0.73588  12.70503  1.000 20.42579 ? 109 LEU A CD2 1 
ATOM   867  N N   . VAL A 1 118 ? 2.75159   3.88398   14.31765  1.000 15.28652 ? 110 VAL A N   1 
ATOM   868  C CA  . VAL A 1 118 ? 2.78694   5.10442   15.10663  1.000 14.66199 ? 110 VAL A CA  1 
ATOM   869  C C   . VAL A 1 118 ? 1.69457   4.99507   16.16039  1.000 27.46018 ? 110 VAL A C   1 
ATOM   870  O O   . VAL A 1 118 ? 0.50250   5.06560   15.82957  1.000 21.14584 ? 110 VAL A O   1 
ATOM   871  C CB  . VAL A 1 118 ? 2.58256   6.35764   14.24663  1.000 21.08888 ? 110 VAL A CB  1 
ATOM   872  C CG1 . VAL A 1 118 ? 2.62179   7.59715   15.11025  1.000 21.50881 ? 110 VAL A CG1 1 
ATOM   873  C CG2 . VAL A 1 118 ? 3.64025   6.43443   13.15371  1.000 20.61082 ? 110 VAL A CG2 1 
ATOM   874  N N   . ASP A 1 119 ? 2.09837   4.83161   17.42462  1.000 25.18486 ? 111 ASP A N   1 
ATOM   875  C CA  . ASP A 1 119 ? 1.16537   4.75806   18.55049  1.000 29.82492 ? 111 ASP A CA  1 
ATOM   876  C C   . ASP A 1 119 ? 0.13300   3.65000   18.33036  1.000 25.67260 ? 111 ASP A C   1 
ATOM   877  O O   . ASP A 1 119 ? -1.06013  3.82455   18.58317  1.000 31.07750 ? 111 ASP A O   1 
ATOM   878  C CB  . ASP A 1 119 ? 0.48357   6.11132   18.78722  1.000 37.41196 ? 111 ASP A CB  1 
ATOM   879  C CG  . ASP A 1 119 ? -0.28834  6.16363   20.10111  1.000 43.04029 ? 111 ASP A CG  1 
ATOM   880  O OD1 . ASP A 1 119 ? -1.17433  7.03430   20.23376  1.000 42.07661 ? 111 ASP A OD1 1 
ATOM   881  O OD2 . ASP A 1 119 ? -0.00008  5.34314   21.00065  1.000 40.33127 ? 111 ASP A OD2 1 
ATOM   882  N N   . GLY A 1 120 ? 0.59312   2.50487   17.82354  1.000 26.18926 ? 112 GLY A N   1 
ATOM   883  C CA  . GLY A 1 120 ? -0.26918  1.35998   17.61605  1.000 25.40507 ? 112 GLY A CA  1 
ATOM   884  C C   . GLY A 1 120 ? -1.04035  1.33511   16.31185  1.000 21.87558 ? 112 GLY A C   1 
ATOM   885  O O   . GLY A 1 120 ? -1.62312  0.29277   15.98419  1.000 21.00654 ? 112 GLY A O   1 
ATOM   886  N N   . LYS A 1 121 ? -1.08390  2.43768   15.56464  1.000 19.48866 ? 113 LYS A N   1 
ATOM   887  C CA  . LYS A 1 121 ? -1.78112  2.48627   14.28600  1.000 14.49044 ? 113 LYS A CA  1 
ATOM   888  C C   . LYS A 1 121 ? -0.79343  2.26075   13.14896  1.000 15.05010 ? 113 LYS A C   1 
ATOM   889  O O   . LYS A 1 121 ? 0.39283   2.54945   13.27808  1.000 15.69668 ? 113 LYS A O   1 
ATOM   890  C CB  . LYS A 1 121 ? -2.47341  3.83546   14.09110  1.000 18.09179 ? 113 LYS A CB  1 
ATOM   891  C CG  . LYS A 1 121 ? -3.41017  4.21977   15.23097  1.000 22.49365 ? 113 LYS A CG  1 
ATOM   892  C CD  . LYS A 1 121 ? -4.61495  4.98407   14.73034  1.000 30.92509 ? 113 LYS A CD  1 
ATOM   893  C CE  . LYS A 1 121 ? -5.21299  5.85679   15.83171  1.000 44.26476 ? 113 LYS A CE  1 
ATOM   894  N NZ  . LYS A 1 121 ? -5.90757  5.04779   16.86522  1.000 37.23503 ? 113 LYS A NZ  1 
ATOM   895  N N   . LEU A 1 122 ? -1.29224  1.75817   12.02483  1.000 12.12638 ? 114 LEU A N   1 
ATOM   896  C CA  . LEU A 1 122 ? -0.47358  1.60681   10.82688  1.000 12.18862 ? 114 LEU A CA  1 
ATOM   897  C C   . LEU A 1 122 ? -0.72675  2.81142   9.93014   1.000 14.36354 ? 114 LEU A C   1 
ATOM   898  O O   . LEU A 1 122 ? -1.85049  3.00543   9.44750   1.000 14.75042 ? 114 LEU A O   1 
ATOM   899  C CB  . LEU A 1 122 ? -0.80065  0.29622   10.10632  1.000 11.69075 ? 114 LEU A CB  1 
ATOM   900  C CG  . LEU A 1 122 ? 0.09218   -0.16074  8.94084   1.000 15.03216 ? 114 LEU A CG  1 
ATOM   901  C CD1 . LEU A 1 122 ? -0.16492  -1.63893  8.69594   1.000 20.20379 ? 114 LEU A CD1 1 
ATOM   902  C CD2 . LEU A 1 122 ? -0.15644  0.62469   7.68238   1.000 20.69934 ? 114 LEU A CD2 1 
ATOM   903  N N   . ILE A 1 123 ? 0.30528   3.62128   9.71013   1.000 11.51681 ? 115 ILE A N   1 
ATOM   904  C CA  . ILE A 1 123 ? 0.19650   4.77538   8.82687   1.000 11.60163 ? 115 ILE A CA  1 
ATOM   905  C C   . ILE A 1 123 ? 0.80521   4.39357   7.48726   1.000 11.94310 ? 115 ILE A C   1 
ATOM   906  O O   . ILE A 1 123 ? 1.98092   4.02228   7.41645   1.000 11.93032 ? 115 ILE A O   1 
ATOM   907  C CB  . ILE A 1 123 ? 0.89942   6.00825   9.40754   1.000 11.97855 ? 115 ILE A CB  1 
ATOM   908  C CG1 . ILE A 1 123 ? 0.45668   6.25168   10.85207  1.000 16.34413 ? 115 ILE A CG1 1 
ATOM   909  C CG2 . ILE A 1 123 ? 0.60901   7.21158   8.54074   1.000 12.11668 ? 115 ILE A CG2 1 
ATOM   910  C CD1 . ILE A 1 123 ? -1.02593  6.40783   10.99769  1.000 14.83786 ? 115 ILE A CD1 1 
ATOM   911  N N   . LEU A 1 124 ? 0.00940   4.47995   6.43083   1.000 11.22635 ? 116 LEU A N   1 
ATOM   912  C CA  . LEU A 1 124 ? 0.45235   4.21311   5.07329   1.000 9.53582  ? 116 LEU A CA  1 
ATOM   913  C C   . LEU A 1 124 ? 0.56714   5.55450   4.36648   1.000 10.87674 ? 116 LEU A C   1 
ATOM   914  O O   . LEU A 1 124 ? -0.42979  6.26932   4.23518   1.000 10.41102 ? 116 LEU A O   1 
ATOM   915  C CB  . LEU A 1 124 ? -0.53666  3.29213   4.35048   1.000 11.19679 ? 116 LEU A CB  1 
ATOM   916  C CG  . LEU A 1 124 ? -0.38837  3.13155   2.83523   1.000 10.57193 ? 116 LEU A CG  1 
ATOM   917  C CD1 . LEU A 1 124 ? 0.90822   2.42442   2.44922   1.000 11.65018 ? 116 LEU A CD1 1 
ATOM   918  C CD2 . LEU A 1 124 ? -1.57214  2.36102   2.27842   1.000 12.42691 ? 116 LEU A CD2 1 
ATOM   919  N N   . THR A 1 125 ? 1.77849   5.91462   3.94492   1.000 11.56632 ? 117 THR A N   1 
ATOM   920  C CA  . THR A 1 125 ? 1.99752   7.15970   3.22167   1.000 9.91718  ? 117 THR A CA  1 
ATOM   921  C C   . THR A 1 125 ? 2.28751   6.83491   1.76398   1.000 9.31300  ? 117 THR A C   1 
ATOM   922  O O   . THR A 1 125 ? 3.17923   6.03202   1.47045   1.000 13.01094 ? 117 THR A O   1 
ATOM   923  C CB  . THR A 1 125 ? 3.14823   7.96995   3.81849   1.000 12.58321 ? 117 THR A CB  1 
ATOM   924  O OG1 . THR A 1 125 ? 2.89993   8.18358   5.21459   1.000 12.51407 ? 117 THR A OG1 1 
ATOM   925  C CG2 . THR A 1 125 ? 3.23052   9.32368   3.12670   1.000 14.77675 ? 117 THR A CG2 1 
ATOM   926  N N   . LEU A 1 126 ? 1.51765   7.44711   0.86498   1.000 9.10109  ? 118 LEU A N   1 
ATOM   927  C CA  . LEU A 1 126 ? 1.58314   7.18851   -0.56592  1.000 9.45873  ? 118 LEU A CA  1 
ATOM   928  C C   . LEU A 1 126 ? 2.12074   8.43812   -1.23530  1.000 9.26050  ? 118 LEU A C   1 
ATOM   929  O O   . LEU A 1 126 ? 1.50802   9.50226   -1.12860  1.000 11.67385 ? 118 LEU A O   1 
ATOM   930  C CB  . LEU A 1 126 ? 0.19892   6.85353   -1.11967  1.000 9.89833  ? 118 LEU A CB  1 
ATOM   931  C CG  . LEU A 1 126 ? -0.52897  5.73179   -0.38103  1.000 10.15568 ? 118 LEU A CG  1 
ATOM   932  C CD1 . LEU A 1 126 ? -2.02820  5.79548   -0.66380  1.000 14.23370 ? 118 LEU A CD1 1 
ATOM   933  C CD2 . LEU A 1 126 ? 0.02827   4.40051   -0.75713  1.000 15.00354 ? 118 LEU A CD2 1 
ATOM   934  N N   . THR A 1 127 ? 3.24869   8.31291   -1.93244  1.000 9.16469  ? 119 THR A N   1 
ATOM   935  C CA  . THR A 1 127 ? 3.88481   9.46614   -2.54909  1.000 10.64252 ? 119 THR A CA  1 
ATOM   936  C C   . THR A 1 127 ? 4.05246   9.21982   -4.03898  1.000 10.71733 ? 119 THR A C   1 
ATOM   937  O O   . THR A 1 127 ? 4.59762   8.19027   -4.43885  1.000 11.35448 ? 119 THR A O   1 
ATOM   938  C CB  . THR A 1 127 ? 5.24157   9.74101   -1.90450  1.000 15.69332 ? 119 THR A CB  1 
ATOM   939  O OG1 . THR A 1 127 ? 5.04233   10.06493  -0.51678  1.000 17.73789 ? 119 THR A OG1 1 
ATOM   940  C CG2 . THR A 1 127 ? 5.91348   10.90413  -2.60966  1.000 19.02823 ? 119 THR A CG2 1 
ATOM   941  N N   . HIS A 1 128 ? 3.57200   10.15476  -4.85480  1.000 10.04818 ? 120 HIS A N   1 
ATOM   942  C CA  . HIS A 1 128 ? 3.83509   10.13288  -6.29143  1.000 10.53098 ? 120 HIS A CA  1 
ATOM   943  C C   . HIS A 1 128 ? 4.15056   11.55888  -6.70154  1.000 14.85703 ? 120 HIS A C   1 
ATOM   944  O O   . HIS A 1 128 ? 3.27279   12.42193  -6.62649  1.000 16.90939 ? 120 HIS A O   1 
ATOM   945  C CB  . HIS A 1 128 ? 2.64831   9.58684   -7.08007  1.000 13.43801 ? 120 HIS A CB  1 
ATOM   946  C CG  . HIS A 1 128 ? 2.88513   9.51593   -8.55483  1.000 13.39381 ? 120 HIS A CG  1 
ATOM   947  N ND1 . HIS A 1 128 ? 2.00402   10.03860  -9.47708  1.000 15.28935 ? 120 HIS A ND1 1 
ATOM   948  C CD2 . HIS A 1 128 ? 3.90211   8.97743   -9.27072  1.000 15.75187 ? 120 HIS A CD2 1 
ATOM   949  C CE1 . HIS A 1 128 ? 2.46749   9.82700   -10.69806 1.000 18.82868 ? 120 HIS A CE1 1 
ATOM   950  N NE2 . HIS A 1 128 ? 3.61746   9.18481   -10.60028 1.000 18.18082 ? 120 HIS A NE2 1 
ATOM   951  N N   . GLY A 1 129 ? 5.39104   11.79517  -7.11199  1.000 23.36138 ? 121 GLY A N   1 
ATOM   952  C CA  . GLY A 1 129 ? 5.83435   13.15407  -7.37304  1.000 28.07173 ? 121 GLY A CA  1 
ATOM   953  C C   . GLY A 1 129 ? 5.65607   13.98630  -6.12100  1.000 16.69182 ? 121 GLY A C   1 
ATOM   954  O O   . GLY A 1 129 ? 6.19209   13.66472  -5.05026  1.000 26.11958 ? 121 GLY A O   1 
ATOM   955  N N   . SER A 1 130 ? 4.85684   15.04115  -6.23707  1.000 20.63223 ? 122 SER A N   1 
ATOM   956  C CA  . SER A 1 130 ? 4.59424   15.96006  -5.13668  1.000 24.60313 ? 122 SER A CA  1 
ATOM   957  C C   . SER A 1 130 ? 3.31387   15.63617  -4.37671  1.000 21.48022 ? 122 SER A C   1 
ATOM   958  O O   . SER A 1 130 ? 3.02473   16.28942  -3.36649  1.000 20.73545 ? 122 SER A O   1 
ATOM   959  C CB  . SER A 1 130 ? 4.53169   17.39847  -5.66325  1.000 24.00314 ? 122 SER A CB  1 
ATOM   960  O OG  . SER A 1 130 ? 3.33431   17.62750  -6.38370  1.000 30.74426 ? 122 SER A OG  1 
ATOM   961  N N   . VAL A 1 131 ? 2.55037   14.64257  -4.81636  1.000 16.01463 ? 123 VAL A N   1 
ATOM   962  C CA  . VAL A 1 131 ? 1.28302   14.30681  -4.18358  1.000 14.36618 ? 123 VAL A CA  1 
ATOM   963  C C   . VAL A 1 131 ? 1.56298   13.31971  -3.06256  1.000 14.60754 ? 123 VAL A C   1 
ATOM   964  O O   . VAL A 1 131 ? 2.28800   12.34299  -3.26595  1.000 15.23755 ? 123 VAL A O   1 
ATOM   965  C CB  . VAL A 1 131 ? 0.30164   13.71101  -5.20499  1.000 18.75438 ? 123 VAL A CB  1 
ATOM   966  C CG1 . VAL A 1 131 ? -0.97708  13.30776  -4.52860  1.000 20.40530 ? 123 VAL A CG1 1 
ATOM   967  C CG2 . VAL A 1 131 ? 0.03464   14.71032  -6.32603  1.000 28.32594 ? 123 VAL A CG2 1 
ATOM   968  N N   . VAL A 1 132 ? 1.01104   13.58372  -1.87953  1.000 15.43073 ? 124 VAL A N   1 
ATOM   969  C CA  . VAL A 1 132 ? 1.21403   12.73553  -0.70758  1.000 13.01822 ? 124 VAL A CA  1 
ATOM   970  C C   . VAL A 1 132 ? -0.14223  12.44242  -0.09256  1.000 16.47407 ? 124 VAL A C   1 
ATOM   971  O O   . VAL A 1 132 ? -0.86269  13.36915  0.30153   1.000 16.78959 ? 124 VAL A O   1 
ATOM   972  C CB  . VAL A 1 132 ? 2.12448   13.38356  0.34414   1.000 13.92080 ? 124 VAL A CB  1 
ATOM   973  C CG1 . VAL A 1 132 ? 2.20488   12.48942  1.57404   1.000 14.85185 ? 124 VAL A CG1 1 
ATOM   974  C CG2 . VAL A 1 132 ? 3.51359   13.62700  -0.22216  1.000 19.93536 ? 124 VAL A CG2 1 
ATOM   975  N N   . SER A 1 133 ? -0.47891  11.16550  0.00650   1.000 12.85001 ? 125 SER A N   1 
ATOM   976  C CA  . SER A 1 133 ? -1.70323  10.72125  0.64460   1.000 10.45935 ? 125 SER A CA  1 
ATOM   977  C C   . SER A 1 133 ? -1.34894  9.92656   1.89120   1.000 12.92280 ? 125 SER A C   1 
ATOM   978  O O   . SER A 1 133 ? -0.39119  9.15381   1.88585   1.000 10.39650 ? 125 SER A O   1 
ATOM   979  C CB  . SER A 1 133 ? -2.54402  9.86865   -0.31612  1.000 12.06645 ? 125 SER A CB  1 
ATOM   980  O OG  . SER A 1 133 ? -3.60309  9.23439   0.37668   1.000 11.91631 ? 125 SER A OG  1 
ATOM   981  N N   . THR A 1 134 ? -2.11181  10.12778  2.96452   1.000 11.45398 ? 126 THR A N   1 
ATOM   982  C CA  . THR A 1 134 ? -1.87847  9.45103   4.24158   1.000 8.57322  ? 126 THR A CA  1 
ATOM   983  C C   . THR A 1 134 ? -3.12037  8.65986   4.61610   1.000 14.40735 ? 126 THR A C   1 
ATOM   984  O O   . THR A 1 134 ? -4.20647  9.23597   4.74622   1.000 14.47449 ? 126 THR A O   1 
ATOM   985  C CB  . THR A 1 134 ? -1.54684  10.45611  5.34701   1.000 12.92318 ? 126 THR A CB  1 
ATOM   986  O OG1 . THR A 1 134 ? -0.40986  11.23781  4.95269   1.000 15.96481 ? 126 THR A OG1 1 
ATOM   987  C CG2 . THR A 1 134 ? -1.24338  9.73057   6.65686   1.000 17.55255 ? 126 THR A CG2 1 
ATOM   988  N N   . ARG A 1 135 ? -2.95288  7.35103   4.80520   1.000 11.48475 ? 127 ARG A N   1 
ATOM   989  C CA  . ARG A 1 135 ? -4.04246  6.42779   5.11124   1.000 10.39789 ? 127 ARG A CA  1 
ATOM   990  C C   . ARG A 1 135 ? -3.75766  5.81900   6.47019   1.000 10.93210 ? 127 ARG A C   1 
ATOM   991  O O   . ARG A 1 135 ? -2.69973  5.22138   6.66616   1.000 14.92142 ? 127 ARG A O   1 
ATOM   992  C CB  . ARG A 1 135 ? -4.14556  5.30134   4.08075   1.000 15.31787 ? 127 ARG A CB  1 
ATOM   993  C CG  . ARG A 1 135 ? -3.96292  5.70111   2.63798   1.000 20.49706 ? 127 ARG A CG  1 
ATOM   994  C CD  . ARG A 1 135 ? -5.29021  5.88433   1.95111   1.000 14.43234 ? 127 ARG A CD  1 
ATOM   995  N NE  . ARG A 1 135 ? -5.89582  4.61001   1.57154   1.000 11.86877 ? 127 ARG A NE  1 
ATOM   996  C CZ  . ARG A 1 135 ? -7.15579  4.47442   1.17649   1.000 15.09449 ? 127 ARG A CZ  1 
ATOM   997  N NH1 . ARG A 1 135 ? -7.98573  5.50449   1.14364   1.000 14.28822 ? 127 ARG A NH1 1 
ATOM   998  N NH2 . ARG A 1 135 ? -7.59231  3.27659   0.79229   1.000 17.53660 ? 127 ARG A NH2 1 
ATOM   999  N N   . THR A 1 136 ? -4.69395  5.96678   7.39563   1.000 10.66125 ? 128 THR A N   1 
ATOM   1000 C CA  . THR A 1 136 ? -4.53471  5.48234   8.75969   1.000 10.61306 ? 128 THR A CA  1 
ATOM   1001 C C   . THR A 1 136 ? -5.33033  4.19784   8.94430   1.000 12.27016 ? 128 THR A C   1 
ATOM   1002 O O   . THR A 1 136 ? -6.54667  4.17851   8.71320   1.000 13.16341 ? 128 THR A O   1 
ATOM   1003 C CB  . THR A 1 136 ? -4.99284  6.54886   9.75660   1.000 11.39676 ? 128 THR A CB  1 
ATOM   1004 O OG1 . THR A 1 136 ? -4.20151  7.72634   9.57740   1.000 14.14524 ? 128 THR A OG1 1 
ATOM   1005 C CG2 . THR A 1 136 ? -4.84949  6.05421   11.19388  1.000 13.44793 ? 128 THR A CG2 1 
ATOM   1006 N N   . TYR A 1 137 ? -4.64262  3.13400   9.36466   1.000 12.86388 ? 129 TYR A N   1 
ATOM   1007 C CA  . TYR A 1 137 ? -5.24100  1.82661   9.59895   1.000 9.49031  ? 129 TYR A CA  1 
ATOM   1008 C C   . TYR A 1 137 ? -5.18870  1.49057   11.08490  1.000 12.62328 ? 129 TYR A C   1 
ATOM   1009 O O   . TYR A 1 137 ? -4.18243  1.75699   11.74846  1.000 13.59732 ? 129 TYR A O   1 
ATOM   1010 C CB  . TYR A 1 137 ? -4.50517  0.74349   8.80065   1.000 10.26875 ? 129 TYR A CB  1 
ATOM   1011 C CG  . TYR A 1 137 ? -4.87607  0.69763   7.33934   1.000 9.81906  ? 129 TYR A CG  1 
ATOM   1012 C CD1 . TYR A 1 137 ? -4.25285  1.51717   6.40817   1.000 11.69461 ? 129 TYR A CD1 1 
ATOM   1013 C CD2 . TYR A 1 137 ? -5.83803  -0.18884  6.88872   1.000 8.85952  ? 129 TYR A CD2 1 
ATOM   1014 C CE1 . TYR A 1 137 ? -4.61236  1.46189   5.05420   1.000 10.77622 ? 129 TYR A CE1 1 
ATOM   1015 C CE2 . TYR A 1 137 ? -6.20150  -0.25066  5.55873   1.000 13.43510 ? 129 TYR A CE2 1 
ATOM   1016 C CZ  . TYR A 1 137 ? -5.58624  0.56601   4.64410   1.000 12.25846 ? 129 TYR A CZ  1 
ATOM   1017 O OH  . TYR A 1 137 ? -5.97156  0.46494   3.32601   1.000 13.38101 ? 129 TYR A OH  1 
ATOM   1018 N N   . GLU A 1 138 ? -6.26389  0.88095   11.60048  1.000 11.46304 ? 130 GLU A N   1 
ATOM   1019 C CA  . GLU A 1 138 ? -6.32229  0.46291   12.99633  1.000 14.01918 ? 130 GLU A CA  1 
ATOM   1020 C C   . GLU A 1 138 ? -6.39285  -1.05275  13.08321  1.000 12.85471 ? 130 GLU A C   1 
ATOM   1021 O O   . GLU A 1 138 ? -7.07645  -1.69799  12.28859  1.000 16.02347 ? 130 GLU A O   1 
ATOM   1022 C CB  . GLU A 1 138 ? -7.51344  1.08083   13.73404  1.000 18.48821 ? 130 GLU A CB  1 
ATOM   1023 C CG  . GLU A 1 138 ? -7.13647  2.35482   14.47113  1.000 32.35002 ? 130 GLU A CG  1 
ATOM   1024 C CD  . GLU A 1 138 ? -8.32536  3.08373   15.06586  1.000 34.36871 ? 130 GLU A CD  1 
ATOM   1025 O OE1 . GLU A 1 138 ? -8.22755  4.32124   15.24745  1.000 37.86370 ? 130 GLU A OE1 1 
ATOM   1026 O OE2 . GLU A 1 138 ? -9.34032  2.41425   15.37748  1.000 33.14622 ? 130 GLU A OE2 1 
ATOM   1027 N N   . LYS A 1 139 ? -5.68139  -1.61052  14.05727  1.000 15.35787 ? 131 LYS A N   1 
ATOM   1028 C CA  . LYS A 1 139 ? -5.58177  -3.05779  14.18363  1.000 17.55620 ? 131 LYS A CA  1 
ATOM   1029 C C   . LYS A 1 139 ? -6.88465  -3.64512  14.70231  1.000 25.11793 ? 131 LYS A C   1 
ATOM   1030 O O   . LYS A 1 139 ? -7.48638  -3.11880  15.64079  1.000 27.02058 ? 131 LYS A O   1 
ATOM   1031 C CB  . LYS A 1 139 ? -4.43453  -3.42464  15.13002  1.000 19.52499 ? 131 LYS A CB  1 
ATOM   1032 C CG  . LYS A 1 139 ? -3.78498  -4.76937  14.84788  1.000 21.50191 ? 131 LYS A CG  1 
ATOM   1033 C CD  . LYS A 1 139 ? -2.53439  -4.95272  15.69614  1.000 28.70166 ? 131 LYS A CD  1 
ATOM   1034 C CE  . LYS A 1 139 ? -1.82751  -6.24829  15.36147  1.000 27.94725 ? 131 LYS A CE  1 
ATOM   1035 N NZ  . LYS A 1 139 ? -0.85404  -6.63606  16.42077  1.000 36.38319 ? 131 LYS A NZ  1 
ATOM   1036 N N   . GLU A 1 140 ? -7.32768  -4.73665  14.08054  1.000 23.55790 ? 132 GLU A N   1 
ATOM   1037 C CA  . GLU A 1 140 ? -8.48264  -5.46996  14.59883  1.000 24.91369 ? 132 GLU A CA  1 
ATOM   1038 C C   . GLU A 1 140 ? -8.06207  -6.50740  15.63725  1.000 30.86880 ? 132 GLU A C   1 
ATOM   1039 O O   . GLU A 1 140 ? -7.17055  -7.31791  15.38970  1.000 37.39997 ? 132 GLU A O   1 
ATOM   1040 C CB  . GLU A 1 140 ? -9.26767  -6.14894  13.47382  1.000 33.21528 ? 132 GLU A CB  1 
ATOM   1041 C CG  . GLU A 1 140 ? -9.67380  -5.22241  12.34256  1.000 36.75363 ? 132 GLU A CG  1 
ATOM   1042 C CD  . GLU A 1 140 ? -10.54547 -5.91860  11.30991  1.000 49.15635 ? 132 GLU A CD  1 
ATOM   1043 O OE1 . GLU A 1 140 ? -10.71351 -7.15691  11.40672  1.000 51.11495 ? 132 GLU A OE1 1 
ATOM   1044 O OE2 . GLU A 1 140 ? -11.08625 -5.22258  10.42178  1.000 44.12501 ? 132 GLU A OE2 1 
HETATM 1045 C C1  . PLM B 2 .   ? -4.40494  1.28783   0.51908   1.000 16.36561 ? 201 PLM A C1  1 
HETATM 1046 O O1  . PLM B 2 .   ? -5.15089  1.82829   1.37154   1.000 15.99643 ? 201 PLM A O1  1 
HETATM 1047 O O2  . PLM B 2 .   ? -3.78030  0.20362   0.59642   1.000 13.89710 ? 201 PLM A O2  1 
HETATM 1048 C C2  . PLM B 2 .   ? -4.22959  2.08698   -0.81358  1.000 15.98579 ? 201 PLM A C2  1 
HETATM 1049 C C3  . PLM B 2 .   ? -3.32465  1.39617   -1.84902  1.000 20.58130 ? 201 PLM A C3  1 
HETATM 1050 C C4  . PLM B 2 .   ? -3.08200  2.22488   -3.10900  1.000 23.90841 ? 201 PLM A C4  1 
HETATM 1051 C C5  . PLM B 2 .   ? -3.27813  1.44675   -4.40873  1.000 23.20998 ? 201 PLM A C5  1 
HETATM 1052 C C6  . PLM B 2 .   ? -3.01949  2.27516   -5.67835  1.000 17.25096 ? 201 PLM A C6  1 
HETATM 1053 C C7  . PLM B 2 .   ? -4.26027  2.93472   -6.27812  1.000 22.52501 ? 201 PLM A C7  1 
HETATM 1054 C C8  . PLM B 2 .   ? -5.44531  1.98224   -6.52720  1.000 22.08876 ? 201 PLM A C8  1 
HETATM 1055 C C9  . PLM B 2 .   ? -6.76933  2.72452   -6.72356  1.000 21.58871 ? 201 PLM A C9  1 
HETATM 1056 C CA  . PLM B 2 .   ? -7.97223  1.82896   -7.07250  1.000 23.83167 ? 201 PLM A CA  1 
HETATM 1057 C CB  . PLM B 2 .   ? -8.34178  0.78922   -5.99399  1.000 27.74968 ? 201 PLM A CB  1 
HETATM 1058 C CC  . PLM B 2 .   ? -8.45408  1.36155   -4.56775  1.000 36.67881 ? 201 PLM A CC  1 
HETATM 1059 C CD  . PLM B 2 .   ? -9.02595  0.37490   -3.53034  1.000 26.31657 ? 201 PLM A CD  1 
HETATM 1060 C CE  . PLM B 2 .   ? -7.94245  -0.44366  -2.81447  1.000 29.88648 ? 201 PLM A CE  1 
HETATM 1061 C CF  . PLM B 2 .   ? -8.38996  -1.87144  -2.45498  1.000 28.68178 ? 201 PLM A CF  1 
HETATM 1062 C CG  . PLM B 2 .   ? -7.46367  -2.96130  -3.01924  1.000 26.33587 ? 201 PLM A CG  1 
HETATM 1063 O O   . HOH C 3 .   ? -12.20357 -5.57133  8.48909   1.000 33.54227 ? 301 HOH A O   1 
HETATM 1064 O O   . HOH C 3 .   ? 7.08957   0.58759   12.31856  1.000 27.07153 ? 302 HOH A O   1 
HETATM 1065 O O   . HOH C 3 .   ? -11.09039 9.73219   9.84640   1.000 24.16497 ? 303 HOH A O   1 
HETATM 1066 O O   . HOH C 3 .   ? -2.18894  -4.06908  -16.75148 1.000 34.81746 ? 304 HOH A O   1 
HETATM 1067 O O   . HOH C 3 .   ? -8.20614  -0.81092  -14.75043 1.000 39.83741 ? 305 HOH A O   1 
HETATM 1068 O O   . HOH C 3 .   ? -17.27011 2.56989   2.38872   1.000 26.23255 ? 306 HOH A O   1 
HETATM 1069 O O   . HOH C 3 .   ? 0.46081   -15.94809 3.89312   1.000 33.71484 ? 307 HOH A O   1 
HETATM 1070 O O   . HOH C 3 .   ? 9.76210   -14.15837 11.16411  1.000 34.72502 ? 308 HOH A O   1 
HETATM 1071 O O   . HOH C 3 .   ? 12.73363  -11.02719 15.27849  1.000 35.57612 ? 309 HOH A O   1 
HETATM 1072 O O   . HOH C 3 .   ? 13.12593  -15.11263 -4.17858  1.000 33.03209 ? 310 HOH A O   1 
HETATM 1073 O O   . HOH C 3 .   ? 7.52619   5.64689   12.37415  1.000 34.54362 ? 311 HOH A O   1 
HETATM 1074 O O   . HOH C 3 .   ? -3.60059  9.26381   11.49077  1.000 31.58781 ? 312 HOH A O   1 
HETATM 1075 O O   . HOH C 3 .   ? 1.44317   -16.56555 0.17250   1.000 30.98234 ? 313 HOH A O   1 
HETATM 1076 O O   . HOH C 3 .   ? -0.92437  -4.58047  -5.45451  1.000 14.14638 ? 314 HOH A O   1 
HETATM 1077 O O   . HOH C 3 .   ? 9.50277   6.55238   2.78221   1.000 21.91492 ? 315 HOH A O   1 
HETATM 1078 O O   . HOH C 3 .   ? 2.14079   -2.19473  -0.55733  1.000 22.22380 ? 316 HOH A O   1 
HETATM 1079 O O   . HOH C 3 .   ? -4.92388  9.58190   7.58609   1.000 14.87405 ? 317 HOH A O   1 
HETATM 1080 O O   . HOH C 3 .   ? -2.69434  -1.72406  -0.74610  1.000 14.15984 ? 318 HOH A O   1 
HETATM 1081 O O   . HOH C 3 .   ? 6.54982   4.60778   16.11048  1.000 31.10732 ? 319 HOH A O   1 
HETATM 1082 O O   . HOH C 3 .   ? -8.63081  15.01354  -6.82514  1.000 29.49991 ? 320 HOH A O   1 
HETATM 1083 O O   . HOH C 3 .   ? 8.92612   -20.80951 7.45137   1.000 23.05126 ? 321 HOH A O   1 
HETATM 1084 O O   . HOH C 3 .   ? -1.05598  -9.48905  15.01854  1.000 34.16522 ? 322 HOH A O   1 
HETATM 1085 O O   . HOH C 3 .   ? 17.94685  1.58355   8.03933   1.000 37.85894 ? 323 HOH A O   1 
HETATM 1086 O O   . HOH C 3 .   ? 13.19889  -9.27771  8.41703   1.000 37.22427 ? 324 HOH A O   1 
HETATM 1087 O O   . HOH C 3 .   ? 17.65579  -5.41782  -4.03930  1.000 26.76811 ? 325 HOH A O   1 
HETATM 1088 O O   . HOH C 3 .   ? 7.31411   8.59537   11.90223  1.000 38.77986 ? 326 HOH A O   1 
HETATM 1089 O O   . HOH C 3 .   ? -8.17807  10.82484  -13.37295 1.000 22.53242 ? 327 HOH A O   1 
HETATM 1090 O O   . HOH C 3 .   ? -8.61542  10.21207  0.97393   1.000 12.20776 ? 328 HOH A O   1 
HETATM 1091 O O   . HOH C 3 .   ? 3.93218   6.16206   6.56967   1.000 13.16095 ? 329 HOH A O   1 
HETATM 1092 O O   . HOH C 3 .   ? 6.26845   11.83911  1.02127   1.000 32.33191 ? 330 HOH A O   1 
HETATM 1093 O O   . HOH C 3 .   ? -5.90795  -12.63314 -1.38835  1.000 13.28460 ? 331 HOH A O   1 
HETATM 1094 O O   . HOH C 3 .   ? 11.29722  -16.46693 1.52676   1.000 28.39221 ? 332 HOH A O   1 
HETATM 1095 O O   . HOH C 3 .   ? -6.27544  8.27276   -16.76259 1.000 17.42345 ? 333 HOH A O   1 
HETATM 1096 O O   . HOH C 3 .   ? 1.05778   18.71684  -5.57197  1.000 43.84614 ? 334 HOH A O   1 
HETATM 1097 O O   . HOH C 3 .   ? 17.48880  -2.20411  6.75551   1.000 38.96610 ? 335 HOH A O   1 
HETATM 1098 O O   . HOH C 3 .   ? 12.51711  5.70340   -10.98474 1.000 18.84337 ? 336 HOH A O   1 
HETATM 1099 O O   . HOH C 3 .   ? 9.91158   -10.93399 -14.65012 1.000 32.70630 ? 337 HOH A O   1 
HETATM 1100 O O   . HOH C 3 .   ? 17.71707  4.68787   8.73758   1.000 20.73659 ? 338 HOH A O   1 
HETATM 1101 O O   . HOH C 3 .   ? 14.76742  5.44110   -8.25557  1.000 29.18408 ? 339 HOH A O   1 
HETATM 1102 O O   . HOH C 3 .   ? -1.33621  -16.35401 0.00214   1.000 15.41968 ? 340 HOH A O   1 
HETATM 1103 O O   . HOH C 3 .   ? 2.85523   -9.82336  -7.34572  1.000 23.57887 ? 341 HOH A O   1 
HETATM 1104 O O   . HOH C 3 .   ? 6.02285   -6.32326  -13.82587 1.000 26.13800 ? 342 HOH A O   1 
HETATM 1105 O O   . HOH C 3 .   ? 3.59197   10.03400  -13.73405 1.000 29.90663 ? 343 HOH A O   1 
HETATM 1106 O O   . HOH C 3 .   ? 10.93998  -6.82697  -2.18943  1.000 11.40630 ? 344 HOH A O   1 
HETATM 1107 O O   . HOH C 3 .   ? 13.00861  8.67037   -6.51972  1.000 25.12081 ? 345 HOH A O   1 
HETATM 1108 O O   . HOH C 3 .   ? -4.30680  0.11704   15.79631  1.000 20.99069 ? 346 HOH A O   1 
HETATM 1109 O O   . HOH C 3 .   ? -4.49777  -11.36210 10.96282  1.000 22.43732 ? 347 HOH A O   1 
HETATM 1110 O O   . HOH C 3 .   ? 10.33272  8.96766   -12.74399 1.000 28.12090 ? 348 HOH A O   1 
HETATM 1111 O O   . HOH C 3 .   ? 16.07200  -4.96844  -11.21789 1.000 20.97533 ? 349 HOH A O   1 
HETATM 1112 O O   . HOH C 3 .   ? -13.36370 6.07758   10.08405  1.000 25.13987 ? 350 HOH A O   1 
HETATM 1113 O O   . HOH C 3 .   ? 2.19881   10.65716  6.06529   1.000 29.15117 ? 351 HOH A O   1 
HETATM 1114 O O   . HOH C 3 .   ? 4.79942   -0.19977  -21.15658 1.000 24.51790 ? 352 HOH A O   1 
HETATM 1115 O O   . HOH C 3 .   ? -1.32962  -7.05261  -6.70939  1.000 17.34314 ? 353 HOH A O   1 
HETATM 1116 O O   . HOH C 3 .   ? 1.92238   -13.12348 -5.07674  1.000 22.77928 ? 354 HOH A O   1 
HETATM 1117 O O   . HOH C 3 .   ? 7.47143   9.40803   -6.88306  1.000 20.89945 ? 355 HOH A O   1 
HETATM 1118 O O   . HOH C 3 .   ? 15.53557  3.28551   -7.11169  1.000 24.70310 ? 356 HOH A O   1 
HETATM 1119 O O   . HOH C 3 .   ? -2.92653  -1.03782  2.86232   1.000 15.52367 ? 357 HOH A O   1 
HETATM 1120 O O   . HOH C 3 .   ? 15.69517  7.02811   6.78906   1.000 20.51152 ? 358 HOH A O   1 
HETATM 1121 O O   . HOH C 3 .   ? 6.25771   -12.55062 -5.72909  1.000 21.12570 ? 359 HOH A O   1 
HETATM 1122 O O   . HOH C 3 .   ? -10.30300 4.45224   0.16413   1.000 25.49130 ? 360 HOH A O   1 
HETATM 1123 O O   . HOH C 3 .   ? 12.06495  -10.76398 3.99556   1.000 20.30136 ? 361 HOH A O   1 
HETATM 1124 O O   . HOH C 3 .   ? 0.55835   2.31839   -5.79524  1.000 11.68811 ? 362 HOH A O   1 
HETATM 1125 O O   . HOH C 3 .   ? 13.59866  6.15140   4.02242   1.000 31.23600 ? 363 HOH A O   1 
HETATM 1126 O O   . HOH C 3 .   ? -3.02261  16.58352  -2.36374  1.000 29.43726 ? 364 HOH A O   1 
HETATM 1127 O O   . HOH C 3 .   ? 2.36512   5.24104   -17.92522 1.000 13.76423 ? 365 HOH A O   1 
HETATM 1128 O O   . HOH C 3 .   ? 8.33998   -2.04069  13.10597  1.000 24.86675 ? 366 HOH A O   1 
HETATM 1129 O O   . HOH C 3 .   ? -5.66744  2.25989   -14.69451 1.000 19.40790 ? 367 HOH A O   1 
HETATM 1130 O O   . HOH C 3 .   ? 14.52479  -3.39853  -7.39298  1.000 13.66148 ? 368 HOH A O   1 
HETATM 1131 O O   . HOH C 3 .   ? 14.08342  -10.56350 -8.39825  1.000 26.29694 ? 369 HOH A O   1 
HETATM 1132 O O   . HOH C 3 .   ? 3.81276   -15.16241 3.93955   1.000 19.77343 ? 370 HOH A O   1 
HETATM 1133 O O   . HOH C 3 .   ? 14.13742  -10.90606 5.19312   1.000 29.54499 ? 371 HOH A O   1 
HETATM 1134 O O   . HOH C 3 .   ? -16.25587 -0.00382  6.58420   1.000 29.77516 ? 372 HOH A O   1 
HETATM 1135 O O   . HOH C 3 .   ? -9.98208  13.39217  8.60018   1.000 13.03634 ? 373 HOH A O   1 
HETATM 1136 O O   . HOH C 3 .   ? 10.97812  4.39694   -12.88596 1.000 16.55114 ? 374 HOH A O   1 
HETATM 1137 O O   . HOH C 3 .   ? -13.06698 1.42154   9.79753   1.000 35.84225 ? 375 HOH A O   1 
HETATM 1138 O O   . HOH C 3 .   ? -2.10751  -6.00961  -1.31710  1.000 10.30414 ? 376 HOH A O   1 
HETATM 1139 O O   . HOH C 3 .   ? -8.28400  -11.31397 8.86580   1.000 25.15750 ? 377 HOH A O   1 
HETATM 1140 O O   . HOH C 3 .   ? 1.30761   13.28149  -11.65542 1.000 27.30297 ? 378 HOH A O   1 
HETATM 1141 O O   . HOH C 3 .   ? 8.83685   7.44418   -5.32656  1.000 19.09439 ? 379 HOH A O   1 
HETATM 1142 O O   . HOH C 3 .   ? -6.53240  -4.79760  -10.77164 1.000 31.27586 ? 380 HOH A O   1 
HETATM 1143 O O   . HOH C 3 .   ? 0.81653   6.10628   -14.52830 1.000 15.52503 ? 381 HOH A O   1 
HETATM 1144 O O   . HOH C 3 .   ? 17.76948  4.78178   4.59043   1.000 12.72083 ? 382 HOH A O   1 
HETATM 1145 O O   . HOH C 3 .   ? 15.11871  -2.47159  10.71466  1.000 26.45118 ? 383 HOH A O   1 
HETATM 1146 O O   . HOH C 3 .   ? 7.11937   -2.35880  -15.19423 1.000 21.52610 ? 384 HOH A O   1 
HETATM 1147 O O   . HOH C 3 .   ? 12.90342  -12.24639 9.52143   1.000 36.97512 ? 385 HOH A O   1 
HETATM 1148 O O   . HOH C 3 .   ? 0.63466   -8.35513  -8.11703  1.000 22.81849 ? 386 HOH A O   1 
HETATM 1149 O O   . HOH C 3 .   ? 14.47112  -5.12127  11.77789  1.000 33.24616 ? 387 HOH A O   1 
HETATM 1150 O O   . HOH C 3 .   ? -0.28698  -12.02721 -6.28689  1.000 21.03470 ? 388 HOH A O   1 
HETATM 1151 O O   . HOH C 3 .   ? 10.90441  -0.74334  -7.78235  1.000 20.65772 ? 389 HOH A O   1 
HETATM 1152 O O   . HOH C 3 .   ? -11.36687 -8.41785  4.36445   1.000 33.89449 ? 390 HOH A O   1 
HETATM 1153 O O   . HOH C 3 .   ? 11.79178  4.08803   11.83073  1.000 16.13312 ? 391 HOH A O   1 
HETATM 1154 O O   . HOH C 3 .   ? -7.98335  14.22830  10.67900  1.000 24.56848 ? 392 HOH A O   1 
HETATM 1155 O O   . HOH C 3 .   ? 7.97765   -11.55305 -9.41922  1.000 21.85757 ? 393 HOH A O   1 
HETATM 1156 O O   . HOH C 3 .   ? 4.98837   -0.38875  2.56782   1.000 10.50389 ? 394 HOH A O   1 
HETATM 1157 O O   . HOH C 3 .   ? -9.68308  -6.97958  -7.63557  1.000 34.28824 ? 395 HOH A O   1 
HETATM 1158 O O   . HOH C 3 .   ? 4.30106   -1.22164  -17.17477 1.000 19.54704 ? 396 HOH A O   1 
HETATM 1159 O O   . HOH C 3 .   ? 10.71410  -11.76637 -5.96924  1.000 21.15582 ? 397 HOH A O   1 
HETATM 1160 O O   . HOH C 3 .   ? 0.28370   4.82078   23.77017  1.000 34.46701 ? 398 HOH A O   1 
HETATM 1161 O O   . HOH C 3 .   ? -13.96119 5.81786   2.04855   1.000 25.38760 ? 399 HOH A O   1 
HETATM 1162 O O   . HOH C 3 .   ? -2.72419  4.25384   -13.36878 1.000 18.69300 ? 400 HOH A O   1 
HETATM 1163 O O   . HOH C 3 .   ? 8.15233   11.61493  -5.21770  1.000 46.69835 ? 401 HOH A O   1 
HETATM 1164 O O   . HOH C 3 .   ? -2.05867  -11.79128 9.90647   1.000 19.54055 ? 402 HOH A O   1 
HETATM 1165 O O   . HOH C 3 .   ? -12.93803 -3.72800  4.42404   1.000 30.28517 ? 403 HOH A O   1 
HETATM 1166 O O   . HOH C 3 .   ? -1.41619  13.35652  3.32958   1.000 20.94399 ? 404 HOH A O   1 
HETATM 1167 O O   . HOH C 3 .   ? -2.31435  -15.92257 2.62679   1.000 24.80389 ? 405 HOH A O   1 
HETATM 1168 O O   . HOH C 3 .   ? -1.02413  11.34741  -14.40237 1.000 21.57430 ? 406 HOH A O   1 
HETATM 1169 O O   . HOH C 3 .   ? 13.07975  5.56654   -4.66725  1.000 25.12268 ? 407 HOH A O   1 
HETATM 1170 O O   . HOH C 3 .   ? -8.97825  7.05157   14.85731  1.000 37.13381 ? 408 HOH A O   1 
HETATM 1171 O O   . HOH C 3 .   ? 7.89745   -16.81564 10.75025  1.000 29.45066 ? 409 HOH A O   1 
HETATM 1172 O O   . HOH C 3 .   ? 10.41009  -10.56646 -3.41685  1.000 12.86464 ? 410 HOH A O   1 
HETATM 1173 O O   . HOH C 3 .   ? -3.81925  -2.50869  -3.35046  1.000 13.55973 ? 411 HOH A O   1 
HETATM 1174 O O   . HOH C 3 .   ? 15.36670  -4.48596  4.07251   1.000 14.86184 ? 412 HOH A O   1 
HETATM 1175 O O   . HOH C 3 .   ? -3.40440  14.89264  -8.35571  1.000 20.47261 ? 413 HOH A O   1 
HETATM 1176 O O   . HOH C 3 .   ? -2.34312  -2.18499  -5.60436  1.000 11.67297 ? 414 HOH A O   1 
HETATM 1177 O O   . HOH C 3 .   ? 11.83175  -8.53311  -11.44253 1.000 28.78885 ? 415 HOH A O   1 
HETATM 1178 O O   . HOH C 3 .   ? -14.04536 10.52873  -5.90853  1.000 26.14648 ? 416 HOH A O   1 
HETATM 1179 O O   . HOH C 3 .   ? -4.86943  -8.37355  14.01581  1.000 20.37879 ? 417 HOH A O   1 
HETATM 1180 O O   . HOH C 3 .   ? -4.26247  -13.66361 8.75219   1.000 32.91312 ? 418 HOH A O   1 
HETATM 1181 O O   . HOH C 3 .   ? 8.72256   -6.23427  15.27722  1.000 30.86803 ? 419 HOH A O   1 
HETATM 1182 O O   . HOH C 3 .   ? 11.60482  5.93767   -2.47902  1.000 16.23810 ? 420 HOH A O   1 
HETATM 1183 O O   . HOH C 3 .   ? -14.72836 -4.08362  7.06198   1.000 31.99944 ? 421 HOH A O   1 
HETATM 1184 O O   . HOH C 3 .   ? 7.03078   -0.49107  -17.38493 1.000 14.52561 ? 422 HOH A O   1 
HETATM 1185 O O   . HOH C 3 .   ? -10.66427 -0.37474  -12.04839 1.000 32.27196 ? 423 HOH A O   1 
HETATM 1186 O O   . HOH C 3 .   ? -9.08013  -12.16861 -2.41613  1.000 29.11016 ? 424 HOH A O   1 
HETATM 1187 O O   . HOH C 3 .   ? 16.28419  -7.65139  -6.67521  1.000 21.18776 ? 425 HOH A O   1 
HETATM 1188 O O   . HOH C 3 .   ? 12.41767  -0.34081  -1.10660  1.000 12.95126 ? 426 HOH A O   1 
HETATM 1189 O O   . HOH C 3 .   ? 8.75343   9.64637   -16.25878 1.000 30.50677 ? 427 HOH A O   1 
HETATM 1190 O O   . HOH C 3 .   ? -6.73753  -10.12145 -1.25323  1.000 16.41628 ? 428 HOH A O   1 
HETATM 1191 O O   . HOH C 3 .   ? 3.68757   -11.12819 -5.36885  1.000 19.05848 ? 429 HOH A O   1 
HETATM 1192 O O   . HOH C 3 .   ? -12.89237 -8.74395  -0.16237  1.000 34.80931 ? 430 HOH A O   1 
HETATM 1193 O O   . HOH C 3 .   ? -0.96497  7.47658   15.02858  1.000 38.69532 ? 431 HOH A O   1 
HETATM 1194 O O   . HOH C 3 .   ? -17.13294 2.07273   -2.99413  1.000 34.15551 ? 432 HOH A O   1 
HETATM 1195 O O   . HOH C 3 .   ? -8.51464  3.62192   -14.17879 1.000 26.94689 ? 433 HOH A O   1 
HETATM 1196 O O   . HOH C 3 .   ? 3.83158   -6.55665  -13.58947 1.000 28.23673 ? 434 HOH A O   1 
HETATM 1197 O O   . HOH C 3 .   ? -10.44039 9.31702   -16.26254 1.000 25.77567 ? 435 HOH A O   1 
HETATM 1198 O O   . HOH C 3 .   ? -0.17335  -0.46329  -4.95560  1.000 18.38941 ? 436 HOH A O   1 
HETATM 1199 O O   . HOH C 3 .   ? -4.45208  -6.29744  -9.61464  1.000 24.89527 ? 437 HOH A O   1 
HETATM 1200 O O   . HOH C 3 .   ? 5.80223   7.26854   0.62220   1.000 15.10398 ? 438 HOH A O   1 
HETATM 1201 O O   . HOH C 3 .   ? 12.20248  -10.93357 6.63616   1.000 31.10069 ? 439 HOH A O   1 
HETATM 1202 O O   . HOH C 3 .   ? 6.95886   9.17319   -11.41369 1.000 21.48083 ? 440 HOH A O   1 
HETATM 1203 O O   . HOH C 3 .   ? 1.54826   -0.68835  -16.69417 1.000 22.09696 ? 441 HOH A O   1 
HETATM 1204 O O   . HOH C 3 .   ? -17.18138 -0.76847  -3.89285  1.000 30.35820 ? 442 HOH A O   1 
HETATM 1205 O O   . HOH C 3 .   ? 1.72068   -14.34089 9.81848   1.000 21.94151 ? 443 HOH A O   1 
HETATM 1206 O O   . HOH C 3 .   ? 3.39781   1.46512   17.57463  1.000 27.64966 ? 444 HOH A O   1 
HETATM 1207 O O   . HOH C 3 .   ? 13.50900  -4.94034  -13.91125 1.000 23.40341 ? 445 HOH A O   1 
HETATM 1208 O O   . HOH C 3 .   ? -1.52135  -0.59930  5.05792   1.000 16.86232 ? 446 HOH A O   1 
HETATM 1209 O O   . HOH C 3 .   ? 4.20517   -11.20726 14.40686  1.000 42.00000 ? 447 HOH A O   1 
HETATM 1210 O O   . HOH C 3 .   ? -0.57044  16.17296  -1.43811  1.000 27.96936 ? 448 HOH A O   1 
HETATM 1211 O O   . HOH C 3 .   ? -5.27539  18.73003  -0.05436  1.000 22.51444 ? 449 HOH A O   1 
HETATM 1212 O O   . HOH C 3 .   ? -3.31487  18.08035  2.54568   1.000 37.86625 ? 450 HOH A O   1 
HETATM 1213 O O   . HOH C 3 .   ? -11.88228 -8.37667  8.82598   1.000 41.15526 ? 451 HOH A O   1 
HETATM 1214 O O   . HOH C 3 .   ? -6.47030  -2.04163  -17.21784 1.000 35.53262 ? 452 HOH A O   1 
HETATM 1215 O O   . HOH C 3 .   ? -3.25762  13.71684  -13.51857 1.000 29.65713 ? 453 HOH A O   1 
HETATM 1216 O O   . HOH C 3 .   ? -3.68149  11.88531  8.51925   1.000 25.28866 ? 454 HOH A O   1 
HETATM 1217 O O   . HOH C 3 .   ? -13.19622 14.13790  -6.48099  1.000 25.11357 ? 455 HOH A O   1 
HETATM 1218 O O   . HOH C 3 .   ? 3.45437   -14.45806 11.89668  1.000 32.17740 ? 456 HOH A O   1 
HETATM 1219 O O   . HOH C 3 .   ? -11.22687 -8.42820  -6.80270  1.000 31.32075 ? 457 HOH A O   1 
HETATM 1220 O O   . HOH C 3 .   ? -14.41312 -1.51206  1.36821   1.000 17.38373 ? 458 HOH A O   1 
HETATM 1221 O O   . HOH C 3 .   ? 0.38883   18.17478  -3.18031  1.000 39.38089 ? 459 HOH A O   1 
HETATM 1222 O O   . HOH C 3 .   ? 9.48633   -0.86574  -14.86513 1.000 18.33299 ? 460 HOH A O   1 
HETATM 1223 O O   . HOH C 3 .   ? -16.17438 -0.10378  2.43702   1.000 42.01010 ? 461 HOH A O   1 
HETATM 1224 O O   . HOH C 3 .   ? -18.68069 2.21127   -0.25852  1.000 35.34054 ? 462 HOH A O   1 
HETATM 1225 O O   . HOH C 3 .   ? 13.04196  7.00341   -15.62737 1.000 36.28096 ? 463 HOH A O   1 
HETATM 1226 O O   . HOH C 3 .   ? 7.99017   2.03596   14.45933  1.000 27.91337 ? 464 HOH A O   1 
HETATM 1227 O O   . HOH C 3 .   ? 17.92134  -9.33002  -5.04778  1.000 36.35668 ? 465 HOH A O   1 
HETATM 1228 O O   . HOH C 3 .   ? -8.50518  1.00280   -12.67659 1.000 33.00492 ? 466 HOH A O   1 
HETATM 1229 O O   . HOH C 3 .   ? 5.96136   -12.83816 12.40755  1.000 38.48618 ? 467 HOH A O   1 
HETATM 1230 O O   . HOH C 3 .   ? 13.59417  -0.76337  -7.30110  1.000 14.80615 ? 468 HOH A O   1 
HETATM 1231 O O   . HOH C 3 .   ? 1.22069   -17.27366 -2.63310  1.000 20.92944 ? 469 HOH A O   1 
HETATM 1232 O O   . HOH C 3 .   ? -19.72546 4.75379   -6.64035  1.000 22.02954 ? 470 HOH A O   1 
HETATM 1233 O O   . HOH C 3 .   ? 5.05879   -10.62244 -14.71278 1.000 31.89497 ? 471 HOH A O   1 
HETATM 1234 O O   . HOH C 3 .   ? -19.87938 4.01325   -9.24197  1.000 22.58586 ? 472 HOH A O   1 
HETATM 1235 O O   . HOH C 3 .   ? 6.73305   -4.70134  -15.98798 1.000 34.59739 ? 473 HOH A O   1 
HETATM 1236 O O   . HOH C 3 .   ? -0.28168  -4.57334  -2.61706  1.000 16.91509 ? 474 HOH A O   1 
HETATM 1237 O O   . HOH C 3 .   ? 16.64323  -5.60288  2.24026   1.000 42.83432 ? 475 HOH A O   1 
HETATM 1238 O O   . HOH C 3 .   ? 1.72424   -16.74928 8.05677   1.000 24.78020 ? 476 HOH A O   1 
HETATM 1239 O O   . HOH C 3 .   ? -0.07561  -1.95073  -2.01499  1.000 17.63573 ? 477 HOH A O   1 
HETATM 1240 O O   . HOH C 3 .   ? 13.94030  -12.82081 14.40188  1.000 40.68739 ? 478 HOH A O   1 
HETATM 1241 O O   . HOH C 3 .   ? 12.36452  -18.08136 -1.84880  1.000 29.02823 ? 479 HOH A O   1 
HETATM 1242 O O   . HOH C 3 .   ? 1.43412   -8.73639  -15.76231 1.000 34.90753 ? 480 HOH A O   1 
HETATM 1243 O O   . HOH C 3 .   ? -2.02150  13.90038  7.23763   1.000 36.88990 ? 481 HOH A O   1 
HETATM 1244 O O   . HOH C 3 .   ? 8.64831   8.64972   -0.61530  1.000 34.06906 ? 482 HOH A O   1 
HETATM 1245 O O   . HOH C 3 .   ? -11.77074 6.95120   3.02073   1.000 29.59935 ? 483 HOH A O   1 
HETATM 1246 O O   . HOH C 3 .   ? -17.84548 4.83552   3.86429   1.000 19.47782 ? 484 HOH A O   1 
HETATM 1247 O O   . HOH C 3 .   ? -8.72544  7.24091   -17.43418 1.000 16.61318 ? 485 HOH A O   1 
HETATM 1248 O O   . HOH C 3 .   ? 14.35111  1.05616   -5.37446  1.000 15.97925 ? 486 HOH A O   1 
HETATM 1249 O O   . HOH C 3 .   ? 7.63956   -1.68769  -19.53904 1.000 27.79998 ? 487 HOH A O   1 
HETATM 1250 O O   . HOH C 3 .   ? -12.55779 8.83379   -17.63245 1.000 29.38986 ? 488 HOH A O   1 
HETATM 1251 O O   . HOH C 3 .   ? 8.76905   10.71543  0.86043   1.000 37.40319 ? 489 HOH A O   1 
HETATM 1252 O O   . HOH C 3 .   ? -9.34438  4.55804   -17.03327 1.000 16.87274 ? 490 HOH A O   1 
HETATM 1253 O O   . HOH C 3 .   ? -12.22180 -7.66507  -8.90527  1.000 32.79390 ? 491 HOH A O   1 
HETATM 1254 O O   . HOH C 3 .   ? 14.55745  3.83334   -5.55538  1.000 27.01531 ? 492 HOH A O   1 
HETATM 1255 O O   . HOH C 3 .   ? 11.60643  10.02511  -8.95841  1.000 31.66332 ? 493 HOH A O   1 
HETATM 1256 O O   . HOH C 3 .   ? 7.56841   0.04326   14.60336  1.000 32.38540 ? 494 HOH A O   1 
HETATM 1257 O O   . HOH C 3 .   ? 14.29367  -12.99769 -7.84764  1.000 34.01673 ? 495 HOH A O   1 
HETATM 1258 O O   . HOH C 3 .   ? -2.94012  16.82249  -7.10971  1.000 39.52455 ? 496 HOH A O   1 
HETATM 1259 O O   . HOH C 3 .   ? 7.56854   0.63877   16.52003  1.000 36.27272 ? 497 HOH A O   1 
HETATM 1260 O O   . HOH C 3 .   ? 12.31910  -14.01255 -6.22297  1.000 28.43762 ? 498 HOH A O   1 
HETATM 1261 O O   . HOH C 3 .   ? -7.01829  -13.58204 7.85435   1.000 36.67407 ? 499 HOH A O   1 
HETATM 1262 O O   . HOH C 3 .   ? -0.94493  -14.02616 10.61706  1.000 27.32136 ? 500 HOH A O   1 
HETATM 1263 O O   . HOH C 3 .   ? -5.05665  8.57469   14.18920  1.000 37.84880 ? 501 HOH A O   1 
HETATM 1264 O O   . HOH C 3 .   ? -13.83997 5.20907   12.58060  1.000 26.95133 ? 502 HOH A O   1 
HETATM 1265 O O   . HOH C 3 .   ? 4.04174   -3.10509  -19.09753 1.000 28.13848 ? 503 HOH A O   1 
HETATM 1266 O O   . HOH C 3 .   ? 3.90263   12.74209  5.28884   1.000 34.74815 ? 504 HOH A O   1 
HETATM 1267 O O   . HOH C 3 .   ? -1.22172  10.92381  10.95830  1.000 38.80248 ? 505 HOH A O   1 
HETATM 1268 O O   . HOH C 3 .   ? 18.69087  -4.77335  0.24681   1.000 34.86846 ? 506 HOH A O   1 
HETATM 1269 O O   . HOH C 3 .   ? -10.13461 -9.88251  7.37676   1.000 34.10722 ? 507 HOH A O   1 
HETATM 1270 O O   . HOH C 3 .   ? 2.26889   11.04397  8.77955   1.000 35.55496 ? 508 HOH A O   1 
HETATM 1271 O O   . HOH C 3 .   ? 7.73007   -1.75515  15.81352  1.000 34.76727 ? 509 HOH A O   1 
HETATM 1272 O O   . HOH C 3 .   ? 16.03890  -6.11031  6.19817   1.000 31.85161 ? 510 HOH A O   1 
HETATM 1273 O O   . HOH C 3 .   ? 5.01623   -5.58846  -18.14881 1.000 39.71697 ? 511 HOH A O   1 
HETATM 1274 O O   . HOH C 3 .   ? 15.50171  -12.60394 16.41530  1.000 49.67201 ? 512 HOH A O   1 
# 
loop_
_pdbx_poly_seq_scheme.asym_id 
_pdbx_poly_seq_scheme.entity_id 
_pdbx_poly_seq_scheme.seq_id 
_pdbx_poly_seq_scheme.mon_id 
_pdbx_poly_seq_scheme.ndb_seq_num 
_pdbx_poly_seq_scheme.pdb_seq_num 
_pdbx_poly_seq_scheme.auth_seq_num 
_pdbx_poly_seq_scheme.pdb_mon_id 
_pdbx_poly_seq_scheme.auth_mon_id 
_pdbx_poly_seq_scheme.pdb_strand_id 
_pdbx_poly_seq_scheme.pdb_ins_code 
_pdbx_poly_seq_scheme.hetero 
A 1 1   HIS 1   -7  ?   ?   ?   A . n 
A 1 2   HIS 2   -6  ?   ?   ?   A . n 
A 1 3   HIS 3   -5  ?   ?   ?   A . n 
A 1 4   HIS 4   -4  ?   ?   ?   A . n 
A 1 5   HIS 5   -3  ?   ?   ?   A . n 
A 1 6   HIS 6   -2  ?   ?   ?   A . n 
A 1 7   GLY 7   -1  ?   ?   ?   A . n 
A 1 8   SER 8   0   0   SER SER A . n 
A 1 9   MET 9   1   1   MET MET A . n 
A 1 10  ALA 10  2   2   ALA ALA A . n 
A 1 11  ASP 11  3   3   ASP ASP A . n 
A 1 12  ALA 12  4   4   ALA ALA A . n 
A 1 13  PHE 13  5   5   PHE PHE A . n 
A 1 14  VAL 14  6   6   VAL VAL A . n 
A 1 15  GLY 15  7   7   GLY GLY A . n 
A 1 16  THR 16  8   8   THR THR A . n 
A 1 17  TRP 17  9   9   TRP TRP A . n 
A 1 18  LYS 18  10  10  LYS LYS A . n 
A 1 19  LEU 19  11  11  LEU LEU A . n 
A 1 20  VAL 20  12  12  VAL VAL A . n 
A 1 21  ASP 21  13  13  ASP ASP A . n 
A 1 22  SER 22  14  14  SER SER A . n 
A 1 23  LYS 23  15  15  LYS LYS A . n 
A 1 24  ASN 24  16  16  ASN ASN A . n 
A 1 25  PHE 25  17  17  PHE PHE A . n 
A 1 26  ASP 26  18  18  ASP ASP A . n 
A 1 27  ASP 27  19  19  ASP ASP A . n 
A 1 28  TYR 28  20  20  TYR TYR A . n 
A 1 29  MET 29  21  21  MET MET A . n 
A 1 30  LYS 30  22  22  LYS LYS A . n 
A 1 31  SER 31  23  23  SER SER A . n 
A 1 32  LEU 32  24  24  LEU LEU A . n 
A 1 33  GLY 33  25  25  GLY GLY A . n 
A 1 34  VAL 34  26  26  VAL VAL A . n 
A 1 35  GLY 35  27  27  GLY GLY A . n 
A 1 36  PHE 36  28  28  PHE PHE A . n 
A 1 37  ALA 37  29  29  ALA ALA A . n 
A 1 38  THR 38  30  30  THR THR A . n 
A 1 39  ARG 39  31  31  ARG ARG A . n 
A 1 40  GLN 40  32  32  GLN GLN A . n 
A 1 41  VAL 41  33  33  VAL VAL A . n 
A 1 42  ALA 42  34  34  ALA ALA A . n 
A 1 43  SER 43  35  35  SER SER A . n 
A 1 44  MET 44  36  36  MET MET A . n 
A 1 45  THR 45  37  37  THR THR A . n 
A 1 46  LYS 46  38  38  LYS LYS A . n 
A 1 47  PRO 47  39  39  PRO PRO A . n 
A 1 48  THR 48  40  40  THR THR A . n 
A 1 49  THR 49  41  41  THR THR A . n 
A 1 50  ILE 50  42  42  ILE ILE A . n 
A 1 51  ILE 51  43  43  ILE ILE A . n 
A 1 52  GLU 52  44  44  GLU GLU A . n 
A 1 53  LYS 53  45  45  LYS LYS A . n 
A 1 54  ASN 54  46  46  ASN ASN A . n 
A 1 55  GLY 55  47  47  GLY GLY A . n 
A 1 56  ASP 56  48  48  ASP ASP A . n 
A 1 57  THR 57  49  49  THR THR A . n 
A 1 58  ILE 58  50  50  ILE ILE A . n 
A 1 59  THR 59  51  51  THR THR A . n 
A 1 60  ILE 60  52  52  ILE ILE A . n 
A 1 61  LYS 61  53  53  LYS LYS A . n 
A 1 62  THR 62  54  54  THR THR A . n 
A 1 63  GLN 63  55  55  GLN GLN A . n 
A 1 64  SER 64  56  56  SER SER A . n 
A 1 65  THR 65  57  57  THR THR A . n 
A 1 66  PHE 66  58  58  PHE PHE A . n 
A 1 67  LYS 67  59  59  LYS LYS A . n 
A 1 68  ASN 68  60  60  ASN ASN A . n 
A 1 69  THR 69  61  61  THR THR A . n 
A 1 70  GLU 70  62  62  GLU GLU A . n 
A 1 71  ILE 71  63  63  ILE ILE A . n 
A 1 72  ASN 72  64  64  ASN ASN A . n 
A 1 73  PHE 73  65  65  PHE PHE A . n 
A 1 74  GLN 74  66  66  GLN GLN A . n 
A 1 75  LEU 75  67  67  LEU LEU A . n 
A 1 76  GLY 76  68  68  GLY GLY A . n 
A 1 77  ILE 77  69  69  ILE ILE A . n 
A 1 78  GLU 78  70  70  GLU GLU A . n 
A 1 79  PHE 79  71  71  PHE PHE A . n 
A 1 80  ASP 80  72  72  ASP ASP A . n 
A 1 81  GLU 81  73  73  GLU GLU A . n 
A 1 82  VAL 82  74  74  VAL VAL A . n 
A 1 83  THR 83  75  75  THR THR A . n 
A 1 84  ALA 84  76  76  ALA ALA A . n 
A 1 85  ASP 85  77  77  ASP ASP A . n 
A 1 86  ASP 86  78  78  ASP ASP A . n 
A 1 87  ARG 87  79  79  ARG ARG A . n 
A 1 88  LYS 88  80  80  LYS LYS A . n 
A 1 89  VAL 89  81  81  VAL VAL A . n 
A 1 90  LYS 90  82  82  LYS LYS A . n 
A 1 91  SER 91  83  83  SER SER A . n 
A 1 92  LEU 92  84  84  LEU LEU A . n 
A 1 93  VAL 93  85  85  VAL VAL A . n 
A 1 94  THR 94  86  86  THR THR A . n 
A 1 95  LEU 95  87  87  LEU LEU A . n 
A 1 96  ASP 96  88  88  ASP ASP A . n 
A 1 97  GLY 97  89  89  GLY GLY A . n 
A 1 98  GLY 98  90  90  GLY GLY A . n 
A 1 99  LYS 99  91  91  LYS LYS A . n 
A 1 100 LEU 100 92  92  LEU LEU A . n 
A 1 101 ILE 101 93  93  ILE ILE A . n 
A 1 102 HIS 102 94  94  HIS HIS A . n 
A 1 103 VAL 103 95  95  VAL VAL A . n 
A 1 104 GLN 104 96  96  GLN GLN A . n 
A 1 105 LYS 105 97  97  LYS LYS A . n 
A 1 106 TRP 106 98  98  TRP TRP A . n 
A 1 107 ASN 107 99  99  ASN ASN A . n 
A 1 108 GLY 108 100 100 GLY GLY A . n 
A 1 109 GLN 109 101 101 GLN GLN A . n 
A 1 110 GLU 110 102 102 GLU GLU A . n 
A 1 111 THR 111 103 103 THR THR A . n 
A 1 112 THR 112 104 104 THR THR A . n 
A 1 113 LEU 113 105 105 LEU LEU A . n 
A 1 114 THR 114 106 106 THR THR A . n 
A 1 115 ARG 115 107 107 ARG ARG A . n 
A 1 116 GLU 116 108 108 GLU GLU A . n 
A 1 117 LEU 117 109 109 LEU LEU A . n 
A 1 118 VAL 118 110 110 VAL VAL A . n 
A 1 119 ASP 119 111 111 ASP ASP A . n 
A 1 120 GLY 120 112 112 GLY GLY A . n 
A 1 121 LYS 121 113 113 LYS LYS A . n 
A 1 122 LEU 122 114 114 LEU LEU A . n 
A 1 123 ILE 123 115 115 ILE ILE A . n 
A 1 124 LEU 124 116 116 LEU LEU A . n 
A 1 125 THR 125 117 117 THR THR A . n 
A 1 126 LEU 126 118 118 LEU LEU A . n 
A 1 127 THR 127 119 119 THR THR A . n 
A 1 128 HIS 128 120 120 HIS HIS A . n 
A 1 129 GLY 129 121 121 GLY GLY A . n 
A 1 130 SER 130 122 122 SER SER A . n 
A 1 131 VAL 131 123 123 VAL VAL A . n 
A 1 132 VAL 132 124 124 VAL VAL A . n 
A 1 133 SER 133 125 125 SER SER A . n 
A 1 134 THR 134 126 126 THR THR A . n 
A 1 135 ARG 135 127 127 ARG ARG A . n 
A 1 136 THR 136 128 128 THR THR A . n 
A 1 137 TYR 137 129 129 TYR TYR A . n 
A 1 138 GLU 138 130 130 GLU GLU A . n 
A 1 139 LYS 139 131 131 LYS LYS A . n 
A 1 140 GLU 140 132 132 GLU GLU A . n 
A 1 141 ALA 141 133 ?   ?   ?   A . n 
# 
_pdbx_contact_author.id                 3 
_pdbx_contact_author.email              2020509024@hust.edu.cn 
_pdbx_contact_author.name_first         Yahui 
_pdbx_contact_author.name_last          Liu 
_pdbx_contact_author.name_mi            ? 
_pdbx_contact_author.role               'principal investigator/group leader' 
_pdbx_contact_author.identifier_ORCID   0000-0002-5983-0151 
# 
loop_
_pdbx_nonpoly_scheme.asym_id 
_pdbx_nonpoly_scheme.entity_id 
_pdbx_nonpoly_scheme.mon_id 
_pdbx_nonpoly_scheme.ndb_seq_num 
_pdbx_nonpoly_scheme.pdb_seq_num 
_pdbx_nonpoly_scheme.auth_seq_num 
_pdbx_nonpoly_scheme.pdb_mon_id 
_pdbx_nonpoly_scheme.auth_mon_id 
_pdbx_nonpoly_scheme.pdb_strand_id 
_pdbx_nonpoly_scheme.pdb_ins_code 
B 2 PLM 1   201 132 PLM PLM A . 
C 3 HOH 1   301 78  HOH HOH A . 
C 3 HOH 2   302 128 HOH HOH A . 
C 3 HOH 3   303 90  HOH HOH A . 
C 3 HOH 4   304 198 HOH HOH A . 
C 3 HOH 5   305 196 HOH HOH A . 
C 3 HOH 6   306 84  HOH HOH A . 
C 3 HOH 7   307 95  HOH HOH A . 
C 3 HOH 8   308 145 HOH HOH A . 
C 3 HOH 9   309 175 HOH HOH A . 
C 3 HOH 10  310 103 HOH HOH A . 
C 3 HOH 11  311 142 HOH HOH A . 
C 3 HOH 12  312 189 HOH HOH A . 
C 3 HOH 13  313 98  HOH HOH A . 
C 3 HOH 14  314 19  HOH HOH A . 
C 3 HOH 15  315 22  HOH HOH A . 
C 3 HOH 16  316 96  HOH HOH A . 
C 3 HOH 17  317 9   HOH HOH A . 
C 3 HOH 18  318 16  HOH HOH A . 
C 3 HOH 19  319 161 HOH HOH A . 
C 3 HOH 20  320 144 HOH HOH A . 
C 3 HOH 21  321 69  HOH HOH A . 
C 3 HOH 22  322 154 HOH HOH A . 
C 3 HOH 23  323 146 HOH HOH A . 
C 3 HOH 24  324 121 HOH HOH A . 
C 3 HOH 25  325 74  HOH HOH A . 
C 3 HOH 26  326 149 HOH HOH A . 
C 3 HOH 27  327 101 HOH HOH A . 
C 3 HOH 28  328 5   HOH HOH A . 
C 3 HOH 29  329 11  HOH HOH A . 
C 3 HOH 30  330 151 HOH HOH A . 
C 3 HOH 31  331 18  HOH HOH A . 
C 3 HOH 32  332 91  HOH HOH A . 
C 3 HOH 33  333 35  HOH HOH A . 
C 3 HOH 34  334 212 HOH HOH A . 
C 3 HOH 35  335 201 HOH HOH A . 
C 3 HOH 36  336 45  HOH HOH A . 
C 3 HOH 37  337 104 HOH HOH A . 
C 3 HOH 38  338 72  HOH HOH A . 
C 3 HOH 39  339 71  HOH HOH A . 
C 3 HOH 40  340 20  HOH HOH A . 
C 3 HOH 41  341 186 HOH HOH A . 
C 3 HOH 42  342 158 HOH HOH A . 
C 3 HOH 43  343 131 HOH HOH A . 
C 3 HOH 44  344 13  HOH HOH A . 
C 3 HOH 45  345 116 HOH HOH A . 
C 3 HOH 46  346 43  HOH HOH A . 
C 3 HOH 47  347 67  HOH HOH A . 
C 3 HOH 48  348 133 HOH HOH A . 
C 3 HOH 49  349 70  HOH HOH A . 
C 3 HOH 50  350 75  HOH HOH A . 
C 3 HOH 51  351 159 HOH HOH A . 
C 3 HOH 52  352 79  HOH HOH A . 
C 3 HOH 53  353 108 HOH HOH A . 
C 3 HOH 54  354 63  HOH HOH A . 
C 3 HOH 55  355 140 HOH HOH A . 
C 3 HOH 56  356 187 HOH HOH A . 
C 3 HOH 57  357 157 HOH HOH A . 
C 3 HOH 58  358 44  HOH HOH A . 
C 3 HOH 59  359 52  HOH HOH A . 
C 3 HOH 60  360 130 HOH HOH A . 
C 3 HOH 61  361 77  HOH HOH A . 
C 3 HOH 62  362 8   HOH HOH A . 
C 3 HOH 63  363 188 HOH HOH A . 
C 3 HOH 64  364 118 HOH HOH A . 
C 3 HOH 65  365 2   HOH HOH A . 
C 3 HOH 66  366 85  HOH HOH A . 
C 3 HOH 67  367 41  HOH HOH A . 
C 3 HOH 68  368 26  HOH HOH A . 
C 3 HOH 69  369 27  HOH HOH A . 
C 3 HOH 70  370 25  HOH HOH A . 
C 3 HOH 71  371 197 HOH HOH A . 
C 3 HOH 72  372 185 HOH HOH A . 
C 3 HOH 73  373 34  HOH HOH A . 
C 3 HOH 74  374 1   HOH HOH A . 
C 3 HOH 75  375 176 HOH HOH A . 
C 3 HOH 76  376 7   HOH HOH A . 
C 3 HOH 77  377 92  HOH HOH A . 
C 3 HOH 78  378 124 HOH HOH A . 
C 3 HOH 79  379 48  HOH HOH A . 
C 3 HOH 80  380 194 HOH HOH A . 
C 3 HOH 81  381 184 HOH HOH A . 
C 3 HOH 82  382 12  HOH HOH A . 
C 3 HOH 83  383 54  HOH HOH A . 
C 3 HOH 84  384 46  HOH HOH A . 
C 3 HOH 85  385 156 HOH HOH A . 
C 3 HOH 86  386 109 HOH HOH A . 
C 3 HOH 87  387 160 HOH HOH A . 
C 3 HOH 88  388 73  HOH HOH A . 
C 3 HOH 89  389 28  HOH HOH A . 
C 3 HOH 90  390 94  HOH HOH A . 
C 3 HOH 91  391 10  HOH HOH A . 
C 3 HOH 92  392 99  HOH HOH A . 
C 3 HOH 93  393 53  HOH HOH A . 
C 3 HOH 94  394 139 HOH HOH A . 
C 3 HOH 95  395 181 HOH HOH A . 
C 3 HOH 96  396 29  HOH HOH A . 
C 3 HOH 97  397 125 HOH HOH A . 
C 3 HOH 98  398 172 HOH HOH A . 
C 3 HOH 99  399 129 HOH HOH A . 
C 3 HOH 100 400 59  HOH HOH A . 
C 3 HOH 101 401 178 HOH HOH A . 
C 3 HOH 102 402 40  HOH HOH A . 
C 3 HOH 103 403 191 HOH HOH A . 
C 3 HOH 104 404 64  HOH HOH A . 
C 3 HOH 105 405 24  HOH HOH A . 
C 3 HOH 106 406 60  HOH HOH A . 
C 3 HOH 107 407 76  HOH HOH A . 
C 3 HOH 108 408 102 HOH HOH A . 
C 3 HOH 109 409 162 HOH HOH A . 
C 3 HOH 110 410 17  HOH HOH A . 
C 3 HOH 111 411 33  HOH HOH A . 
C 3 HOH 112 412 38  HOH HOH A . 
C 3 HOH 113 413 4   HOH HOH A . 
C 3 HOH 114 414 3   HOH HOH A . 
C 3 HOH 115 415 49  HOH HOH A . 
C 3 HOH 116 416 55  HOH HOH A . 
C 3 HOH 117 417 50  HOH HOH A . 
C 3 HOH 118 418 138 HOH HOH A . 
C 3 HOH 119 419 148 HOH HOH A . 
C 3 HOH 120 420 57  HOH HOH A . 
C 3 HOH 121 421 153 HOH HOH A . 
C 3 HOH 122 422 15  HOH HOH A . 
C 3 HOH 123 423 122 HOH HOH A . 
C 3 HOH 124 424 127 HOH HOH A . 
C 3 HOH 125 425 58  HOH HOH A . 
C 3 HOH 126 426 14  HOH HOH A . 
C 3 HOH 127 427 152 HOH HOH A . 
C 3 HOH 128 428 31  HOH HOH A . 
C 3 HOH 129 429 56  HOH HOH A . 
C 3 HOH 130 430 132 HOH HOH A . 
C 3 HOH 131 431 183 HOH HOH A . 
C 3 HOH 132 432 100 HOH HOH A . 
C 3 HOH 133 433 30  HOH HOH A . 
C 3 HOH 134 434 126 HOH HOH A . 
C 3 HOH 135 435 62  HOH HOH A . 
C 3 HOH 136 436 89  HOH HOH A . 
C 3 HOH 137 437 88  HOH HOH A . 
C 3 HOH 138 438 6   HOH HOH A . 
C 3 HOH 139 439 200 HOH HOH A . 
C 3 HOH 140 440 32  HOH HOH A . 
C 3 HOH 141 441 51  HOH HOH A . 
C 3 HOH 142 442 80  HOH HOH A . 
C 3 HOH 143 443 171 HOH HOH A . 
C 3 HOH 144 444 106 HOH HOH A . 
C 3 HOH 145 445 65  HOH HOH A . 
C 3 HOH 146 446 66  HOH HOH A . 
C 3 HOH 147 447 155 HOH HOH A . 
C 3 HOH 148 448 21  HOH HOH A . 
C 3 HOH 149 449 83  HOH HOH A . 
C 3 HOH 150 450 202 HOH HOH A . 
C 3 HOH 151 451 210 HOH HOH A . 
C 3 HOH 152 452 167 HOH HOH A . 
C 3 HOH 153 453 119 HOH HOH A . 
C 3 HOH 154 454 114 HOH HOH A . 
C 3 HOH 155 455 68  HOH HOH A . 
C 3 HOH 156 456 150 HOH HOH A . 
C 3 HOH 157 457 174 HOH HOH A . 
C 3 HOH 158 458 165 HOH HOH A . 
C 3 HOH 159 459 208 HOH HOH A . 
C 3 HOH 160 460 36  HOH HOH A . 
C 3 HOH 161 461 170 HOH HOH A . 
C 3 HOH 162 462 134 HOH HOH A . 
C 3 HOH 163 463 169 HOH HOH A . 
C 3 HOH 164 464 137 HOH HOH A . 
C 3 HOH 165 465 192 HOH HOH A . 
C 3 HOH 166 466 120 HOH HOH A . 
C 3 HOH 167 467 115 HOH HOH A . 
C 3 HOH 168 468 107 HOH HOH A . 
C 3 HOH 169 469 81  HOH HOH A . 
C 3 HOH 170 470 166 HOH HOH A . 
C 3 HOH 171 471 82  HOH HOH A . 
C 3 HOH 172 472 141 HOH HOH A . 
C 3 HOH 173 473 193 HOH HOH A . 
C 3 HOH 174 474 39  HOH HOH A . 
C 3 HOH 175 475 211 HOH HOH A . 
C 3 HOH 176 476 93  HOH HOH A . 
C 3 HOH 177 477 47  HOH HOH A . 
C 3 HOH 178 478 168 HOH HOH A . 
C 3 HOH 179 479 111 HOH HOH A . 
C 3 HOH 180 480 206 HOH HOH A . 
C 3 HOH 181 481 177 HOH HOH A . 
C 3 HOH 182 482 199 HOH HOH A . 
C 3 HOH 183 483 105 HOH HOH A . 
C 3 HOH 184 484 110 HOH HOH A . 
C 3 HOH 185 485 37  HOH HOH A . 
C 3 HOH 186 486 42  HOH HOH A . 
C 3 HOH 187 487 147 HOH HOH A . 
C 3 HOH 188 488 87  HOH HOH A . 
C 3 HOH 189 489 164 HOH HOH A . 
C 3 HOH 190 490 23  HOH HOH A . 
C 3 HOH 191 491 204 HOH HOH A . 
C 3 HOH 192 492 112 HOH HOH A . 
C 3 HOH 193 493 179 HOH HOH A . 
C 3 HOH 194 494 195 HOH HOH A . 
C 3 HOH 195 495 86  HOH HOH A . 
C 3 HOH 196 496 205 HOH HOH A . 
C 3 HOH 197 497 180 HOH HOH A . 
C 3 HOH 198 498 117 HOH HOH A . 
C 3 HOH 199 499 173 HOH HOH A . 
C 3 HOH 200 500 113 HOH HOH A . 
C 3 HOH 201 501 209 HOH HOH A . 
C 3 HOH 202 502 97  HOH HOH A . 
C 3 HOH 203 503 61  HOH HOH A . 
C 3 HOH 204 504 143 HOH HOH A . 
C 3 HOH 205 505 190 HOH HOH A . 
C 3 HOH 206 506 136 HOH HOH A . 
C 3 HOH 207 507 135 HOH HOH A . 
C 3 HOH 208 508 203 HOH HOH A . 
C 3 HOH 209 509 163 HOH HOH A . 
C 3 HOH 210 510 182 HOH HOH A . 
C 3 HOH 211 511 123 HOH HOH A . 
C 3 HOH 212 512 207 HOH HOH A . 
# 
_pdbx_struct_assembly.id                   1 
_pdbx_struct_assembly.details              author_and_software_defined_assembly 
_pdbx_struct_assembly.method_details       PISA 
_pdbx_struct_assembly.oligomeric_details   monomeric 
_pdbx_struct_assembly.oligomeric_count     1 
# 
_pdbx_struct_assembly_gen.assembly_id       1 
_pdbx_struct_assembly_gen.oper_expression   1 
_pdbx_struct_assembly_gen.asym_id_list      A,B,C 
# 
loop_
_pdbx_struct_assembly_prop.biol_id 
_pdbx_struct_assembly_prop.type 
_pdbx_struct_assembly_prop.value 
_pdbx_struct_assembly_prop.details 
1 'ABSA (A^2)' 770  ? 
1 MORE         1    ? 
1 'SSA (A^2)'  7060 ? 
# 
_pdbx_struct_oper_list.id                   1 
_pdbx_struct_oper_list.type                 'identity operation' 
_pdbx_struct_oper_list.name                 1_555 
_pdbx_struct_oper_list.symmetry_operation   x,y,z 
_pdbx_struct_oper_list.matrix[1][1]         1.0000000000 
_pdbx_struct_oper_list.matrix[1][2]         0.0000000000 
_pdbx_struct_oper_list.matrix[1][3]         0.0000000000 
_pdbx_struct_oper_list.vector[1]            0.0000000000 
_pdbx_struct_oper_list.matrix[2][1]         0.0000000000 
_pdbx_struct_oper_list.matrix[2][2]         1.0000000000 
_pdbx_struct_oper_list.matrix[2][3]         0.0000000000 
_pdbx_struct_oper_list.vector[2]            0.0000000000 
_pdbx_struct_oper_list.matrix[3][1]         0.0000000000 
_pdbx_struct_oper_list.matrix[3][2]         0.0000000000 
_pdbx_struct_oper_list.matrix[3][3]         1.0000000000 
_pdbx_struct_oper_list.vector[3]            0.0000000000 
# 
loop_
_pdbx_audit_revision_history.ordinal 
_pdbx_audit_revision_history.data_content_type 
_pdbx_audit_revision_history.major_revision 
_pdbx_audit_revision_history.minor_revision 
_pdbx_audit_revision_history.revision_date 
1 'Structure model' 1 0 2022-09-21 
2 'Structure model' 1 1 2023-04-05 
3 'Structure model' 1 2 2023-11-29 
# 
_pdbx_audit_revision_details.ordinal             1 
_pdbx_audit_revision_details.revision_ordinal    1 
_pdbx_audit_revision_details.data_content_type   'Structure model' 
_pdbx_audit_revision_details.provider            repository 
_pdbx_audit_revision_details.type                'Initial release' 
_pdbx_audit_revision_details.description         ? 
_pdbx_audit_revision_details.details             ? 
# 
loop_
_pdbx_audit_revision_group.ordinal 
_pdbx_audit_revision_group.revision_ordinal 
_pdbx_audit_revision_group.data_content_type 
_pdbx_audit_revision_group.group 
1 2 'Structure model' 'Database references'    
2 3 'Structure model' 'Data collection'        
3 3 'Structure model' 'Refinement description' 
# 
loop_
_pdbx_audit_revision_category.ordinal 
_pdbx_audit_revision_category.revision_ordinal 
_pdbx_audit_revision_category.data_content_type 
_pdbx_audit_revision_category.category 
1 2 'Structure model' citation                      
2 2 'Structure model' citation_author               
3 3 'Structure model' chem_comp_atom                
4 3 'Structure model' chem_comp_bond                
5 3 'Structure model' pdbx_initial_refinement_model 
# 
loop_
_pdbx_audit_revision_item.ordinal 
_pdbx_audit_revision_item.revision_ordinal 
_pdbx_audit_revision_item.data_content_type 
_pdbx_audit_revision_item.item 
1 2 'Structure model' '_citation.country'                 
2 2 'Structure model' '_citation.journal_abbrev'          
3 2 'Structure model' '_citation.journal_id_CSD'          
4 2 'Structure model' '_citation.journal_id_ISSN'         
5 2 'Structure model' '_citation.journal_volume'          
6 2 'Structure model' '_citation.pdbx_database_id_DOI'    
7 2 'Structure model' '_citation.pdbx_database_id_PubMed' 
8 2 'Structure model' '_citation.title'                   
9 2 'Structure model' '_citation.year'                    
# 
loop_
_space_group_symop.id 
_space_group_symop.operation_xyz 
1 x,y,z           
2 x+1/2,-y+1/2,-z 
3 -x,y+1/2,-z+1/2 
4 -x+1/2,-y,z+1/2 
# 
loop_
_software.citation_id 
_software.classification 
_software.compiler_name 
_software.compiler_version 
_software.contact_author 
_software.contact_author_email 
_software.date 
_software.description 
_software.dependencies 
_software.hardware 
_software.language 
_software.location 
_software.mods 
_software.name 
_software.os 
_software.os_version 
_software.type 
_software.version 
_software.pdbx_ordinal 
? refinement       ? ? ? ? ? ? ? ? ? ? ? PHENIX ? ? ? 1.20.1_4487 1 
? 'data reduction' ? ? ? ? ? ? ? ? ? ? ? DENZO  ? ? ? .           2 
? 'data scaling'   ? ? ? ? ? ? ? ? ? ? ? SCALA  ? ? ? .           3 
? phasing          ? ? ? ? ? ? ? ? ? ? ? PHENIX ? ? ? .           4 
# 
_pdbx_entry_details.entry_id                 7YF1 
_pdbx_entry_details.has_ligand_of_interest   N 
_pdbx_entry_details.compound_details         ? 
_pdbx_entry_details.source_details           ? 
_pdbx_entry_details.nonpolymer_details       ? 
_pdbx_entry_details.sequence_details         ? 
# 
loop_
_pdbx_validate_close_contact.id 
_pdbx_validate_close_contact.PDB_model_num 
_pdbx_validate_close_contact.auth_atom_id_1 
_pdbx_validate_close_contact.auth_asym_id_1 
_pdbx_validate_close_contact.auth_comp_id_1 
_pdbx_validate_close_contact.auth_seq_id_1 
_pdbx_validate_close_contact.PDB_ins_code_1 
_pdbx_validate_close_contact.label_alt_id_1 
_pdbx_validate_close_contact.auth_atom_id_2 
_pdbx_validate_close_contact.auth_asym_id_2 
_pdbx_validate_close_contact.auth_comp_id_2 
_pdbx_validate_close_contact.auth_seq_id_2 
_pdbx_validate_close_contact.PDB_ins_code_2 
_pdbx_validate_close_contact.label_alt_id_2 
_pdbx_validate_close_contact.dist 
1 1 O A HOH 356 ? ? O A HOH 492 ? ? 1.92 
2 1 O A HOH 494 ? ? O A HOH 497 ? ? 2.01 
3 1 O A HOH 464 ? ? O A HOH 494 ? ? 2.04 
4 1 O A HOH 494 ? ? O A HOH 509 ? ? 2.17 
# 
_pdbx_validate_torsion.id              1 
_pdbx_validate_torsion.PDB_model_num   1 
_pdbx_validate_torsion.auth_comp_id    PHE 
_pdbx_validate_torsion.auth_asym_id    A 
_pdbx_validate_torsion.auth_seq_id     58 
_pdbx_validate_torsion.PDB_ins_code    ? 
_pdbx_validate_torsion.label_alt_id    ? 
_pdbx_validate_torsion.phi             -99.65 
_pdbx_validate_torsion.psi             -62.77 
# 
loop_
_pdbx_unobs_or_zero_occ_atoms.id 
_pdbx_unobs_or_zero_occ_atoms.PDB_model_num 
_pdbx_unobs_or_zero_occ_atoms.polymer_flag 
_pdbx_unobs_or_zero_occ_atoms.occupancy_flag 
_pdbx_unobs_or_zero_occ_atoms.auth_asym_id 
_pdbx_unobs_or_zero_occ_atoms.auth_comp_id 
_pdbx_unobs_or_zero_occ_atoms.auth_seq_id 
_pdbx_unobs_or_zero_occ_atoms.PDB_ins_code 
_pdbx_unobs_or_zero_occ_atoms.auth_atom_id 
_pdbx_unobs_or_zero_occ_atoms.label_alt_id 
_pdbx_unobs_or_zero_occ_atoms.label_asym_id 
_pdbx_unobs_or_zero_occ_atoms.label_comp_id 
_pdbx_unobs_or_zero_occ_atoms.label_seq_id 
_pdbx_unobs_or_zero_occ_atoms.label_atom_id 
1 1 Y 1 A LYS 59 ? CG ? A LYS 67 CG 
2 1 Y 1 A LYS 59 ? CD ? A LYS 67 CD 
3 1 Y 1 A LYS 59 ? CE ? A LYS 67 CE 
4 1 Y 1 A LYS 59 ? NZ ? A LYS 67 NZ 
# 
loop_
_pdbx_unobs_or_zero_occ_residues.id 
_pdbx_unobs_or_zero_occ_residues.PDB_model_num 
_pdbx_unobs_or_zero_occ_residues.polymer_flag 
_pdbx_unobs_or_zero_occ_residues.occupancy_flag 
_pdbx_unobs_or_zero_occ_residues.auth_asym_id 
_pdbx_unobs_or_zero_occ_residues.auth_comp_id 
_pdbx_unobs_or_zero_occ_residues.auth_seq_id 
_pdbx_unobs_or_zero_occ_residues.PDB_ins_code 
_pdbx_unobs_or_zero_occ_residues.label_asym_id 
_pdbx_unobs_or_zero_occ_residues.label_comp_id 
_pdbx_unobs_or_zero_occ_residues.label_seq_id 
1 1 Y 1 A HIS -7  ? A HIS 1   
2 1 Y 1 A HIS -6  ? A HIS 2   
3 1 Y 1 A HIS -5  ? A HIS 3   
4 1 Y 1 A HIS -4  ? A HIS 4   
5 1 Y 1 A HIS -3  ? A HIS 5   
6 1 Y 1 A HIS -2  ? A HIS 6   
7 1 Y 1 A GLY -1  ? A GLY 7   
8 1 Y 1 A ALA 133 ? A ALA 141 
# 
loop_
_chem_comp_atom.comp_id 
_chem_comp_atom.atom_id 
_chem_comp_atom.type_symbol 
_chem_comp_atom.pdbx_aromatic_flag 
_chem_comp_atom.pdbx_stereo_config 
_chem_comp_atom.pdbx_ordinal 
ALA N    N N N 1   
ALA CA   C N S 2   
ALA C    C N N 3   
ALA O    O N N 4   
ALA CB   C N N 5   
ALA OXT  O N N 6   
ALA H    H N N 7   
ALA H2   H N N 8   
ALA HA   H N N 9   
ALA HB1  H N N 10  
ALA HB2  H N N 11  
ALA HB3  H N N 12  
ALA HXT  H N N 13  
ARG N    N N N 14  
ARG CA   C N S 15  
ARG C    C N N 16  
ARG O    O N N 17  
ARG CB   C N N 18  
ARG CG   C N N 19  
ARG CD   C N N 20  
ARG NE   N N N 21  
ARG CZ   C N N 22  
ARG NH1  N N N 23  
ARG NH2  N N N 24  
ARG OXT  O N N 25  
ARG H    H N N 26  
ARG H2   H N N 27  
ARG HA   H N N 28  
ARG HB2  H N N 29  
ARG HB3  H N N 30  
ARG HG2  H N N 31  
ARG HG3  H N N 32  
ARG HD2  H N N 33  
ARG HD3  H N N 34  
ARG HE   H N N 35  
ARG HH11 H N N 36  
ARG HH12 H N N 37  
ARG HH21 H N N 38  
ARG HH22 H N N 39  
ARG HXT  H N N 40  
ASN N    N N N 41  
ASN CA   C N S 42  
ASN C    C N N 43  
ASN O    O N N 44  
ASN CB   C N N 45  
ASN CG   C N N 46  
ASN OD1  O N N 47  
ASN ND2  N N N 48  
ASN OXT  O N N 49  
ASN H    H N N 50  
ASN H2   H N N 51  
ASN HA   H N N 52  
ASN HB2  H N N 53  
ASN HB3  H N N 54  
ASN HD21 H N N 55  
ASN HD22 H N N 56  
ASN HXT  H N N 57  
ASP N    N N N 58  
ASP CA   C N S 59  
ASP C    C N N 60  
ASP O    O N N 61  
ASP CB   C N N 62  
ASP CG   C N N 63  
ASP OD1  O N N 64  
ASP OD2  O N N 65  
ASP OXT  O N N 66  
ASP H    H N N 67  
ASP H2   H N N 68  
ASP HA   H N N 69  
ASP HB2  H N N 70  
ASP HB3  H N N 71  
ASP HD2  H N N 72  
ASP HXT  H N N 73  
GLN N    N N N 74  
GLN CA   C N S 75  
GLN C    C N N 76  
GLN O    O N N 77  
GLN CB   C N N 78  
GLN CG   C N N 79  
GLN CD   C N N 80  
GLN OE1  O N N 81  
GLN NE2  N N N 82  
GLN OXT  O N N 83  
GLN H    H N N 84  
GLN H2   H N N 85  
GLN HA   H N N 86  
GLN HB2  H N N 87  
GLN HB3  H N N 88  
GLN HG2  H N N 89  
GLN HG3  H N N 90  
GLN HE21 H N N 91  
GLN HE22 H N N 92  
GLN HXT  H N N 93  
GLU N    N N N 94  
GLU CA   C N S 95  
GLU C    C N N 96  
GLU O    O N N 97  
GLU CB   C N N 98  
GLU CG   C N N 99  
GLU CD   C N N 100 
GLU OE1  O N N 101 
GLU OE2  O N N 102 
GLU OXT  O N N 103 
GLU H    H N N 104 
GLU H2   H N N 105 
GLU HA   H N N 106 
GLU HB2  H N N 107 
GLU HB3  H N N 108 
GLU HG2  H N N 109 
GLU HG3  H N N 110 
GLU HE2  H N N 111 
GLU HXT  H N N 112 
GLY N    N N N 113 
GLY CA   C N N 114 
GLY C    C N N 115 
GLY O    O N N 116 
GLY OXT  O N N 117 
GLY H    H N N 118 
GLY H2   H N N 119 
GLY HA2  H N N 120 
GLY HA3  H N N 121 
GLY HXT  H N N 122 
HIS N    N N N 123 
HIS CA   C N S 124 
HIS C    C N N 125 
HIS O    O N N 126 
HIS CB   C N N 127 
HIS CG   C Y N 128 
HIS ND1  N Y N 129 
HIS CD2  C Y N 130 
HIS CE1  C Y N 131 
HIS NE2  N Y N 132 
HIS OXT  O N N 133 
HIS H    H N N 134 
HIS H2   H N N 135 
HIS HA   H N N 136 
HIS HB2  H N N 137 
HIS HB3  H N N 138 
HIS HD1  H N N 139 
HIS HD2  H N N 140 
HIS HE1  H N N 141 
HIS HE2  H N N 142 
HIS HXT  H N N 143 
HOH O    O N N 144 
HOH H1   H N N 145 
HOH H2   H N N 146 
ILE N    N N N 147 
ILE CA   C N S 148 
ILE C    C N N 149 
ILE O    O N N 150 
ILE CB   C N S 151 
ILE CG1  C N N 152 
ILE CG2  C N N 153 
ILE CD1  C N N 154 
ILE OXT  O N N 155 
ILE H    H N N 156 
ILE H2   H N N 157 
ILE HA   H N N 158 
ILE HB   H N N 159 
ILE HG12 H N N 160 
ILE HG13 H N N 161 
ILE HG21 H N N 162 
ILE HG22 H N N 163 
ILE HG23 H N N 164 
ILE HD11 H N N 165 
ILE HD12 H N N 166 
ILE HD13 H N N 167 
ILE HXT  H N N 168 
LEU N    N N N 169 
LEU CA   C N S 170 
LEU C    C N N 171 
LEU O    O N N 172 
LEU CB   C N N 173 
LEU CG   C N N 174 
LEU CD1  C N N 175 
LEU CD2  C N N 176 
LEU OXT  O N N 177 
LEU H    H N N 178 
LEU H2   H N N 179 
LEU HA   H N N 180 
LEU HB2  H N N 181 
LEU HB3  H N N 182 
LEU HG   H N N 183 
LEU HD11 H N N 184 
LEU HD12 H N N 185 
LEU HD13 H N N 186 
LEU HD21 H N N 187 
LEU HD22 H N N 188 
LEU HD23 H N N 189 
LEU HXT  H N N 190 
LYS N    N N N 191 
LYS CA   C N S 192 
LYS C    C N N 193 
LYS O    O N N 194 
LYS CB   C N N 195 
LYS CG   C N N 196 
LYS CD   C N N 197 
LYS CE   C N N 198 
LYS NZ   N N N 199 
LYS OXT  O N N 200 
LYS H    H N N 201 
LYS H2   H N N 202 
LYS HA   H N N 203 
LYS HB2  H N N 204 
LYS HB3  H N N 205 
LYS HG2  H N N 206 
LYS HG3  H N N 207 
LYS HD2  H N N 208 
LYS HD3  H N N 209 
LYS HE2  H N N 210 
LYS HE3  H N N 211 
LYS HZ1  H N N 212 
LYS HZ2  H N N 213 
LYS HZ3  H N N 214 
LYS HXT  H N N 215 
MET N    N N N 216 
MET CA   C N S 217 
MET C    C N N 218 
MET O    O N N 219 
MET CB   C N N 220 
MET CG   C N N 221 
MET SD   S N N 222 
MET CE   C N N 223 
MET OXT  O N N 224 
MET H    H N N 225 
MET H2   H N N 226 
MET HA   H N N 227 
MET HB2  H N N 228 
MET HB3  H N N 229 
MET HG2  H N N 230 
MET HG3  H N N 231 
MET HE1  H N N 232 
MET HE2  H N N 233 
MET HE3  H N N 234 
MET HXT  H N N 235 
PHE N    N N N 236 
PHE CA   C N S 237 
PHE C    C N N 238 
PHE O    O N N 239 
PHE CB   C N N 240 
PHE CG   C Y N 241 
PHE CD1  C Y N 242 
PHE CD2  C Y N 243 
PHE CE1  C Y N 244 
PHE CE2  C Y N 245 
PHE CZ   C Y N 246 
PHE OXT  O N N 247 
PHE H    H N N 248 
PHE H2   H N N 249 
PHE HA   H N N 250 
PHE HB2  H N N 251 
PHE HB3  H N N 252 
PHE HD1  H N N 253 
PHE HD2  H N N 254 
PHE HE1  H N N 255 
PHE HE2  H N N 256 
PHE HZ   H N N 257 
PHE HXT  H N N 258 
PLM C1   C N N 259 
PLM O1   O N N 260 
PLM O2   O N N 261 
PLM C2   C N N 262 
PLM C3   C N N 263 
PLM C4   C N N 264 
PLM C5   C N N 265 
PLM C6   C N N 266 
PLM C7   C N N 267 
PLM C8   C N N 268 
PLM C9   C N N 269 
PLM CA   C N N 270 
PLM CB   C N N 271 
PLM CC   C N N 272 
PLM CD   C N N 273 
PLM CE   C N N 274 
PLM CF   C N N 275 
PLM CG   C N N 276 
PLM H    H N N 277 
PLM H21  H N N 278 
PLM H22  H N N 279 
PLM H31  H N N 280 
PLM H32  H N N 281 
PLM H41  H N N 282 
PLM H42  H N N 283 
PLM H51  H N N 284 
PLM H52  H N N 285 
PLM H61  H N N 286 
PLM H62  H N N 287 
PLM H71  H N N 288 
PLM H72  H N N 289 
PLM H81  H N N 290 
PLM H82  H N N 291 
PLM H91  H N N 292 
PLM H92  H N N 293 
PLM HA1  H N N 294 
PLM HA2  H N N 295 
PLM HB1  H N N 296 
PLM HB2  H N N 297 
PLM HC1  H N N 298 
PLM HC2  H N N 299 
PLM HD1  H N N 300 
PLM HD2  H N N 301 
PLM HE1  H N N 302 
PLM HE2  H N N 303 
PLM HF1  H N N 304 
PLM HF2  H N N 305 
PLM HG1  H N N 306 
PLM HG2  H N N 307 
PLM HG3  H N N 308 
PRO N    N N N 309 
PRO CA   C N S 310 
PRO C    C N N 311 
PRO O    O N N 312 
PRO CB   C N N 313 
PRO CG   C N N 314 
PRO CD   C N N 315 
PRO OXT  O N N 316 
PRO H    H N N 317 
PRO HA   H N N 318 
PRO HB2  H N N 319 
PRO HB3  H N N 320 
PRO HG2  H N N 321 
PRO HG3  H N N 322 
PRO HD2  H N N 323 
PRO HD3  H N N 324 
PRO HXT  H N N 325 
SER N    N N N 326 
SER CA   C N S 327 
SER C    C N N 328 
SER O    O N N 329 
SER CB   C N N 330 
SER OG   O N N 331 
SER OXT  O N N 332 
SER H    H N N 333 
SER H2   H N N 334 
SER HA   H N N 335 
SER HB2  H N N 336 
SER HB3  H N N 337 
SER HG   H N N 338 
SER HXT  H N N 339 
THR N    N N N 340 
THR CA   C N S 341 
THR C    C N N 342 
THR O    O N N 343 
THR CB   C N R 344 
THR OG1  O N N 345 
THR CG2  C N N 346 
THR OXT  O N N 347 
THR H    H N N 348 
THR H2   H N N 349 
THR HA   H N N 350 
THR HB   H N N 351 
THR HG1  H N N 352 
THR HG21 H N N 353 
THR HG22 H N N 354 
THR HG23 H N N 355 
THR HXT  H N N 356 
TRP N    N N N 357 
TRP CA   C N S 358 
TRP C    C N N 359 
TRP O    O N N 360 
TRP CB   C N N 361 
TRP CG   C Y N 362 
TRP CD1  C Y N 363 
TRP CD2  C Y N 364 
TRP NE1  N Y N 365 
TRP CE2  C Y N 366 
TRP CE3  C Y N 367 
TRP CZ2  C Y N 368 
TRP CZ3  C Y N 369 
TRP CH2  C Y N 370 
TRP OXT  O N N 371 
TRP H    H N N 372 
TRP H2   H N N 373 
TRP HA   H N N 374 
TRP HB2  H N N 375 
TRP HB3  H N N 376 
TRP HD1  H N N 377 
TRP HE1  H N N 378 
TRP HE3  H N N 379 
TRP HZ2  H N N 380 
TRP HZ3  H N N 381 
TRP HH2  H N N 382 
TRP HXT  H N N 383 
TYR N    N N N 384 
TYR CA   C N S 385 
TYR C    C N N 386 
TYR O    O N N 387 
TYR CB   C N N 388 
TYR CG   C Y N 389 
TYR CD1  C Y N 390 
TYR CD2  C Y N 391 
TYR CE1  C Y N 392 
TYR CE2  C Y N 393 
TYR CZ   C Y N 394 
TYR OH   O N N 395 
TYR OXT  O N N 396 
TYR H    H N N 397 
TYR H2   H N N 398 
TYR HA   H N N 399 
TYR HB2  H N N 400 
TYR HB3  H N N 401 
TYR HD1  H N N 402 
TYR HD2  H N N 403 
TYR HE1  H N N 404 
TYR HE2  H N N 405 
TYR HH   H N N 406 
TYR HXT  H N N 407 
VAL N    N N N 408 
VAL CA   C N S 409 
VAL C    C N N 410 
VAL O    O N N 411 
VAL CB   C N N 412 
VAL CG1  C N N 413 
VAL CG2  C N N 414 
VAL OXT  O N N 415 
VAL H    H N N 416 
VAL H2   H N N 417 
VAL HA   H N N 418 
VAL HB   H N N 419 
VAL HG11 H N N 420 
VAL HG12 H N N 421 
VAL HG13 H N N 422 
VAL HG21 H N N 423 
VAL HG22 H N N 424 
VAL HG23 H N N 425 
VAL HXT  H N N 426 
# 
loop_
_chem_comp_bond.comp_id 
_chem_comp_bond.atom_id_1 
_chem_comp_bond.atom_id_2 
_chem_comp_bond.value_order 
_chem_comp_bond.pdbx_aromatic_flag 
_chem_comp_bond.pdbx_stereo_config 
_chem_comp_bond.pdbx_ordinal 
ALA N   CA   sing N N 1   
ALA N   H    sing N N 2   
ALA N   H2   sing N N 3   
ALA CA  C    sing N N 4   
ALA CA  CB   sing N N 5   
ALA CA  HA   sing N N 6   
ALA C   O    doub N N 7   
ALA C   OXT  sing N N 8   
ALA CB  HB1  sing N N 9   
ALA CB  HB2  sing N N 10  
ALA CB  HB3  sing N N 11  
ALA OXT HXT  sing N N 12  
ARG N   CA   sing N N 13  
ARG N   H    sing N N 14  
ARG N   H2   sing N N 15  
ARG CA  C    sing N N 16  
ARG CA  CB   sing N N 17  
ARG CA  HA   sing N N 18  
ARG C   O    doub N N 19  
ARG C   OXT  sing N N 20  
ARG CB  CG   sing N N 21  
ARG CB  HB2  sing N N 22  
ARG CB  HB3  sing N N 23  
ARG CG  CD   sing N N 24  
ARG CG  HG2  sing N N 25  
ARG CG  HG3  sing N N 26  
ARG CD  NE   sing N N 27  
ARG CD  HD2  sing N N 28  
ARG CD  HD3  sing N N 29  
ARG NE  CZ   sing N N 30  
ARG NE  HE   sing N N 31  
ARG CZ  NH1  sing N N 32  
ARG CZ  NH2  doub N N 33  
ARG NH1 HH11 sing N N 34  
ARG NH1 HH12 sing N N 35  
ARG NH2 HH21 sing N N 36  
ARG NH2 HH22 sing N N 37  
ARG OXT HXT  sing N N 38  
ASN N   CA   sing N N 39  
ASN N   H    sing N N 40  
ASN N   H2   sing N N 41  
ASN CA  C    sing N N 42  
ASN CA  CB   sing N N 43  
ASN CA  HA   sing N N 44  
ASN C   O    doub N N 45  
ASN C   OXT  sing N N 46  
ASN CB  CG   sing N N 47  
ASN CB  HB2  sing N N 48  
ASN CB  HB3  sing N N 49  
ASN CG  OD1  doub N N 50  
ASN CG  ND2  sing N N 51  
ASN ND2 HD21 sing N N 52  
ASN ND2 HD22 sing N N 53  
ASN OXT HXT  sing N N 54  
ASP N   CA   sing N N 55  
ASP N   H    sing N N 56  
ASP N   H2   sing N N 57  
ASP CA  C    sing N N 58  
ASP CA  CB   sing N N 59  
ASP CA  HA   sing N N 60  
ASP C   O    doub N N 61  
ASP C   OXT  sing N N 62  
ASP CB  CG   sing N N 63  
ASP CB  HB2  sing N N 64  
ASP CB  HB3  sing N N 65  
ASP CG  OD1  doub N N 66  
ASP CG  OD2  sing N N 67  
ASP OD2 HD2  sing N N 68  
ASP OXT HXT  sing N N 69  
GLN N   CA   sing N N 70  
GLN N   H    sing N N 71  
GLN N   H2   sing N N 72  
GLN CA  C    sing N N 73  
GLN CA  CB   sing N N 74  
GLN CA  HA   sing N N 75  
GLN C   O    doub N N 76  
GLN C   OXT  sing N N 77  
GLN CB  CG   sing N N 78  
GLN CB  HB2  sing N N 79  
GLN CB  HB3  sing N N 80  
GLN CG  CD   sing N N 81  
GLN CG  HG2  sing N N 82  
GLN CG  HG3  sing N N 83  
GLN CD  OE1  doub N N 84  
GLN CD  NE2  sing N N 85  
GLN NE2 HE21 sing N N 86  
GLN NE2 HE22 sing N N 87  
GLN OXT HXT  sing N N 88  
GLU N   CA   sing N N 89  
GLU N   H    sing N N 90  
GLU N   H2   sing N N 91  
GLU CA  C    sing N N 92  
GLU CA  CB   sing N N 93  
GLU CA  HA   sing N N 94  
GLU C   O    doub N N 95  
GLU C   OXT  sing N N 96  
GLU CB  CG   sing N N 97  
GLU CB  HB2  sing N N 98  
GLU CB  HB3  sing N N 99  
GLU CG  CD   sing N N 100 
GLU CG  HG2  sing N N 101 
GLU CG  HG3  sing N N 102 
GLU CD  OE1  doub N N 103 
GLU CD  OE2  sing N N 104 
GLU OE2 HE2  sing N N 105 
GLU OXT HXT  sing N N 106 
GLY N   CA   sing N N 107 
GLY N   H    sing N N 108 
GLY N   H2   sing N N 109 
GLY CA  C    sing N N 110 
GLY CA  HA2  sing N N 111 
GLY CA  HA3  sing N N 112 
GLY C   O    doub N N 113 
GLY C   OXT  sing N N 114 
GLY OXT HXT  sing N N 115 
HIS N   CA   sing N N 116 
HIS N   H    sing N N 117 
HIS N   H2   sing N N 118 
HIS CA  C    sing N N 119 
HIS CA  CB   sing N N 120 
HIS CA  HA   sing N N 121 
HIS C   O    doub N N 122 
HIS C   OXT  sing N N 123 
HIS CB  CG   sing N N 124 
HIS CB  HB2  sing N N 125 
HIS CB  HB3  sing N N 126 
HIS CG  ND1  sing Y N 127 
HIS CG  CD2  doub Y N 128 
HIS ND1 CE1  doub Y N 129 
HIS ND1 HD1  sing N N 130 
HIS CD2 NE2  sing Y N 131 
HIS CD2 HD2  sing N N 132 
HIS CE1 NE2  sing Y N 133 
HIS CE1 HE1  sing N N 134 
HIS NE2 HE2  sing N N 135 
HIS OXT HXT  sing N N 136 
HOH O   H1   sing N N 137 
HOH O   H2   sing N N 138 
ILE N   CA   sing N N 139 
ILE N   H    sing N N 140 
ILE N   H2   sing N N 141 
ILE CA  C    sing N N 142 
ILE CA  CB   sing N N 143 
ILE CA  HA   sing N N 144 
ILE C   O    doub N N 145 
ILE C   OXT  sing N N 146 
ILE CB  CG1  sing N N 147 
ILE CB  CG2  sing N N 148 
ILE CB  HB   sing N N 149 
ILE CG1 CD1  sing N N 150 
ILE CG1 HG12 sing N N 151 
ILE CG1 HG13 sing N N 152 
ILE CG2 HG21 sing N N 153 
ILE CG2 HG22 sing N N 154 
ILE CG2 HG23 sing N N 155 
ILE CD1 HD11 sing N N 156 
ILE CD1 HD12 sing N N 157 
ILE CD1 HD13 sing N N 158 
ILE OXT HXT  sing N N 159 
LEU N   CA   sing N N 160 
LEU N   H    sing N N 161 
LEU N   H2   sing N N 162 
LEU CA  C    sing N N 163 
LEU CA  CB   sing N N 164 
LEU CA  HA   sing N N 165 
LEU C   O    doub N N 166 
LEU C   OXT  sing N N 167 
LEU CB  CG   sing N N 168 
LEU CB  HB2  sing N N 169 
LEU CB  HB3  sing N N 170 
LEU CG  CD1  sing N N 171 
LEU CG  CD2  sing N N 172 
LEU CG  HG   sing N N 173 
LEU CD1 HD11 sing N N 174 
LEU CD1 HD12 sing N N 175 
LEU CD1 HD13 sing N N 176 
LEU CD2 HD21 sing N N 177 
LEU CD2 HD22 sing N N 178 
LEU CD2 HD23 sing N N 179 
LEU OXT HXT  sing N N 180 
LYS N   CA   sing N N 181 
LYS N   H    sing N N 182 
LYS N   H2   sing N N 183 
LYS CA  C    sing N N 184 
LYS CA  CB   sing N N 185 
LYS CA  HA   sing N N 186 
LYS C   O    doub N N 187 
LYS C   OXT  sing N N 188 
LYS CB  CG   sing N N 189 
LYS CB  HB2  sing N N 190 
LYS CB  HB3  sing N N 191 
LYS CG  CD   sing N N 192 
LYS CG  HG2  sing N N 193 
LYS CG  HG3  sing N N 194 
LYS CD  CE   sing N N 195 
LYS CD  HD2  sing N N 196 
LYS CD  HD3  sing N N 197 
LYS CE  NZ   sing N N 198 
LYS CE  HE2  sing N N 199 
LYS CE  HE3  sing N N 200 
LYS NZ  HZ1  sing N N 201 
LYS NZ  HZ2  sing N N 202 
LYS NZ  HZ3  sing N N 203 
LYS OXT HXT  sing N N 204 
MET N   CA   sing N N 205 
MET N   H    sing N N 206 
MET N   H2   sing N N 207 
MET CA  C    sing N N 208 
MET CA  CB   sing N N 209 
MET CA  HA   sing N N 210 
MET C   O    doub N N 211 
MET C   OXT  sing N N 212 
MET CB  CG   sing N N 213 
MET CB  HB2  sing N N 214 
MET CB  HB3  sing N N 215 
MET CG  SD   sing N N 216 
MET CG  HG2  sing N N 217 
MET CG  HG3  sing N N 218 
MET SD  CE   sing N N 219 
MET CE  HE1  sing N N 220 
MET CE  HE2  sing N N 221 
MET CE  HE3  sing N N 222 
MET OXT HXT  sing N N 223 
PHE N   CA   sing N N 224 
PHE N   H    sing N N 225 
PHE N   H2   sing N N 226 
PHE CA  C    sing N N 227 
PHE CA  CB   sing N N 228 
PHE CA  HA   sing N N 229 
PHE C   O    doub N N 230 
PHE C   OXT  sing N N 231 
PHE CB  CG   sing N N 232 
PHE CB  HB2  sing N N 233 
PHE CB  HB3  sing N N 234 
PHE CG  CD1  doub Y N 235 
PHE CG  CD2  sing Y N 236 
PHE CD1 CE1  sing Y N 237 
PHE CD1 HD1  sing N N 238 
PHE CD2 CE2  doub Y N 239 
PHE CD2 HD2  sing N N 240 
PHE CE1 CZ   doub Y N 241 
PHE CE1 HE1  sing N N 242 
PHE CE2 CZ   sing Y N 243 
PHE CE2 HE2  sing N N 244 
PHE CZ  HZ   sing N N 245 
PHE OXT HXT  sing N N 246 
PLM C1  O1   sing N N 247 
PLM C1  O2   doub N N 248 
PLM C1  C2   sing N N 249 
PLM O1  H    sing N N 250 
PLM C2  C3   sing N N 251 
PLM C2  H21  sing N N 252 
PLM C2  H22  sing N N 253 
PLM C3  C4   sing N N 254 
PLM C3  H31  sing N N 255 
PLM C3  H32  sing N N 256 
PLM C4  C5   sing N N 257 
PLM C4  H41  sing N N 258 
PLM C4  H42  sing N N 259 
PLM C5  C6   sing N N 260 
PLM C5  H51  sing N N 261 
PLM C5  H52  sing N N 262 
PLM C6  C7   sing N N 263 
PLM C6  H61  sing N N 264 
PLM C6  H62  sing N N 265 
PLM C7  C8   sing N N 266 
PLM C7  H71  sing N N 267 
PLM C7  H72  sing N N 268 
PLM C8  C9   sing N N 269 
PLM C8  H81  sing N N 270 
PLM C8  H82  sing N N 271 
PLM C9  CA   sing N N 272 
PLM C9  H91  sing N N 273 
PLM C9  H92  sing N N 274 
PLM CA  CB   sing N N 275 
PLM CA  HA1  sing N N 276 
PLM CA  HA2  sing N N 277 
PLM CB  CC   sing N N 278 
PLM CB  HB1  sing N N 279 
PLM CB  HB2  sing N N 280 
PLM CC  CD   sing N N 281 
PLM CC  HC1  sing N N 282 
PLM CC  HC2  sing N N 283 
PLM CD  CE   sing N N 284 
PLM CD  HD1  sing N N 285 
PLM CD  HD2  sing N N 286 
PLM CE  CF   sing N N 287 
PLM CE  HE1  sing N N 288 
PLM CE  HE2  sing N N 289 
PLM CF  CG   sing N N 290 
PLM CF  HF1  sing N N 291 
PLM CF  HF2  sing N N 292 
PLM CG  HG1  sing N N 293 
PLM CG  HG2  sing N N 294 
PLM CG  HG3  sing N N 295 
PRO N   CA   sing N N 296 
PRO N   CD   sing N N 297 
PRO N   H    sing N N 298 
PRO CA  C    sing N N 299 
PRO CA  CB   sing N N 300 
PRO CA  HA   sing N N 301 
PRO C   O    doub N N 302 
PRO C   OXT  sing N N 303 
PRO CB  CG   sing N N 304 
PRO CB  HB2  sing N N 305 
PRO CB  HB3  sing N N 306 
PRO CG  CD   sing N N 307 
PRO CG  HG2  sing N N 308 
PRO CG  HG3  sing N N 309 
PRO CD  HD2  sing N N 310 
PRO CD  HD3  sing N N 311 
PRO OXT HXT  sing N N 312 
SER N   CA   sing N N 313 
SER N   H    sing N N 314 
SER N   H2   sing N N 315 
SER CA  C    sing N N 316 
SER CA  CB   sing N N 317 
SER CA  HA   sing N N 318 
SER C   O    doub N N 319 
SER C   OXT  sing N N 320 
SER CB  OG   sing N N 321 
SER CB  HB2  sing N N 322 
SER CB  HB3  sing N N 323 
SER OG  HG   sing N N 324 
SER OXT HXT  sing N N 325 
THR N   CA   sing N N 326 
THR N   H    sing N N 327 
THR N   H2   sing N N 328 
THR CA  C    sing N N 329 
THR CA  CB   sing N N 330 
THR CA  HA   sing N N 331 
THR C   O    doub N N 332 
THR C   OXT  sing N N 333 
THR CB  OG1  sing N N 334 
THR CB  CG2  sing N N 335 
THR CB  HB   sing N N 336 
THR OG1 HG1  sing N N 337 
THR CG2 HG21 sing N N 338 
THR CG2 HG22 sing N N 339 
THR CG2 HG23 sing N N 340 
THR OXT HXT  sing N N 341 
TRP N   CA   sing N N 342 
TRP N   H    sing N N 343 
TRP N   H2   sing N N 344 
TRP CA  C    sing N N 345 
TRP CA  CB   sing N N 346 
TRP CA  HA   sing N N 347 
TRP C   O    doub N N 348 
TRP C   OXT  sing N N 349 
TRP CB  CG   sing N N 350 
TRP CB  HB2  sing N N 351 
TRP CB  HB3  sing N N 352 
TRP CG  CD1  doub Y N 353 
TRP CG  CD2  sing Y N 354 
TRP CD1 NE1  sing Y N 355 
TRP CD1 HD1  sing N N 356 
TRP CD2 CE2  doub Y N 357 
TRP CD2 CE3  sing Y N 358 
TRP NE1 CE2  sing Y N 359 
TRP NE1 HE1  sing N N 360 
TRP CE2 CZ2  sing Y N 361 
TRP CE3 CZ3  doub Y N 362 
TRP CE3 HE3  sing N N 363 
TRP CZ2 CH2  doub Y N 364 
TRP CZ2 HZ2  sing N N 365 
TRP CZ3 CH2  sing Y N 366 
TRP CZ3 HZ3  sing N N 367 
TRP CH2 HH2  sing N N 368 
TRP OXT HXT  sing N N 369 
TYR N   CA   sing N N 370 
TYR N   H    sing N N 371 
TYR N   H2   sing N N 372 
TYR CA  C    sing N N 373 
TYR CA  CB   sing N N 374 
TYR CA  HA   sing N N 375 
TYR C   O    doub N N 376 
TYR C   OXT  sing N N 377 
TYR CB  CG   sing N N 378 
TYR CB  HB2  sing N N 379 
TYR CB  HB3  sing N N 380 
TYR CG  CD1  doub Y N 381 
TYR CG  CD2  sing Y N 382 
TYR CD1 CE1  sing Y N 383 
TYR CD1 HD1  sing N N 384 
TYR CD2 CE2  doub Y N 385 
TYR CD2 HD2  sing N N 386 
TYR CE1 CZ   doub Y N 387 
TYR CE1 HE1  sing N N 388 
TYR CE2 CZ   sing Y N 389 
TYR CE2 HE2  sing N N 390 
TYR CZ  OH   sing N N 391 
TYR OH  HH   sing N N 392 
TYR OXT HXT  sing N N 393 
VAL N   CA   sing N N 394 
VAL N   H    sing N N 395 
VAL N   H2   sing N N 396 
VAL CA  C    sing N N 397 
VAL CA  CB   sing N N 398 
VAL CA  HA   sing N N 399 
VAL C   O    doub N N 400 
VAL C   OXT  sing N N 401 
VAL CB  CG1  sing N N 402 
VAL CB  CG2  sing N N 403 
VAL CB  HB   sing N N 404 
VAL CG1 HG11 sing N N 405 
VAL CG1 HG12 sing N N 406 
VAL CG1 HG13 sing N N 407 
VAL CG2 HG21 sing N N 408 
VAL CG2 HG22 sing N N 409 
VAL CG2 HG23 sing N N 410 
VAL OXT HXT  sing N N 411 
# 
loop_
_pdbx_audit_support.funding_organization 
_pdbx_audit_support.country 
_pdbx_audit_support.grant_number 
_pdbx_audit_support.ordinal 
'Other government' China 'China Postdoctoral Science Foundation:2020M682420'          1 
'Other government' China 'Guangzhou International Collaborative Grant:2019A050510027' 2 
# 
loop_
_pdbx_entity_nonpoly.entity_id 
_pdbx_entity_nonpoly.name 
_pdbx_entity_nonpoly.comp_id 
2 'PALMITIC ACID' PLM 
3 water           HOH 
# 
_pdbx_initial_refinement_model.id               1 
_pdbx_initial_refinement_model.entity_id_list   ? 
_pdbx_initial_refinement_model.type             'experimental model' 
_pdbx_initial_refinement_model.source_name      PDB 
_pdbx_initial_refinement_model.accession_code   1G5W 
_pdbx_initial_refinement_model.details          ? 
# 
_pdbx_struct_assembly_auth_evidence.id                     1 
_pdbx_struct_assembly_auth_evidence.assembly_id            1 
_pdbx_struct_assembly_auth_evidence.experimental_support   'gel filtration' 
_pdbx_struct_assembly_auth_evidence.details                ? 
# 
_space_group.name_H-M_alt     'P 21 21 21' 
_space_group.name_Hall        'P 2ac 2ab' 
_space_group.IT_number        19 
_space_group.crystal_system   orthorhombic 
_space_group.id               1 
# 
